data_2JWO
#
_entry.id   2JWO
#
loop_
_entity.id
_entity.type
_entity.pdbx_description
1 polymer 'V(D)J recombination-activating protein 2'
2 non-polymer 'ZINC ION'
#
_entity_poly.entity_id   1
_entity_poly.type   'polypeptide(L)'
_entity_poly.pdbx_seq_one_letter_code
;GPLGSPEFGYWITCCPTCDVDINTWVPFYSTELNKPAMIYCSHGDGHWVHAQCMDLEERTLIHLSEGSNKYYCNEHVQIA
RA
;
_entity_poly.pdbx_strand_id   A
#
# COMPACT_ATOMS: atom_id res chain seq x y z
N GLY A 1 12.26 14.53 13.21
CA GLY A 1 11.90 15.49 12.14
C GLY A 1 11.01 14.79 11.10
N PRO A 2 9.73 14.74 11.40
CA PRO A 2 8.77 14.09 10.47
C PRO A 2 8.54 14.96 9.24
N LEU A 3 8.58 14.37 8.07
CA LEU A 3 8.37 15.16 6.82
C LEU A 3 6.87 15.46 6.64
N GLY A 4 6.52 16.72 6.64
CA GLY A 4 5.08 17.08 6.46
C GLY A 4 4.60 16.63 5.08
N SER A 5 3.59 17.27 4.55
CA SER A 5 3.08 16.88 3.21
C SER A 5 2.98 18.11 2.30
N PRO A 6 4.08 18.81 2.16
CA PRO A 6 4.11 20.02 1.30
C PRO A 6 4.08 19.62 -0.17
N GLU A 7 4.95 18.73 -0.57
CA GLU A 7 4.98 18.29 -1.99
C GLU A 7 4.21 16.98 -2.17
N PHE A 8 4.50 16.23 -3.19
CA PHE A 8 3.78 14.94 -3.41
C PHE A 8 4.24 13.89 -2.39
N GLY A 9 3.69 12.71 -2.46
CA GLY A 9 4.10 11.64 -1.50
C GLY A 9 3.20 10.41 -1.70
N TYR A 10 2.86 9.74 -0.64
CA TYR A 10 1.98 8.54 -0.77
C TYR A 10 0.50 8.93 -0.64
N TRP A 11 0.21 10.20 -0.71
CA TRP A 11 -1.21 10.65 -0.60
C TRP A 11 -1.89 10.54 -1.97
N ILE A 12 -1.91 9.36 -2.52
CA ILE A 12 -2.54 9.18 -3.87
C ILE A 12 -3.79 8.31 -3.78
N THR A 13 -4.22 7.76 -4.89
CA THR A 13 -5.43 6.90 -4.88
C THR A 13 -5.06 5.44 -5.15
N CYS A 14 -4.70 4.71 -4.13
CA CYS A 14 -4.33 3.27 -4.32
C CYS A 14 -5.42 2.53 -5.10
N CYS A 15 -6.62 3.02 -5.05
CA CYS A 15 -7.75 2.36 -5.78
C CYS A 15 -8.82 3.41 -6.14
N PRO A 16 -9.92 2.95 -6.68
CA PRO A 16 -11.01 3.89 -7.05
C PRO A 16 -11.81 4.30 -5.82
N THR A 17 -11.74 3.53 -4.77
CA THR A 17 -12.48 3.89 -3.52
C THR A 17 -11.50 4.06 -2.37
N CYS A 18 -10.36 4.63 -2.65
CA CYS A 18 -9.34 4.83 -1.57
C CYS A 18 -9.82 5.90 -0.57
N ASP A 19 -9.40 5.79 0.66
CA ASP A 19 -9.81 6.80 1.68
C ASP A 19 -8.58 7.35 2.42
N VAL A 20 -7.41 6.84 2.13
CA VAL A 20 -6.18 7.34 2.82
C VAL A 20 -5.98 8.83 2.51
N ASP A 21 -5.98 9.66 3.52
CA ASP A 21 -5.78 11.11 3.31
C ASP A 21 -5.28 11.76 4.61
N ILE A 22 -4.11 12.33 4.59
CA ILE A 22 -3.58 12.97 5.83
C ILE A 22 -4.61 13.93 6.44
N ASN A 23 -5.49 14.47 5.63
CA ASN A 23 -6.54 15.38 6.18
C ASN A 23 -7.27 14.70 7.33
N THR A 24 -7.30 13.39 7.31
CA THR A 24 -7.98 12.63 8.40
C THR A 24 -7.28 11.28 8.59
N TRP A 25 -6.05 11.15 8.14
CA TRP A 25 -5.33 9.86 8.29
C TRP A 25 -4.31 9.96 9.44
N VAL A 26 -3.81 8.84 9.89
CA VAL A 26 -2.81 8.83 10.99
C VAL A 26 -1.96 7.56 10.91
N PRO A 27 -0.87 7.54 11.64
CA PRO A 27 0.01 6.34 11.63
C PRO A 27 -0.68 5.19 12.36
N PHE A 28 -1.22 4.26 11.62
CA PHE A 28 -1.91 3.10 12.25
C PHE A 28 -0.92 1.95 12.50
N TYR A 29 -0.01 1.75 11.58
CA TYR A 29 0.99 0.65 11.76
C TYR A 29 1.94 0.99 12.92
N SER A 30 2.41 -0.01 13.61
CA SER A 30 3.34 0.24 14.75
C SER A 30 4.75 0.54 14.23
N THR A 31 5.08 0.04 13.07
CA THR A 31 6.45 0.29 12.51
C THR A 31 6.47 1.60 11.71
N GLU A 32 5.34 2.24 11.56
CA GLU A 32 5.31 3.52 10.79
C GLU A 32 5.27 4.72 11.75
N LEU A 33 5.57 5.89 11.27
CA LEU A 33 5.55 7.10 12.14
C LEU A 33 4.41 8.04 11.75
N ASN A 34 4.21 8.22 10.46
CA ASN A 34 3.11 9.13 10.00
C ASN A 34 2.88 8.95 8.49
N LYS A 35 2.97 7.74 8.02
CA LYS A 35 2.76 7.50 6.55
C LYS A 35 2.19 6.10 6.32
N PRO A 36 1.34 5.97 5.33
CA PRO A 36 0.73 4.66 5.01
C PRO A 36 1.77 3.71 4.39
N ALA A 37 1.94 2.56 4.98
CA ALA A 37 2.93 1.58 4.44
C ALA A 37 2.44 1.06 3.08
N MET A 38 2.62 1.82 2.04
CA MET A 38 2.15 1.37 0.69
C MET A 38 2.78 0.02 0.31
N ILE A 39 2.16 -0.69 -0.59
CA ILE A 39 2.70 -2.01 -1.02
C ILE A 39 2.79 -2.05 -2.54
N TYR A 40 3.71 -2.81 -3.08
CA TYR A 40 3.84 -2.88 -4.57
C TYR A 40 3.27 -4.20 -5.09
N CYS A 41 2.52 -4.15 -6.16
CA CYS A 41 1.93 -5.39 -6.74
C CYS A 41 2.90 -6.01 -7.74
N SER A 42 2.72 -7.28 -8.05
CA SER A 42 3.63 -7.94 -9.03
C SER A 42 2.80 -8.65 -10.11
N HIS A 43 1.66 -8.10 -10.44
CA HIS A 43 0.80 -8.73 -11.48
C HIS A 43 0.76 -7.86 -12.73
N GLY A 44 1.52 -8.20 -13.73
CA GLY A 44 1.53 -7.39 -14.99
C GLY A 44 2.03 -5.97 -14.68
N ASP A 45 1.13 -5.05 -14.46
CA ASP A 45 1.56 -3.65 -14.15
C ASP A 45 1.72 -3.47 -12.64
N GLY A 46 2.93 -3.63 -12.15
CA GLY A 46 3.17 -3.46 -10.69
C GLY A 46 2.90 -2.02 -10.29
N HIS A 47 2.04 -1.81 -9.32
CA HIS A 47 1.74 -0.42 -8.87
C HIS A 47 1.88 -0.30 -7.36
N TRP A 48 1.71 0.87 -6.85
CA TRP A 48 1.83 1.09 -5.39
C TRP A 48 0.45 1.42 -4.78
N VAL A 49 0.10 0.80 -3.69
CA VAL A 49 -1.23 1.09 -3.07
C VAL A 49 -1.17 0.85 -1.55
N HIS A 50 -1.97 1.57 -0.79
CA HIS A 50 -1.97 1.40 0.69
C HIS A 50 -2.34 -0.04 1.05
N ALA A 51 -2.06 -0.45 2.27
CA ALA A 51 -2.40 -1.85 2.69
C ALA A 51 -3.74 -1.85 3.45
N GLN A 52 -3.86 -1.03 4.45
CA GLN A 52 -5.13 -0.99 5.23
C GLN A 52 -6.32 -0.67 4.31
N CYS A 53 -6.07 -0.01 3.21
CA CYS A 53 -7.17 0.33 2.27
C CYS A 53 -7.87 -0.95 1.77
N MET A 54 -7.17 -2.06 1.82
CA MET A 54 -7.79 -3.35 1.36
C MET A 54 -8.09 -4.26 2.54
N ASP A 55 -8.39 -3.69 3.68
CA ASP A 55 -8.69 -4.53 4.89
C ASP A 55 -7.57 -5.55 5.13
N LEU A 56 -6.35 -5.10 5.19
CA LEU A 56 -5.22 -6.05 5.42
C LEU A 56 -4.77 -5.99 6.89
N GLU A 57 -3.99 -6.94 7.32
CA GLU A 57 -3.54 -6.94 8.74
C GLU A 57 -2.12 -6.35 8.83
N GLU A 58 -1.81 -5.69 9.91
CA GLU A 58 -0.46 -5.10 10.07
C GLU A 58 0.61 -6.20 10.08
N ARG A 59 0.33 -7.31 10.71
CA ARG A 59 1.31 -8.43 10.75
C ARG A 59 1.61 -8.93 9.34
N THR A 60 0.59 -9.35 8.62
CA THR A 60 0.81 -9.86 7.23
C THR A 60 1.70 -8.89 6.45
N LEU A 61 1.49 -7.61 6.62
CA LEU A 61 2.34 -6.62 5.89
C LEU A 61 3.79 -6.76 6.36
N ILE A 62 4.00 -6.99 7.64
CA ILE A 62 5.39 -7.17 8.14
C ILE A 62 5.97 -8.44 7.54
N HIS A 63 5.23 -9.51 7.63
CA HIS A 63 5.70 -10.80 7.07
C HIS A 63 6.02 -10.61 5.58
N LEU A 64 5.09 -10.04 4.85
CA LEU A 64 5.32 -9.82 3.40
C LEU A 64 6.49 -8.84 3.19
N SER A 65 6.87 -8.13 4.22
CA SER A 65 8.00 -7.16 4.07
C SER A 65 9.34 -7.87 4.38
N GLU A 66 9.32 -9.17 4.53
CA GLU A 66 10.59 -9.90 4.84
C GLU A 66 11.55 -9.80 3.64
N GLY A 67 11.03 -9.64 2.46
CA GLY A 67 11.92 -9.54 1.26
C GLY A 67 11.42 -10.45 0.16
N SER A 68 11.78 -11.72 0.20
CA SER A 68 11.32 -12.67 -0.85
C SER A 68 9.87 -13.09 -0.58
N ASN A 69 8.94 -12.54 -1.31
CA ASN A 69 7.50 -12.92 -1.10
C ASN A 69 6.64 -12.38 -2.25
N LYS A 70 5.95 -13.25 -2.94
CA LYS A 70 5.09 -12.79 -4.06
C LYS A 70 3.96 -11.90 -3.53
N TYR A 71 4.23 -10.64 -3.32
CA TYR A 71 3.17 -9.73 -2.80
C TYR A 71 2.16 -9.39 -3.89
N TYR A 72 0.90 -9.36 -3.57
CA TYR A 72 -0.14 -9.04 -4.58
C TYR A 72 -1.17 -8.07 -3.99
N CYS A 73 -1.51 -7.03 -4.71
CA CYS A 73 -2.51 -6.05 -4.20
C CYS A 73 -3.85 -6.76 -3.93
N ASN A 74 -4.90 -6.01 -3.78
CA ASN A 74 -6.24 -6.63 -3.52
C ASN A 74 -6.98 -6.86 -4.84
N GLU A 75 -6.82 -5.99 -5.80
CA GLU A 75 -7.52 -6.15 -7.11
C GLU A 75 -6.82 -7.18 -8.00
N HIS A 76 -5.75 -7.79 -7.53
CA HIS A 76 -5.03 -8.78 -8.37
C HIS A 76 -4.69 -10.02 -7.54
N VAL A 77 -5.46 -10.29 -6.51
CA VAL A 77 -5.17 -11.48 -5.66
C VAL A 77 -6.02 -12.68 -6.12
N GLN A 78 -7.16 -12.40 -6.66
CA GLN A 78 -8.06 -13.50 -7.14
C GLN A 78 -8.88 -13.01 -8.34
N ILE A 79 -8.24 -12.58 -9.38
CA ILE A 79 -8.99 -12.09 -10.58
C ILE A 79 -9.85 -13.22 -11.16
N ALA A 80 -11.10 -12.95 -11.43
CA ALA A 80 -11.99 -14.01 -12.00
C ALA A 80 -13.22 -13.36 -12.64
N ARG A 81 -14.16 -12.93 -11.84
CA ARG A 81 -15.39 -12.29 -12.39
C ARG A 81 -15.23 -10.77 -12.43
N ALA A 82 -14.73 -10.19 -11.37
CA ALA A 82 -14.55 -8.71 -11.34
C ALA A 82 -13.61 -8.32 -10.20
N GLY A 1 13.77 21.33 1.16
CA GLY A 1 14.75 21.37 0.03
C GLY A 1 14.01 21.35 -1.30
N PRO A 2 14.76 21.48 -2.37
CA PRO A 2 14.16 21.47 -3.73
C PRO A 2 13.71 20.06 -4.10
N LEU A 3 12.43 19.80 -4.07
CA LEU A 3 11.92 18.44 -4.43
C LEU A 3 11.12 18.50 -5.73
N GLY A 4 11.68 18.02 -6.81
CA GLY A 4 10.94 18.05 -8.11
C GLY A 4 9.69 17.19 -8.00
N SER A 5 9.77 15.95 -8.40
CA SER A 5 8.57 15.05 -8.32
C SER A 5 8.64 14.20 -7.04
N PRO A 6 7.57 14.21 -6.28
CA PRO A 6 7.53 13.43 -5.03
C PRO A 6 7.42 11.92 -5.33
N GLU A 7 8.46 11.18 -5.07
CA GLU A 7 8.42 9.71 -5.34
C GLU A 7 7.74 8.98 -4.18
N PHE A 8 7.82 9.51 -3.00
CA PHE A 8 7.18 8.85 -1.83
C PHE A 8 5.80 9.48 -1.55
N GLY A 9 4.94 9.51 -2.53
CA GLY A 9 3.60 10.10 -2.32
C GLY A 9 2.68 9.08 -1.65
N TYR A 10 2.06 9.44 -0.56
CA TYR A 10 1.16 8.49 0.15
C TYR A 10 -0.28 8.98 0.09
N TRP A 11 -0.48 10.26 -0.04
CA TRP A 11 -1.88 10.79 -0.11
C TRP A 11 -2.41 10.65 -1.55
N ILE A 12 -2.42 9.45 -2.06
CA ILE A 12 -2.92 9.23 -3.45
C ILE A 12 -4.04 8.19 -3.46
N THR A 13 -4.32 7.61 -4.59
CA THR A 13 -5.41 6.60 -4.67
C THR A 13 -4.82 5.20 -4.96
N CYS A 14 -4.53 4.46 -3.93
CA CYS A 14 -3.97 3.09 -4.13
C CYS A 14 -4.97 2.20 -4.87
N CYS A 15 -6.22 2.58 -4.89
CA CYS A 15 -7.26 1.77 -5.59
C CYS A 15 -8.28 2.70 -6.26
N PRO A 16 -9.33 2.12 -6.80
CA PRO A 16 -10.36 2.93 -7.48
C PRO A 16 -11.29 3.58 -6.44
N THR A 17 -11.50 2.92 -5.33
CA THR A 17 -12.37 3.48 -4.27
C THR A 17 -11.52 3.77 -3.02
N CYS A 18 -10.36 4.34 -3.21
CA CYS A 18 -9.48 4.65 -2.05
C CYS A 18 -9.78 6.03 -1.48
N ASP A 19 -9.66 6.19 -0.19
CA ASP A 19 -9.92 7.51 0.45
C ASP A 19 -8.82 7.82 1.47
N VAL A 20 -7.61 7.42 1.20
CA VAL A 20 -6.50 7.68 2.14
C VAL A 20 -6.12 9.17 2.12
N ASP A 21 -6.21 9.82 3.25
CA ASP A 21 -5.86 11.26 3.31
C ASP A 21 -5.62 11.67 4.77
N ILE A 22 -4.57 12.40 5.03
CA ILE A 22 -4.28 12.81 6.44
C ILE A 22 -5.49 13.52 7.05
N ASN A 23 -6.35 14.08 6.24
CA ASN A 23 -7.55 14.77 6.80
C ASN A 23 -8.32 13.82 7.72
N THR A 24 -8.20 12.54 7.51
CA THR A 24 -8.90 11.55 8.38
C THR A 24 -8.06 10.28 8.51
N TRP A 25 -6.79 10.36 8.25
CA TRP A 25 -5.92 9.15 8.37
C TRP A 25 -5.20 9.13 9.72
N VAL A 26 -4.51 8.06 10.01
CA VAL A 26 -3.77 7.97 11.30
C VAL A 26 -2.71 6.87 11.20
N PRO A 27 -1.64 7.05 11.93
CA PRO A 27 -0.53 6.07 11.92
C PRO A 27 -0.86 4.86 12.79
N PHE A 28 -1.06 3.72 12.18
CA PHE A 28 -1.39 2.50 12.97
C PHE A 28 -0.20 1.53 12.95
N TYR A 29 0.66 1.65 11.97
CA TYR A 29 1.83 0.74 11.89
C TYR A 29 2.92 1.17 12.89
N SER A 30 3.88 0.33 13.13
CA SER A 30 4.96 0.70 14.09
C SER A 30 6.15 1.30 13.33
N THR A 31 6.35 0.89 12.11
CA THR A 31 7.48 1.44 11.31
C THR A 31 7.14 2.84 10.79
N GLU A 32 5.88 3.10 10.59
CA GLU A 32 5.46 4.45 10.08
C GLU A 32 5.02 5.33 11.25
N LEU A 33 5.34 6.60 11.20
CA LEU A 33 4.94 7.51 12.31
C LEU A 33 3.87 8.49 11.82
N ASN A 34 3.92 8.88 10.57
CA ASN A 34 2.90 9.84 10.04
C ASN A 34 2.67 9.59 8.55
N LYS A 35 2.59 8.34 8.15
CA LYS A 35 2.36 8.04 6.71
C LYS A 35 1.98 6.56 6.54
N PRO A 36 1.12 6.29 5.59
CA PRO A 36 0.67 4.91 5.32
C PRO A 36 1.81 4.06 4.72
N ALA A 37 1.88 2.82 5.10
CA ALA A 37 2.95 1.93 4.56
C ALA A 37 2.45 1.23 3.29
N MET A 38 2.60 1.86 2.17
CA MET A 38 2.13 1.24 0.89
C MET A 38 2.82 -0.11 0.66
N ILE A 39 2.37 -0.85 -0.32
CA ILE A 39 2.98 -2.18 -0.62
C ILE A 39 3.21 -2.31 -2.12
N TYR A 40 3.97 -3.28 -2.52
CA TYR A 40 4.25 -3.46 -3.97
C TYR A 40 3.46 -4.65 -4.53
N CYS A 41 2.67 -4.42 -5.56
CA CYS A 41 1.88 -5.54 -6.15
C CYS A 41 2.78 -6.40 -7.06
N SER A 42 2.58 -7.69 -7.05
CA SER A 42 3.42 -8.58 -7.90
C SER A 42 2.71 -8.84 -9.24
N HIS A 43 2.32 -7.79 -9.93
CA HIS A 43 1.62 -7.97 -11.23
C HIS A 43 2.63 -7.89 -12.38
N GLY A 44 2.17 -7.54 -13.56
CA GLY A 44 3.10 -7.44 -14.73
C GLY A 44 4.15 -6.37 -14.46
N ASP A 45 3.77 -5.29 -13.82
CA ASP A 45 4.75 -4.20 -13.52
C ASP A 45 4.88 -4.01 -12.01
N GLY A 46 3.80 -4.10 -11.30
CA GLY A 46 3.86 -3.92 -9.82
C GLY A 46 3.79 -2.43 -9.47
N HIS A 47 2.88 -2.05 -8.62
CA HIS A 47 2.78 -0.61 -8.23
C HIS A 47 2.75 -0.49 -6.71
N TRP A 48 2.73 0.73 -6.24
CA TRP A 48 2.72 0.96 -4.76
C TRP A 48 1.32 1.38 -4.30
N VAL A 49 0.79 0.70 -3.31
CA VAL A 49 -0.58 1.06 -2.81
C VAL A 49 -0.68 0.78 -1.30
N HIS A 50 -1.44 1.59 -0.59
CA HIS A 50 -1.59 1.39 0.90
C HIS A 50 -1.79 -0.09 1.25
N ALA A 51 -1.57 -0.45 2.49
CA ALA A 51 -1.75 -1.87 2.90
C ALA A 51 -3.11 -2.05 3.57
N GLN A 52 -3.44 -1.20 4.51
CA GLN A 52 -4.75 -1.32 5.22
C GLN A 52 -5.90 -1.20 4.20
N CYS A 53 -5.69 -0.44 3.15
CA CYS A 53 -6.76 -0.29 2.12
C CYS A 53 -7.18 -1.66 1.59
N MET A 54 -6.31 -2.64 1.69
CA MET A 54 -6.65 -4.00 1.20
C MET A 54 -6.93 -4.93 2.40
N ASP A 55 -7.38 -4.36 3.50
CA ASP A 55 -7.67 -5.20 4.71
C ASP A 55 -6.44 -6.03 5.09
N LEU A 56 -5.57 -5.47 5.87
CA LEU A 56 -4.34 -6.22 6.27
C LEU A 56 -4.02 -5.99 7.75
N GLU A 57 -2.87 -6.42 8.18
CA GLU A 57 -2.49 -6.23 9.62
C GLU A 57 -1.02 -5.76 9.70
N GLU A 58 -0.64 -5.19 10.81
CA GLU A 58 0.77 -4.71 10.95
C GLU A 58 1.74 -5.90 10.81
N ARG A 59 1.30 -7.08 11.13
CA ARG A 59 2.19 -8.26 11.02
C ARG A 59 2.36 -8.66 9.55
N THR A 60 1.29 -9.08 8.92
CA THR A 60 1.39 -9.49 7.48
C THR A 60 2.13 -8.41 6.68
N LEU A 61 1.96 -7.17 7.04
CA LEU A 61 2.68 -6.08 6.31
C LEU A 61 4.17 -6.21 6.57
N ILE A 62 4.55 -6.52 7.79
CA ILE A 62 6.00 -6.68 8.09
C ILE A 62 6.52 -7.90 7.34
N HIS A 63 5.81 -8.98 7.44
CA HIS A 63 6.22 -10.22 6.74
C HIS A 63 6.29 -9.95 5.24
N LEU A 64 5.31 -9.27 4.72
CA LEU A 64 5.30 -8.94 3.26
C LEU A 64 6.47 -8.01 2.92
N SER A 65 7.07 -7.40 3.91
CA SER A 65 8.21 -6.49 3.63
C SER A 65 9.54 -7.25 3.69
N GLU A 66 9.50 -8.54 3.87
CA GLU A 66 10.76 -9.34 3.93
C GLU A 66 11.14 -9.85 2.54
N GLY A 67 10.17 -10.04 1.68
CA GLY A 67 10.47 -10.54 0.31
C GLY A 67 9.16 -10.73 -0.47
N SER A 68 9.25 -11.13 -1.71
CA SER A 68 8.02 -11.33 -2.52
C SER A 68 7.28 -12.58 -2.05
N ASN A 69 5.99 -12.63 -2.29
CA ASN A 69 5.21 -13.83 -1.84
C ASN A 69 3.89 -13.90 -2.63
N LYS A 70 3.04 -14.83 -2.29
CA LYS A 70 1.73 -14.95 -3.01
C LYS A 70 0.78 -13.83 -2.58
N TYR A 71 1.15 -12.60 -2.85
CA TYR A 71 0.28 -11.45 -2.46
C TYR A 71 -0.07 -10.61 -3.68
N TYR A 72 -1.24 -10.05 -3.70
CA TYR A 72 -1.66 -9.20 -4.86
C TYR A 72 -2.52 -8.03 -4.37
N CYS A 73 -2.47 -6.92 -5.04
CA CYS A 73 -3.28 -5.74 -4.61
C CYS A 73 -4.77 -6.11 -4.65
N ASN A 74 -5.64 -5.12 -4.62
CA ASN A 74 -7.11 -5.41 -4.64
C ASN A 74 -7.59 -5.58 -6.09
N GLU A 75 -7.12 -4.76 -6.98
CA GLU A 75 -7.56 -4.86 -8.41
C GLU A 75 -6.82 -5.97 -9.16
N HIS A 76 -5.97 -6.70 -8.47
CA HIS A 76 -5.22 -7.80 -9.16
C HIS A 76 -5.24 -9.06 -8.29
N VAL A 77 -6.27 -9.24 -7.51
CA VAL A 77 -6.36 -10.45 -6.64
C VAL A 77 -7.19 -11.53 -7.33
N GLN A 78 -8.14 -11.11 -8.12
CA GLN A 78 -9.01 -12.09 -8.84
C GLN A 78 -8.23 -12.76 -9.98
N ILE A 79 -7.35 -12.03 -10.60
CA ILE A 79 -6.56 -12.63 -11.73
C ILE A 79 -5.27 -13.26 -11.19
N ALA A 80 -5.00 -14.47 -11.55
CA ALA A 80 -3.76 -15.15 -11.06
C ALA A 80 -2.53 -14.59 -11.80
N ARG A 81 -2.32 -14.99 -13.02
CA ARG A 81 -1.15 -14.49 -13.78
C ARG A 81 -1.47 -14.47 -15.28
N ALA A 82 -2.69 -14.22 -15.63
CA ALA A 82 -3.07 -14.18 -17.08
C ALA A 82 -2.86 -12.77 -17.64
N GLY A 1 16.84 1.91 -17.75
CA GLY A 1 17.44 3.00 -18.57
C GLY A 1 17.65 4.24 -17.70
N PRO A 2 18.12 5.30 -18.31
CA PRO A 2 18.36 6.57 -17.57
C PRO A 2 17.03 7.24 -17.21
N LEU A 3 16.11 7.30 -18.15
CA LEU A 3 14.80 7.94 -17.86
C LEU A 3 13.68 6.89 -17.93
N GLY A 4 12.71 6.99 -17.06
CA GLY A 4 11.59 6.01 -17.09
C GLY A 4 10.31 6.67 -16.57
N SER A 5 9.72 6.12 -15.54
CA SER A 5 8.47 6.72 -14.99
C SER A 5 8.15 6.10 -13.62
N PRO A 6 9.01 6.34 -12.68
CA PRO A 6 8.82 5.80 -11.31
C PRO A 6 7.68 6.54 -10.60
N GLU A 7 6.64 5.85 -10.24
CA GLU A 7 5.50 6.52 -9.55
C GLU A 7 5.92 6.94 -8.13
N PHE A 8 5.48 8.10 -7.70
CA PHE A 8 5.86 8.57 -6.33
C PHE A 8 4.61 9.08 -5.60
N GLY A 9 4.78 9.95 -4.65
CA GLY A 9 3.61 10.49 -3.90
C GLY A 9 3.25 9.54 -2.75
N TYR A 10 2.07 9.67 -2.21
CA TYR A 10 1.65 8.79 -1.09
C TYR A 10 0.17 9.01 -0.78
N TRP A 11 -0.24 10.24 -0.70
CA TRP A 11 -1.67 10.55 -0.41
C TRP A 11 -2.49 10.41 -1.69
N ILE A 12 -2.48 9.25 -2.29
CA ILE A 12 -3.24 9.04 -3.56
C ILE A 12 -4.38 8.05 -3.36
N THR A 13 -4.86 7.47 -4.43
CA THR A 13 -5.98 6.48 -4.32
C THR A 13 -5.47 5.08 -4.65
N CYS A 14 -5.01 4.37 -3.66
CA CYS A 14 -4.50 2.98 -3.89
C CYS A 14 -5.53 2.15 -4.67
N CYS A 15 -6.78 2.49 -4.56
CA CYS A 15 -7.84 1.74 -5.29
C CYS A 15 -8.62 2.71 -6.20
N PRO A 16 -9.66 2.21 -6.82
CA PRO A 16 -10.47 3.07 -7.71
C PRO A 16 -11.43 3.95 -6.90
N THR A 17 -11.43 3.81 -5.61
CA THR A 17 -12.34 4.64 -4.76
C THR A 17 -11.69 4.87 -3.39
N CYS A 18 -10.38 4.97 -3.35
CA CYS A 18 -9.68 5.20 -2.05
C CYS A 18 -9.68 6.68 -1.69
N ASP A 19 -9.49 7.00 -0.44
CA ASP A 19 -9.47 8.42 -0.01
C ASP A 19 -8.46 8.60 1.14
N VAL A 20 -7.30 8.01 1.00
CA VAL A 20 -6.28 8.13 2.08
C VAL A 20 -5.66 9.53 2.08
N ASP A 21 -5.90 10.27 3.13
CA ASP A 21 -5.34 11.65 3.23
C ASP A 21 -4.97 11.94 4.68
N ILE A 22 -3.82 12.50 4.92
CA ILE A 22 -3.40 12.80 6.32
C ILE A 22 -4.49 13.60 7.04
N ASN A 23 -5.24 14.40 6.31
CA ASN A 23 -6.33 15.19 6.96
C ASN A 23 -7.26 14.25 7.73
N THR A 24 -7.33 13.02 7.31
CA THR A 24 -8.20 12.03 8.01
C THR A 24 -7.44 10.71 8.21
N TRP A 25 -6.16 10.70 7.95
CA TRP A 25 -5.38 9.44 8.13
C TRP A 25 -4.45 9.55 9.35
N VAL A 26 -3.93 8.44 9.79
CA VAL A 26 -3.01 8.46 10.97
C VAL A 26 -2.08 7.23 10.92
N PRO A 27 -1.02 7.28 11.70
CA PRO A 27 -0.07 6.15 11.74
C PRO A 27 -0.70 4.94 12.44
N PHE A 28 -1.09 3.95 11.68
CA PHE A 28 -1.72 2.74 12.29
C PHE A 28 -0.65 1.67 12.58
N TYR A 29 0.42 1.68 11.84
CA TYR A 29 1.49 0.66 12.07
C TYR A 29 2.49 1.17 13.11
N SER A 30 3.36 0.32 13.59
CA SER A 30 4.36 0.74 14.61
C SER A 30 5.68 1.13 13.93
N THR A 31 5.91 0.64 12.74
CA THR A 31 7.19 0.98 12.03
C THR A 31 7.02 2.24 11.18
N GLU A 32 5.83 2.48 10.70
CA GLU A 32 5.60 3.69 9.85
C GLU A 32 5.31 4.91 10.74
N LEU A 33 5.18 6.07 10.15
CA LEU A 33 4.89 7.30 10.95
C LEU A 33 4.41 8.42 10.03
N ASN A 34 3.25 8.96 10.31
CA ASN A 34 2.72 10.08 9.46
C ASN A 34 2.68 9.66 7.98
N LYS A 35 2.54 8.39 7.72
CA LYS A 35 2.49 7.93 6.30
C LYS A 35 2.02 6.47 6.22
N PRO A 36 1.18 6.19 5.25
CA PRO A 36 0.66 4.81 5.07
C PRO A 36 1.76 3.88 4.55
N ALA A 37 1.65 2.61 4.83
CA ALA A 37 2.67 1.64 4.35
C ALA A 37 2.30 1.15 2.94
N MET A 38 2.50 1.99 1.96
CA MET A 38 2.16 1.59 0.56
C MET A 38 2.86 0.28 0.18
N ILE A 39 2.32 -0.43 -0.76
CA ILE A 39 2.94 -1.72 -1.19
C ILE A 39 2.98 -1.80 -2.72
N TYR A 40 3.82 -2.63 -3.26
CA TYR A 40 3.89 -2.75 -4.74
C TYR A 40 3.27 -4.07 -5.20
N CYS A 41 2.25 -4.01 -6.02
CA CYS A 41 1.60 -5.26 -6.50
C CYS A 41 2.52 -5.99 -7.48
N SER A 42 2.32 -7.26 -7.68
CA SER A 42 3.18 -8.03 -8.63
C SER A 42 2.36 -8.47 -9.85
N HIS A 43 1.39 -7.69 -10.24
CA HIS A 43 0.57 -8.07 -11.42
C HIS A 43 0.89 -7.17 -12.61
N GLY A 44 1.30 -7.76 -13.71
CA GLY A 44 1.64 -6.94 -14.91
C GLY A 44 2.81 -6.01 -14.59
N ASP A 45 2.53 -4.74 -14.45
CA ASP A 45 3.63 -3.77 -14.13
C ASP A 45 3.74 -3.57 -12.61
N GLY A 46 2.66 -3.74 -11.90
CA GLY A 46 2.69 -3.56 -10.42
C GLY A 46 2.48 -2.07 -10.10
N HIS A 47 1.67 -1.78 -9.11
CA HIS A 47 1.44 -0.36 -8.74
C HIS A 47 1.65 -0.16 -7.24
N TRP A 48 1.54 1.06 -6.79
CA TRP A 48 1.73 1.36 -5.35
C TRP A 48 0.37 1.58 -4.68
N VAL A 49 0.12 0.92 -3.58
CA VAL A 49 -1.18 1.11 -2.88
C VAL A 49 -1.04 0.89 -1.38
N HIS A 50 -1.80 1.61 -0.60
CA HIS A 50 -1.71 1.46 0.90
C HIS A 50 -1.95 0.01 1.29
N ALA A 51 -1.58 -0.36 2.49
CA ALA A 51 -1.78 -1.77 2.94
C ALA A 51 -3.12 -1.92 3.66
N GLN A 52 -3.35 -1.12 4.67
CA GLN A 52 -4.64 -1.22 5.43
C GLN A 52 -5.83 -1.02 4.49
N CYS A 53 -5.65 -0.29 3.42
CA CYS A 53 -6.78 -0.06 2.47
C CYS A 53 -7.26 -1.39 1.88
N MET A 54 -6.40 -2.39 1.86
CA MET A 54 -6.82 -3.70 1.29
C MET A 54 -7.28 -4.64 2.42
N ASP A 55 -7.75 -4.09 3.50
CA ASP A 55 -8.23 -4.94 4.64
C ASP A 55 -7.13 -5.93 5.06
N LEU A 56 -5.92 -5.46 5.20
CA LEU A 56 -4.81 -6.37 5.61
C LEU A 56 -4.54 -6.22 7.12
N GLU A 57 -3.88 -7.19 7.70
CA GLU A 57 -3.58 -7.11 9.16
C GLU A 57 -2.12 -6.73 9.37
N GLU A 58 -1.78 -6.23 10.53
CA GLU A 58 -0.37 -5.84 10.81
C GLU A 58 0.55 -7.06 10.67
N ARG A 59 0.12 -8.19 11.14
CA ARG A 59 0.97 -9.42 11.05
C ARG A 59 1.29 -9.73 9.58
N THR A 60 0.28 -9.94 8.78
CA THR A 60 0.51 -10.24 7.33
C THR A 60 1.52 -9.26 6.73
N LEU A 61 1.43 -8.00 7.10
CA LEU A 61 2.39 -7.00 6.57
C LEU A 61 3.80 -7.36 7.07
N ILE A 62 3.92 -7.79 8.28
CA ILE A 62 5.25 -8.18 8.82
C ILE A 62 5.75 -9.39 8.03
N HIS A 63 4.92 -10.39 7.91
CA HIS A 63 5.30 -11.62 7.17
C HIS A 63 5.70 -11.21 5.75
N LEU A 64 4.88 -10.45 5.10
CA LEU A 64 5.19 -10.01 3.71
C LEU A 64 6.43 -9.11 3.70
N SER A 65 6.83 -8.61 4.85
CA SER A 65 8.03 -7.73 4.91
C SER A 65 9.28 -8.56 5.25
N GLU A 66 9.15 -9.85 5.35
CA GLU A 66 10.35 -10.69 5.70
C GLU A 66 10.99 -11.24 4.43
N GLY A 67 10.90 -10.53 3.34
CA GLY A 67 11.51 -11.01 2.06
C GLY A 67 10.91 -10.23 0.89
N SER A 68 10.98 -10.79 -0.29
CA SER A 68 10.42 -10.09 -1.49
C SER A 68 9.47 -11.03 -2.24
N ASN A 69 8.58 -11.68 -1.55
CA ASN A 69 7.63 -12.60 -2.22
C ASN A 69 6.76 -11.84 -3.23
N LYS A 70 6.05 -12.54 -4.07
CA LYS A 70 5.18 -11.86 -5.08
C LYS A 70 4.02 -11.14 -4.38
N TYR A 71 4.29 -10.02 -3.77
CA TYR A 71 3.20 -9.28 -3.07
C TYR A 71 2.08 -8.92 -4.04
N TYR A 72 0.85 -9.15 -3.67
CA TYR A 72 -0.29 -8.82 -4.57
C TYR A 72 -1.21 -7.79 -3.90
N CYS A 73 -2.06 -7.16 -4.67
CA CYS A 73 -2.99 -6.15 -4.07
C CYS A 73 -4.37 -6.80 -3.83
N ASN A 74 -5.38 -5.99 -3.60
CA ASN A 74 -6.74 -6.57 -3.35
C ASN A 74 -7.45 -6.86 -4.68
N GLU A 75 -7.33 -5.98 -5.63
CA GLU A 75 -8.00 -6.21 -6.96
C GLU A 75 -7.21 -7.20 -7.82
N HIS A 76 -6.13 -7.74 -7.30
CA HIS A 76 -5.32 -8.71 -8.10
C HIS A 76 -4.91 -9.89 -7.22
N VAL A 77 -5.63 -10.14 -6.15
CA VAL A 77 -5.27 -11.28 -5.25
C VAL A 77 -5.84 -12.59 -5.81
N GLN A 78 -6.95 -12.50 -6.49
CA GLN A 78 -7.57 -13.72 -7.06
C GLN A 78 -8.51 -13.36 -8.21
N ILE A 79 -8.00 -12.73 -9.23
CA ILE A 79 -8.87 -12.33 -10.38
C ILE A 79 -9.27 -13.59 -11.18
N ALA A 80 -10.04 -14.46 -10.57
CA ALA A 80 -10.46 -15.70 -11.29
C ALA A 80 -11.99 -15.74 -11.42
N ARG A 81 -12.55 -16.91 -11.48
CA ARG A 81 -14.04 -17.03 -11.61
C ARG A 81 -14.74 -16.20 -10.51
N ALA A 82 -15.85 -15.61 -10.82
CA ALA A 82 -16.58 -14.80 -9.80
C ALA A 82 -17.95 -15.42 -9.51
N GLY A 1 3.24 17.37 -2.22
CA GLY A 1 4.52 17.53 -2.98
C GLY A 1 4.84 19.01 -3.13
N PRO A 2 5.10 19.66 -2.02
CA PRO A 2 5.42 21.11 -2.05
C PRO A 2 6.83 21.34 -2.61
N LEU A 3 7.79 20.60 -2.13
CA LEU A 3 9.19 20.76 -2.64
C LEU A 3 9.24 20.44 -4.14
N GLY A 4 8.36 19.59 -4.61
CA GLY A 4 8.36 19.23 -6.05
C GLY A 4 8.75 17.77 -6.21
N SER A 5 7.94 16.87 -5.73
CA SER A 5 8.27 15.42 -5.86
C SER A 5 8.21 14.99 -7.33
N PRO A 6 9.16 14.16 -7.72
CA PRO A 6 9.19 13.68 -9.13
C PRO A 6 8.09 12.65 -9.36
N GLU A 7 7.76 11.88 -8.37
CA GLU A 7 6.69 10.85 -8.54
C GLU A 7 5.65 10.96 -7.41
N PHE A 8 4.84 9.96 -7.24
CA PHE A 8 3.81 10.01 -6.16
C PHE A 8 4.49 10.00 -4.78
N GLY A 9 3.72 9.90 -3.73
CA GLY A 9 4.32 9.89 -2.36
C GLY A 9 3.59 8.85 -1.50
N TYR A 10 2.36 9.12 -1.16
CA TYR A 10 1.59 8.15 -0.32
C TYR A 10 0.12 8.57 -0.24
N TRP A 11 -0.15 9.84 -0.17
CA TRP A 11 -1.56 10.32 -0.10
C TRP A 11 -2.19 10.23 -1.49
N ILE A 12 -2.21 9.06 -2.07
CA ILE A 12 -2.80 8.90 -3.44
C ILE A 12 -3.98 7.93 -3.40
N THR A 13 -4.34 7.39 -4.54
CA THR A 13 -5.49 6.44 -4.58
C THR A 13 -5.00 5.02 -4.85
N CYS A 14 -4.76 4.25 -3.82
CA CYS A 14 -4.29 2.85 -4.01
C CYS A 14 -5.35 2.03 -4.75
N CYS A 15 -6.57 2.51 -4.77
CA CYS A 15 -7.67 1.78 -5.48
C CYS A 15 -8.53 2.78 -6.27
N PRO A 16 -9.61 2.30 -6.83
CA PRO A 16 -10.50 3.20 -7.61
C PRO A 16 -11.37 4.03 -6.67
N THR A 17 -11.64 3.52 -5.50
CA THR A 17 -12.48 4.28 -4.52
C THR A 17 -11.67 4.52 -3.24
N CYS A 18 -10.42 4.88 -3.39
CA CYS A 18 -9.57 5.12 -2.18
C CYS A 18 -9.57 6.60 -1.81
N ASP A 19 -9.21 6.91 -0.59
CA ASP A 19 -9.18 8.33 -0.14
C ASP A 19 -8.18 8.47 1.01
N VAL A 20 -7.08 7.77 0.94
CA VAL A 20 -6.06 7.86 2.02
C VAL A 20 -5.54 9.30 2.14
N ASP A 21 -5.81 9.92 3.26
CA ASP A 21 -5.34 11.33 3.47
C ASP A 21 -5.04 11.54 4.96
N ILE A 22 -3.91 12.10 5.28
CA ILE A 22 -3.56 12.32 6.72
C ILE A 22 -4.72 12.98 7.46
N ASN A 23 -5.54 13.72 6.77
CA ASN A 23 -6.70 14.39 7.43
C ASN A 23 -7.59 13.33 8.09
N THR A 24 -7.67 12.17 7.49
CA THR A 24 -8.51 11.08 8.07
C THR A 24 -7.62 9.89 8.44
N TRP A 25 -6.53 9.71 7.75
CA TRP A 25 -5.62 8.57 8.07
C TRP A 25 -4.81 8.86 9.33
N VAL A 26 -4.16 7.86 9.86
CA VAL A 26 -3.33 8.06 11.09
C VAL A 26 -2.20 7.03 11.13
N PRO A 27 -1.20 7.29 11.93
CA PRO A 27 -0.06 6.36 12.06
C PRO A 27 -0.48 5.11 12.83
N PHE A 28 -0.73 4.03 12.14
CA PHE A 28 -1.15 2.77 12.83
C PHE A 28 -0.02 1.73 12.78
N TYR A 29 0.84 1.84 11.81
CA TYR A 29 1.96 0.86 11.70
C TYR A 29 3.10 1.26 12.65
N SER A 30 4.01 0.35 12.91
CA SER A 30 5.14 0.67 13.82
C SER A 30 6.31 1.28 13.04
N THR A 31 6.55 0.78 11.86
CA THR A 31 7.67 1.33 11.04
C THR A 31 7.31 2.73 10.51
N GLU A 32 6.05 2.99 10.31
CA GLU A 32 5.63 4.32 9.79
C GLU A 32 5.01 5.15 10.92
N LEU A 33 5.22 6.43 10.91
CA LEU A 33 4.64 7.30 11.98
C LEU A 33 3.93 8.52 11.37
N ASN A 34 3.52 8.41 10.13
CA ASN A 34 2.82 9.56 9.48
C ASN A 34 2.29 9.14 8.10
N LYS A 35 3.01 8.32 7.40
CA LYS A 35 2.55 7.87 6.04
C LYS A 35 2.11 6.41 6.08
N PRO A 36 1.17 6.07 5.22
CA PRO A 36 0.66 4.68 5.15
C PRO A 36 1.72 3.74 4.58
N ALA A 37 1.59 2.47 4.83
CA ALA A 37 2.58 1.49 4.29
C ALA A 37 1.99 0.81 3.05
N MET A 38 2.29 1.34 1.89
CA MET A 38 1.76 0.75 0.63
C MET A 38 2.39 -0.63 0.38
N ILE A 39 1.87 -1.36 -0.57
CA ILE A 39 2.42 -2.71 -0.89
C ILE A 39 2.68 -2.81 -2.39
N TYR A 40 3.64 -3.61 -2.78
CA TYR A 40 3.96 -3.75 -4.23
C TYR A 40 3.18 -4.91 -4.85
N CYS A 41 2.37 -4.64 -5.84
CA CYS A 41 1.59 -5.74 -6.48
C CYS A 41 2.49 -6.57 -7.40
N SER A 42 2.09 -7.77 -7.72
CA SER A 42 2.93 -8.63 -8.59
C SER A 42 2.20 -8.93 -9.90
N HIS A 43 1.69 -7.93 -10.55
CA HIS A 43 0.96 -8.15 -11.83
C HIS A 43 1.41 -7.13 -12.89
N GLY A 44 1.98 -7.58 -13.97
CA GLY A 44 2.44 -6.65 -15.03
C GLY A 44 3.67 -5.87 -14.54
N ASP A 45 3.50 -4.61 -14.25
CA ASP A 45 4.65 -3.80 -13.76
C ASP A 45 4.68 -3.77 -12.23
N GLY A 46 3.53 -3.80 -11.61
CA GLY A 46 3.48 -3.77 -10.12
C GLY A 46 3.39 -2.32 -9.64
N HIS A 47 2.49 -2.04 -8.73
CA HIS A 47 2.37 -0.65 -8.21
C HIS A 47 2.36 -0.65 -6.68
N TRP A 48 2.33 0.51 -6.10
CA TRP A 48 2.33 0.61 -4.62
C TRP A 48 0.96 1.06 -4.11
N VAL A 49 0.33 0.28 -3.27
CA VAL A 49 -1.01 0.67 -2.75
C VAL A 49 -1.10 0.40 -1.23
N HIS A 50 -1.81 1.24 -0.52
CA HIS A 50 -1.93 1.06 0.97
C HIS A 50 -2.29 -0.39 1.31
N ALA A 51 -2.02 -0.79 2.53
CA ALA A 51 -2.34 -2.19 2.94
C ALA A 51 -3.67 -2.21 3.70
N GLN A 52 -3.83 -1.35 4.67
CA GLN A 52 -5.09 -1.32 5.45
C GLN A 52 -6.27 -1.03 4.53
N CYS A 53 -6.03 -0.33 3.44
CA CYS A 53 -7.14 -0.01 2.49
C CYS A 53 -7.80 -1.31 2.01
N MET A 54 -7.10 -2.41 2.08
CA MET A 54 -7.68 -3.70 1.62
C MET A 54 -7.97 -4.61 2.81
N ASP A 55 -8.19 -4.04 3.97
CA ASP A 55 -8.47 -4.86 5.18
C ASP A 55 -7.36 -5.89 5.38
N LEU A 56 -6.27 -5.49 5.99
CA LEU A 56 -5.15 -6.46 6.23
C LEU A 56 -4.66 -6.36 7.67
N GLU A 57 -3.70 -7.17 8.04
CA GLU A 57 -3.19 -7.12 9.44
C GLU A 57 -1.85 -6.40 9.49
N GLU A 58 -1.42 -5.99 10.65
CA GLU A 58 -0.12 -5.28 10.77
C GLU A 58 1.04 -6.27 10.64
N ARG A 59 0.88 -7.46 11.16
CA ARG A 59 1.97 -8.47 11.07
C ARG A 59 2.27 -8.80 9.61
N THR A 60 1.30 -9.28 8.88
CA THR A 60 1.53 -9.61 7.44
C THR A 60 2.24 -8.45 6.73
N LEU A 61 1.97 -7.24 7.14
CA LEU A 61 2.65 -6.07 6.51
C LEU A 61 4.13 -6.12 6.85
N ILE A 62 4.46 -6.45 8.08
CA ILE A 62 5.90 -6.54 8.47
C ILE A 62 6.53 -7.70 7.71
N HIS A 63 5.87 -8.83 7.74
CA HIS A 63 6.38 -10.02 7.03
C HIS A 63 6.55 -9.69 5.55
N LEU A 64 5.57 -9.03 4.98
CA LEU A 64 5.65 -8.67 3.54
C LEU A 64 6.88 -7.80 3.27
N SER A 65 7.43 -7.18 4.29
CA SER A 65 8.63 -6.33 4.08
C SER A 65 9.90 -7.18 4.17
N GLU A 66 9.82 -8.34 4.77
CA GLU A 66 11.02 -9.21 4.89
C GLU A 66 10.90 -10.42 3.95
N GLY A 67 9.69 -10.82 3.66
CA GLY A 67 9.50 -12.00 2.76
C GLY A 67 9.46 -11.53 1.30
N SER A 68 8.83 -10.41 1.04
CA SER A 68 8.75 -9.88 -0.35
C SER A 68 8.18 -10.97 -1.28
N ASN A 69 7.21 -11.70 -0.84
CA ASN A 69 6.61 -12.76 -1.70
C ASN A 69 5.80 -12.13 -2.83
N LYS A 70 5.22 -12.94 -3.68
CA LYS A 70 4.41 -12.39 -4.81
C LYS A 70 3.06 -11.89 -4.29
N TYR A 71 3.08 -10.90 -3.43
CA TYR A 71 1.79 -10.35 -2.89
C TYR A 71 1.00 -9.67 -3.99
N TYR A 72 -0.29 -9.88 -4.02
CA TYR A 72 -1.14 -9.23 -5.08
C TYR A 72 -2.04 -8.17 -4.44
N CYS A 73 -2.32 -7.12 -5.16
CA CYS A 73 -3.19 -6.04 -4.60
C CYS A 73 -4.65 -6.54 -4.55
N ASN A 74 -5.59 -5.65 -4.37
CA ASN A 74 -7.02 -6.09 -4.32
C ASN A 74 -7.64 -6.05 -5.72
N GLU A 75 -7.26 -5.10 -6.54
CA GLU A 75 -7.83 -5.01 -7.91
C GLU A 75 -7.18 -6.04 -8.84
N HIS A 76 -6.28 -6.84 -8.35
CA HIS A 76 -5.62 -7.85 -9.23
C HIS A 76 -5.57 -9.21 -8.53
N VAL A 77 -6.31 -9.38 -7.46
CA VAL A 77 -6.30 -10.69 -6.73
C VAL A 77 -7.23 -11.67 -7.41
N GLN A 78 -8.26 -11.17 -8.03
CA GLN A 78 -9.24 -12.07 -8.72
C GLN A 78 -9.17 -11.84 -10.23
N ILE A 79 -9.73 -10.74 -10.69
CA ILE A 79 -9.73 -10.42 -12.16
C ILE A 79 -9.86 -11.69 -13.01
N ALA A 80 -10.70 -12.60 -12.62
CA ALA A 80 -10.88 -13.86 -13.41
C ALA A 80 -12.13 -14.60 -12.94
N ARG A 81 -13.26 -13.94 -12.97
CA ARG A 81 -14.53 -14.61 -12.53
C ARG A 81 -15.74 -13.82 -13.04
N ALA A 82 -16.51 -14.39 -13.91
CA ALA A 82 -17.72 -13.68 -14.43
C ALA A 82 -18.97 -14.54 -14.25
N GLY A 1 17.10 2.09 -10.18
CA GLY A 1 16.54 3.47 -10.05
C GLY A 1 17.67 4.46 -9.80
N PRO A 2 17.30 5.70 -9.53
CA PRO A 2 18.31 6.75 -9.26
C PRO A 2 18.94 6.55 -7.89
N LEU A 3 20.17 6.96 -7.72
CA LEU A 3 20.85 6.80 -6.40
C LEU A 3 20.15 7.64 -5.34
N GLY A 4 19.24 7.06 -4.60
CA GLY A 4 18.52 7.82 -3.54
C GLY A 4 17.02 7.64 -3.71
N SER A 5 16.24 8.21 -2.82
CA SER A 5 14.76 8.07 -2.93
C SER A 5 14.07 9.07 -2.01
N PRO A 6 13.74 10.22 -2.53
CA PRO A 6 13.08 11.27 -1.73
C PRO A 6 11.62 10.87 -1.46
N GLU A 7 11.20 10.92 -0.22
CA GLU A 7 9.79 10.55 0.12
C GLU A 7 9.11 11.69 0.87
N PHE A 8 7.87 11.97 0.52
CA PHE A 8 7.15 13.08 1.21
C PHE A 8 5.84 12.54 1.82
N GLY A 9 4.92 12.13 1.00
CA GLY A 9 3.63 11.60 1.52
C GLY A 9 2.96 10.72 0.45
N TYR A 10 2.14 9.79 0.86
CA TYR A 10 1.46 8.91 -0.12
C TYR A 10 -0.05 9.17 -0.12
N TRP A 11 -0.43 10.41 -0.24
CA TRP A 11 -1.88 10.75 -0.24
C TRP A 11 -2.47 10.51 -1.64
N ILE A 12 -2.37 9.31 -2.14
CA ILE A 12 -2.91 9.03 -3.50
C ILE A 12 -4.08 8.05 -3.45
N THR A 13 -4.40 7.43 -4.55
CA THR A 13 -5.54 6.46 -4.57
C THR A 13 -5.01 5.05 -4.86
N CYS A 14 -4.59 4.35 -3.84
CA CYS A 14 -4.06 2.97 -4.02
C CYS A 14 -5.07 2.12 -4.82
N CYS A 15 -6.33 2.46 -4.75
CA CYS A 15 -7.37 1.70 -5.48
C CYS A 15 -8.17 2.66 -6.38
N PRO A 16 -9.21 2.16 -7.00
CA PRO A 16 -10.05 3.00 -7.87
C PRO A 16 -11.00 3.85 -7.04
N THR A 17 -11.27 3.45 -5.82
CA THR A 17 -12.18 4.24 -4.95
C THR A 17 -11.53 4.45 -3.58
N CYS A 18 -10.25 4.75 -3.57
CA CYS A 18 -9.54 4.96 -2.27
C CYS A 18 -9.64 6.42 -1.83
N ASP A 19 -9.69 6.66 -0.55
CA ASP A 19 -9.79 8.06 -0.03
C ASP A 19 -8.78 8.25 1.11
N VAL A 20 -7.60 7.70 0.96
CA VAL A 20 -6.57 7.85 2.04
C VAL A 20 -6.04 9.29 2.07
N ASP A 21 -6.30 9.98 3.14
CA ASP A 21 -5.82 11.38 3.26
C ASP A 21 -5.56 11.71 4.73
N ILE A 22 -4.56 12.49 5.02
CA ILE A 22 -4.26 12.84 6.44
C ILE A 22 -5.51 13.38 7.14
N ASN A 23 -6.43 13.93 6.39
CA ASN A 23 -7.67 14.46 7.02
C ASN A 23 -8.43 13.34 7.71
N THR A 24 -8.31 12.14 7.21
CA THR A 24 -9.02 10.98 7.83
C THR A 24 -8.05 9.81 8.05
N TRP A 25 -6.79 10.00 7.79
CA TRP A 25 -5.80 8.91 7.98
C TRP A 25 -5.24 8.94 9.40
N VAL A 26 -4.42 7.97 9.75
CA VAL A 26 -3.81 7.95 11.10
C VAL A 26 -2.67 6.93 11.15
N PRO A 27 -1.71 7.20 11.99
CA PRO A 27 -0.53 6.31 12.11
C PRO A 27 -0.87 5.08 12.97
N PHE A 28 -1.07 3.95 12.33
CA PHE A 28 -1.40 2.71 13.09
C PHE A 28 -0.17 1.81 13.20
N TYR A 29 0.62 1.78 12.16
CA TYR A 29 1.85 0.91 12.18
C TYR A 29 2.83 1.42 13.24
N SER A 30 3.88 0.68 13.48
CA SER A 30 4.88 1.12 14.51
C SER A 30 6.02 1.90 13.85
N THR A 31 6.38 1.52 12.65
CA THR A 31 7.49 2.24 11.95
C THR A 31 6.97 3.52 11.29
N GLU A 32 5.73 3.53 10.90
CA GLU A 32 5.16 4.76 10.26
C GLU A 32 4.81 5.80 11.32
N LEU A 33 4.89 7.06 10.97
CA LEU A 33 4.56 8.12 11.97
C LEU A 33 3.48 9.06 11.42
N ASN A 34 3.61 9.47 10.19
CA ASN A 34 2.59 10.39 9.60
C ASN A 34 2.32 10.02 8.14
N LYS A 35 2.53 8.78 7.77
CA LYS A 35 2.28 8.38 6.34
C LYS A 35 1.94 6.89 6.27
N PRO A 36 1.03 6.57 5.38
CA PRO A 36 0.60 5.15 5.20
C PRO A 36 1.75 4.30 4.62
N ALA A 37 1.90 3.10 5.11
CA ALA A 37 2.99 2.21 4.60
C ALA A 37 2.53 1.52 3.31
N MET A 38 2.66 2.20 2.20
CA MET A 38 2.23 1.59 0.90
C MET A 38 2.94 0.25 0.66
N ILE A 39 2.51 -0.48 -0.33
CA ILE A 39 3.14 -1.80 -0.63
C ILE A 39 3.28 -1.96 -2.14
N TYR A 40 4.02 -2.96 -2.56
CA TYR A 40 4.21 -3.19 -4.02
C TYR A 40 3.36 -4.38 -4.49
N CYS A 41 2.56 -4.19 -5.50
CA CYS A 41 1.72 -5.32 -6.01
C CYS A 41 2.50 -6.12 -7.05
N SER A 42 2.28 -7.41 -7.11
CA SER A 42 3.01 -8.24 -8.12
C SER A 42 2.09 -8.60 -9.28
N HIS A 43 1.95 -7.72 -10.25
CA HIS A 43 1.07 -8.01 -11.41
C HIS A 43 1.43 -7.11 -12.59
N GLY A 44 1.84 -7.69 -13.69
CA GLY A 44 2.21 -6.86 -14.88
C GLY A 44 3.45 -6.04 -14.56
N ASP A 45 3.27 -4.85 -14.04
CA ASP A 45 4.44 -3.99 -13.70
C ASP A 45 4.54 -3.81 -12.18
N GLY A 46 3.44 -3.89 -11.49
CA GLY A 46 3.47 -3.72 -10.00
C GLY A 46 3.40 -2.24 -9.65
N HIS A 47 2.53 -1.87 -8.76
CA HIS A 47 2.42 -0.43 -8.37
C HIS A 47 2.44 -0.30 -6.85
N TRP A 48 2.42 0.91 -6.37
CA TRP A 48 2.44 1.15 -4.91
C TRP A 48 1.03 1.43 -4.40
N VAL A 49 0.65 0.82 -3.30
CA VAL A 49 -0.71 1.06 -2.75
C VAL A 49 -0.72 0.84 -1.23
N HIS A 50 -1.53 1.59 -0.51
CA HIS A 50 -1.61 1.43 0.98
C HIS A 50 -1.79 -0.03 1.36
N ALA A 51 -1.51 -0.38 2.60
CA ALA A 51 -1.67 -1.80 3.03
C ALA A 51 -3.00 -1.99 3.77
N GLN A 52 -3.21 -1.26 4.84
CA GLN A 52 -4.48 -1.41 5.60
C GLN A 52 -5.69 -1.16 4.69
N CYS A 53 -5.50 -0.47 3.60
CA CYS A 53 -6.63 -0.20 2.67
C CYS A 53 -7.27 -1.52 2.22
N MET A 54 -6.50 -2.58 2.19
CA MET A 54 -7.06 -3.89 1.76
C MET A 54 -7.25 -4.80 2.97
N ASP A 55 -7.64 -4.24 4.09
CA ASP A 55 -7.84 -5.06 5.33
C ASP A 55 -6.59 -5.89 5.62
N LEU A 56 -5.46 -5.25 5.73
CA LEU A 56 -4.19 -6.00 6.01
C LEU A 56 -3.90 -5.99 7.52
N GLU A 57 -2.75 -6.46 7.91
CA GLU A 57 -2.40 -6.47 9.36
C GLU A 57 -0.92 -6.08 9.54
N GLU A 58 -0.55 -5.69 10.73
CA GLU A 58 0.87 -5.30 10.98
C GLU A 58 1.79 -6.51 10.77
N ARG A 59 1.37 -7.66 11.20
CA ARG A 59 2.21 -8.88 11.03
C ARG A 59 2.36 -9.21 9.55
N THR A 60 1.26 -9.39 8.86
CA THR A 60 1.32 -9.72 7.40
C THR A 60 2.30 -8.78 6.68
N LEU A 61 2.34 -7.53 7.07
CA LEU A 61 3.28 -6.58 6.42
C LEU A 61 4.71 -6.99 6.74
N ILE A 62 4.95 -7.43 7.96
CA ILE A 62 6.32 -7.87 8.33
C ILE A 62 6.66 -9.13 7.53
N HIS A 63 5.75 -10.06 7.53
CA HIS A 63 5.96 -11.33 6.78
C HIS A 63 6.18 -10.99 5.30
N LEU A 64 5.37 -10.13 4.78
CA LEU A 64 5.51 -9.74 3.34
C LEU A 64 6.85 -9.01 3.13
N SER A 65 7.47 -8.55 4.18
CA SER A 65 8.77 -7.84 4.03
C SER A 65 9.93 -8.82 4.21
N GLU A 66 9.65 -10.10 4.28
CA GLU A 66 10.74 -11.09 4.46
C GLU A 66 11.59 -11.19 3.19
N GLY A 67 11.01 -10.89 2.05
CA GLY A 67 11.77 -10.97 0.77
C GLY A 67 10.80 -11.09 -0.39
N SER A 68 10.21 -12.23 -0.58
CA SER A 68 9.26 -12.42 -1.71
C SER A 68 7.95 -13.04 -1.20
N ASN A 69 6.86 -12.76 -1.87
CA ASN A 69 5.55 -13.34 -1.42
C ASN A 69 4.49 -13.13 -2.51
N LYS A 70 3.63 -14.10 -2.69
CA LYS A 70 2.57 -13.97 -3.74
C LYS A 70 1.46 -13.03 -3.24
N TYR A 71 1.71 -11.76 -3.20
CA TYR A 71 0.67 -10.80 -2.73
C TYR A 71 0.20 -9.92 -3.89
N TYR A 72 -1.06 -9.59 -3.92
CA TYR A 72 -1.58 -8.74 -5.03
C TYR A 72 -2.44 -7.60 -4.46
N CYS A 73 -2.98 -6.76 -5.31
CA CYS A 73 -3.82 -5.63 -4.83
C CYS A 73 -5.30 -6.02 -4.90
N ASN A 74 -6.19 -5.06 -4.81
CA ASN A 74 -7.64 -5.37 -4.88
C ASN A 74 -8.05 -5.77 -6.30
N GLU A 75 -7.62 -5.02 -7.28
CA GLU A 75 -8.00 -5.35 -8.69
C GLU A 75 -7.06 -6.39 -9.30
N HIS A 76 -6.16 -6.94 -8.53
CA HIS A 76 -5.22 -7.97 -9.10
C HIS A 76 -5.20 -9.21 -8.21
N VAL A 77 -6.23 -9.44 -7.44
CA VAL A 77 -6.27 -10.65 -6.56
C VAL A 77 -7.15 -11.74 -7.18
N GLN A 78 -8.12 -11.33 -7.94
CA GLN A 78 -9.02 -12.33 -8.60
C GLN A 78 -9.40 -11.85 -10.00
N ILE A 79 -8.45 -11.77 -10.89
CA ILE A 79 -8.74 -11.31 -12.28
C ILE A 79 -8.69 -12.49 -13.25
N ALA A 80 -9.37 -13.56 -12.95
CA ALA A 80 -9.36 -14.74 -13.85
C ALA A 80 -9.93 -14.37 -15.22
N ARG A 81 -9.20 -14.64 -16.27
CA ARG A 81 -9.70 -14.30 -17.64
C ARG A 81 -10.16 -15.57 -18.36
N ALA A 82 -10.46 -15.45 -19.63
CA ALA A 82 -10.93 -16.64 -20.39
C ALA A 82 -9.72 -17.50 -20.81
N GLY A 1 -0.79 20.90 -8.87
CA GLY A 1 -0.69 20.93 -7.39
C GLY A 1 -2.04 21.36 -6.78
N PRO A 2 -2.28 22.65 -6.80
CA PRO A 2 -3.55 23.18 -6.25
C PRO A 2 -4.72 22.86 -7.19
N LEU A 3 -4.46 22.80 -8.47
CA LEU A 3 -5.56 22.49 -9.43
C LEU A 3 -5.51 21.02 -9.84
N GLY A 4 -5.02 20.18 -8.97
CA GLY A 4 -4.94 18.72 -9.31
C GLY A 4 -4.50 17.94 -8.06
N SER A 5 -3.39 17.26 -8.14
CA SER A 5 -2.91 16.47 -6.97
C SER A 5 -1.45 16.81 -6.66
N PRO A 6 -1.12 16.85 -5.39
CA PRO A 6 0.27 17.18 -4.99
C PRO A 6 1.19 15.98 -5.26
N GLU A 7 2.38 16.00 -4.71
CA GLU A 7 3.32 14.87 -4.93
C GLU A 7 4.43 14.88 -3.87
N PHE A 8 4.09 15.22 -2.66
CA PHE A 8 5.11 15.26 -1.57
C PHE A 8 4.70 14.34 -0.42
N GLY A 9 4.25 13.15 -0.71
CA GLY A 9 3.83 12.23 0.37
C GLY A 9 3.02 11.07 -0.23
N TYR A 10 2.52 10.19 0.60
CA TYR A 10 1.72 9.05 0.08
C TYR A 10 0.23 9.36 0.15
N TRP A 11 -0.12 10.62 0.07
CA TRP A 11 -1.56 11.02 0.13
C TRP A 11 -2.20 10.85 -1.26
N ILE A 12 -2.15 9.66 -1.80
CA ILE A 12 -2.74 9.45 -3.16
C ILE A 12 -3.83 8.37 -3.12
N THR A 13 -4.14 7.79 -4.26
CA THR A 13 -5.18 6.74 -4.30
C THR A 13 -4.53 5.36 -4.41
N CYS A 14 -5.27 4.32 -4.14
CA CYS A 14 -4.71 2.94 -4.21
C CYS A 14 -5.79 1.95 -4.66
N CYS A 15 -6.92 2.43 -5.12
CA CYS A 15 -8.02 1.53 -5.56
C CYS A 15 -9.16 2.36 -6.15
N PRO A 16 -10.25 1.71 -6.47
CA PRO A 16 -11.42 2.42 -7.05
C PRO A 16 -12.22 3.12 -5.95
N THR A 17 -11.95 2.81 -4.70
CA THR A 17 -12.69 3.45 -3.58
C THR A 17 -11.72 3.82 -2.46
N CYS A 18 -10.58 4.37 -2.79
CA CYS A 18 -9.58 4.75 -1.76
C CYS A 18 -9.88 6.15 -1.21
N ASP A 19 -9.35 6.46 -0.06
CA ASP A 19 -9.59 7.81 0.54
C ASP A 19 -8.48 8.15 1.54
N VAL A 20 -7.29 7.64 1.31
CA VAL A 20 -6.16 7.93 2.24
C VAL A 20 -5.84 9.43 2.25
N ASP A 21 -5.83 10.03 3.40
CA ASP A 21 -5.54 11.48 3.50
C ASP A 21 -5.34 11.88 4.96
N ILE A 22 -4.29 12.60 5.26
CA ILE A 22 -4.04 13.01 6.68
C ILE A 22 -5.29 13.70 7.26
N ASN A 23 -6.10 14.28 6.44
CA ASN A 23 -7.34 14.95 6.94
C ASN A 23 -8.14 13.98 7.81
N THR A 24 -7.99 12.70 7.55
CA THR A 24 -8.72 11.68 8.35
C THR A 24 -7.85 10.44 8.52
N TRP A 25 -6.56 10.56 8.31
CA TRP A 25 -5.66 9.38 8.46
C TRP A 25 -4.78 9.54 9.71
N VAL A 26 -4.13 8.48 10.11
CA VAL A 26 -3.24 8.55 11.30
C VAL A 26 -2.16 7.47 11.22
N PRO A 27 -1.13 7.62 12.00
CA PRO A 27 -0.03 6.63 12.00
C PRO A 27 -0.49 5.32 12.64
N PHE A 28 -0.80 4.34 11.84
CA PHE A 28 -1.26 3.03 12.39
C PHE A 28 -0.10 2.04 12.45
N TYR A 29 0.85 2.18 11.56
CA TYR A 29 2.02 1.24 11.56
C TYR A 29 3.09 1.72 12.55
N SER A 30 3.78 0.82 13.17
CA SER A 30 4.84 1.21 14.14
C SER A 30 6.10 1.67 13.41
N THR A 31 6.52 0.93 12.41
CA THR A 31 7.75 1.32 11.66
C THR A 31 7.56 2.69 11.01
N GLU A 32 6.34 3.06 10.73
CA GLU A 32 6.08 4.40 10.11
C GLU A 32 6.04 5.49 11.18
N LEU A 33 5.76 6.70 10.79
CA LEU A 33 5.70 7.82 11.79
C LEU A 33 4.45 8.67 11.53
N ASN A 34 4.20 9.05 10.31
CA ASN A 34 3.00 9.87 10.00
C ASN A 34 2.59 9.68 8.54
N LYS A 35 2.67 8.47 8.05
CA LYS A 35 2.28 8.21 6.63
C LYS A 35 1.97 6.72 6.42
N PRO A 36 1.11 6.45 5.47
CA PRO A 36 0.73 5.04 5.18
C PRO A 36 1.88 4.29 4.50
N ALA A 37 2.03 3.03 4.80
CA ALA A 37 3.13 2.23 4.19
C ALA A 37 2.63 1.57 2.90
N MET A 38 2.61 2.30 1.81
CA MET A 38 2.12 1.71 0.53
C MET A 38 2.92 0.46 0.15
N ILE A 39 2.30 -0.44 -0.56
CA ILE A 39 3.01 -1.68 -0.98
C ILE A 39 3.09 -1.75 -2.51
N TYR A 40 3.95 -2.57 -3.04
CA TYR A 40 4.06 -2.66 -4.52
C TYR A 40 3.44 -3.98 -5.02
N CYS A 41 2.61 -3.90 -6.03
CA CYS A 41 1.96 -5.14 -6.57
C CYS A 41 3.00 -5.98 -7.32
N SER A 42 2.87 -7.28 -7.28
CA SER A 42 3.84 -8.16 -7.99
C SER A 42 3.37 -8.45 -9.41
N HIS A 43 2.10 -8.33 -9.67
CA HIS A 43 1.58 -8.60 -11.04
C HIS A 43 2.28 -7.72 -12.07
N GLY A 44 1.94 -7.85 -13.33
CA GLY A 44 2.58 -7.02 -14.38
C GLY A 44 2.36 -5.54 -14.07
N ASP A 45 3.30 -4.70 -14.40
CA ASP A 45 3.14 -3.23 -14.11
C ASP A 45 2.77 -3.03 -12.63
N GLY A 46 3.59 -3.49 -11.74
CA GLY A 46 3.30 -3.34 -10.29
C GLY A 46 3.07 -1.86 -9.95
N HIS A 47 2.20 -1.59 -9.02
CA HIS A 47 1.94 -0.18 -8.62
C HIS A 47 2.04 -0.02 -7.12
N TRP A 48 1.91 1.18 -6.64
CA TRP A 48 2.00 1.42 -5.18
C TRP A 48 0.61 1.69 -4.59
N VAL A 49 0.22 0.96 -3.57
CA VAL A 49 -1.12 1.18 -2.96
C VAL A 49 -1.08 0.90 -1.46
N HIS A 50 -1.87 1.62 -0.69
CA HIS A 50 -1.88 1.40 0.78
C HIS A 50 -2.25 -0.05 1.10
N ALA A 51 -1.85 -0.55 2.24
CA ALA A 51 -2.17 -1.96 2.60
C ALA A 51 -3.52 -2.03 3.32
N GLN A 52 -3.67 -1.26 4.37
CA GLN A 52 -4.97 -1.27 5.13
C GLN A 52 -6.14 -0.95 4.18
N CYS A 53 -5.89 -0.23 3.13
CA CYS A 53 -7.00 0.12 2.19
C CYS A 53 -7.56 -1.16 1.56
N MET A 54 -6.75 -2.17 1.40
CA MET A 54 -7.24 -3.44 0.78
C MET A 54 -7.86 -4.34 1.86
N ASP A 55 -7.05 -5.09 2.56
CA ASP A 55 -7.58 -5.99 3.63
C ASP A 55 -6.44 -6.70 4.35
N LEU A 56 -5.37 -5.99 4.64
CA LEU A 56 -4.22 -6.63 5.34
C LEU A 56 -4.12 -6.11 6.78
N GLU A 57 -3.29 -6.71 7.59
CA GLU A 57 -3.14 -6.25 8.99
C GLU A 57 -1.68 -5.89 9.28
N GLU A 58 -1.41 -5.40 10.46
CA GLU A 58 0.00 -5.04 10.80
C GLU A 58 0.90 -6.28 10.72
N ARG A 59 0.47 -7.38 11.26
CA ARG A 59 1.29 -8.62 11.20
C ARG A 59 1.50 -9.06 9.76
N THR A 60 0.43 -9.33 9.04
CA THR A 60 0.56 -9.76 7.62
C THR A 60 1.51 -8.83 6.86
N LEU A 61 1.44 -7.56 7.11
CA LEU A 61 2.36 -6.61 6.42
C LEU A 61 3.80 -6.92 6.85
N ILE A 62 4.00 -7.24 8.09
CA ILE A 62 5.37 -7.58 8.56
C ILE A 62 5.83 -8.85 7.84
N HIS A 63 5.00 -9.86 7.88
CA HIS A 63 5.35 -11.13 7.21
C HIS A 63 5.64 -10.86 5.73
N LEU A 64 4.74 -10.18 5.08
CA LEU A 64 4.92 -9.85 3.65
C LEU A 64 6.12 -8.92 3.46
N SER A 65 6.61 -8.32 4.53
CA SER A 65 7.78 -7.42 4.40
C SER A 65 9.09 -8.22 4.54
N GLU A 66 9.00 -9.51 4.61
CA GLU A 66 10.23 -10.34 4.74
C GLU A 66 10.75 -10.77 3.36
N GLY A 67 10.29 -10.11 2.32
CA GLY A 67 10.76 -10.48 0.95
C GLY A 67 9.99 -11.70 0.47
N SER A 68 10.26 -12.16 -0.74
CA SER A 68 9.55 -13.36 -1.28
C SER A 68 8.03 -13.18 -1.17
N ASN A 69 7.30 -14.26 -1.10
CA ASN A 69 5.81 -14.17 -1.00
C ASN A 69 5.22 -13.37 -2.17
N LYS A 70 4.57 -14.03 -3.07
CA LYS A 70 3.97 -13.32 -4.25
C LYS A 70 2.94 -12.29 -3.79
N TYR A 71 3.39 -11.11 -3.42
CA TYR A 71 2.44 -10.06 -2.96
C TYR A 71 1.52 -9.64 -4.11
N TYR A 72 0.24 -9.55 -3.85
CA TYR A 72 -0.72 -9.15 -4.93
C TYR A 72 -1.75 -8.17 -4.36
N CYS A 73 -1.96 -7.07 -5.03
CA CYS A 73 -2.97 -6.08 -4.53
C CYS A 73 -4.35 -6.73 -4.47
N ASN A 74 -5.40 -5.94 -4.35
CA ASN A 74 -6.76 -6.53 -4.28
C ASN A 74 -7.34 -6.73 -5.69
N GLU A 75 -7.06 -5.83 -6.59
CA GLU A 75 -7.60 -5.96 -7.97
C GLU A 75 -6.74 -6.92 -8.82
N HIS A 76 -5.75 -7.54 -8.23
CA HIS A 76 -4.89 -8.47 -9.01
C HIS A 76 -4.60 -9.73 -8.19
N VAL A 77 -5.58 -10.21 -7.46
CA VAL A 77 -5.37 -11.44 -6.64
C VAL A 77 -6.29 -12.57 -7.12
N GLN A 78 -7.42 -12.22 -7.65
CA GLN A 78 -8.38 -13.27 -8.13
C GLN A 78 -8.50 -13.19 -9.66
N ILE A 79 -7.42 -12.90 -10.34
CA ILE A 79 -7.47 -12.81 -11.83
C ILE A 79 -7.25 -14.19 -12.46
N ALA A 80 -8.00 -15.18 -12.03
CA ALA A 80 -7.84 -16.56 -12.60
C ALA A 80 -6.39 -17.05 -12.42
N ARG A 81 -5.50 -16.68 -13.30
CA ARG A 81 -4.09 -17.14 -13.18
C ARG A 81 -3.54 -16.80 -11.78
N ALA A 82 -3.38 -17.79 -10.94
CA ALA A 82 -2.85 -17.53 -9.57
C ALA A 82 -3.65 -16.43 -8.88
N GLY A 1 8.04 25.27 11.80
CA GLY A 1 7.48 23.90 11.95
C GLY A 1 5.95 23.98 11.91
N PRO A 2 5.41 23.99 10.72
CA PRO A 2 3.95 24.06 10.54
C PRO A 2 3.30 22.71 10.91
N LEU A 3 3.79 21.64 10.35
CA LEU A 3 3.21 20.30 10.66
C LEU A 3 4.32 19.25 10.74
N GLY A 4 4.93 18.93 9.63
CA GLY A 4 6.03 17.91 9.65
C GLY A 4 6.76 17.93 8.31
N SER A 5 6.03 18.00 7.22
CA SER A 5 6.67 18.02 5.88
C SER A 5 7.64 16.84 5.73
N PRO A 6 7.08 15.67 5.53
CA PRO A 6 7.91 14.46 5.36
C PRO A 6 8.61 14.45 4.00
N GLU A 7 9.18 13.35 3.62
CA GLU A 7 9.88 13.28 2.30
C GLU A 7 8.93 12.76 1.22
N PHE A 8 8.24 11.68 1.50
CA PHE A 8 7.30 11.12 0.48
C PHE A 8 5.92 10.89 1.12
N GLY A 9 4.96 11.73 0.78
CA GLY A 9 3.60 11.57 1.35
C GLY A 9 2.77 10.65 0.44
N TYR A 10 2.17 9.64 0.99
CA TYR A 10 1.35 8.72 0.17
C TYR A 10 -0.14 9.12 0.22
N TRP A 11 -0.40 10.40 0.16
CA TRP A 11 -1.81 10.87 0.21
C TRP A 11 -2.42 10.80 -1.20
N ILE A 12 -2.45 9.62 -1.76
CA ILE A 12 -3.03 9.46 -3.14
C ILE A 12 -4.01 8.29 -3.19
N THR A 13 -4.30 7.80 -4.37
CA THR A 13 -5.25 6.67 -4.50
C THR A 13 -4.47 5.35 -4.56
N CYS A 14 -5.14 4.24 -4.40
CA CYS A 14 -4.43 2.93 -4.44
C CYS A 14 -5.39 1.81 -4.85
N CYS A 15 -6.57 2.15 -5.31
CA CYS A 15 -7.55 1.10 -5.75
C CYS A 15 -8.81 1.78 -6.30
N PRO A 16 -9.81 0.99 -6.60
CA PRO A 16 -11.07 1.55 -7.14
C PRO A 16 -11.92 2.17 -6.03
N THR A 17 -11.49 2.03 -4.80
CA THR A 17 -12.25 2.61 -3.66
C THR A 17 -11.28 3.05 -2.56
N CYS A 18 -10.27 3.80 -2.91
CA CYS A 18 -9.29 4.25 -1.90
C CYS A 18 -9.72 5.58 -1.27
N ASP A 19 -9.29 5.84 -0.06
CA ASP A 19 -9.68 7.11 0.61
C ASP A 19 -8.59 7.53 1.61
N VAL A 20 -7.34 7.25 1.30
CA VAL A 20 -6.24 7.62 2.23
C VAL A 20 -6.05 9.14 2.26
N ASP A 21 -5.96 9.71 3.43
CA ASP A 21 -5.76 11.18 3.54
C ASP A 21 -5.51 11.56 5.00
N ILE A 22 -4.45 12.28 5.27
CA ILE A 22 -4.14 12.67 6.68
C ILE A 22 -5.36 13.35 7.32
N ASN A 23 -6.15 14.04 6.54
CA ASN A 23 -7.35 14.71 7.10
C ASN A 23 -8.22 13.67 7.84
N THR A 24 -8.10 12.43 7.47
CA THR A 24 -8.89 11.36 8.14
C THR A 24 -8.01 10.13 8.38
N TRP A 25 -6.72 10.27 8.24
CA TRP A 25 -5.82 9.10 8.47
C TRP A 25 -4.95 9.32 9.71
N VAL A 26 -4.30 8.29 10.17
CA VAL A 26 -3.42 8.42 11.37
C VAL A 26 -2.30 7.37 11.30
N PRO A 27 -1.28 7.57 12.09
CA PRO A 27 -0.15 6.62 12.12
C PRO A 27 -0.56 5.31 12.79
N PHE A 28 -0.83 4.30 12.01
CA PHE A 28 -1.25 2.99 12.60
C PHE A 28 -0.06 2.03 12.66
N TYR A 29 0.87 2.17 11.75
CA TYR A 29 2.05 1.27 11.75
C TYR A 29 3.14 1.80 12.69
N SER A 30 3.94 0.93 13.25
CA SER A 30 5.01 1.39 14.17
C SER A 30 6.24 1.83 13.39
N THR A 31 6.42 1.30 12.20
CA THR A 31 7.61 1.68 11.39
C THR A 31 7.23 2.79 10.39
N GLU A 32 6.28 3.60 10.72
CA GLU A 32 5.87 4.69 9.79
C GLU A 32 5.71 6.02 10.55
N LEU A 33 6.24 7.08 10.01
CA LEU A 33 6.13 8.41 10.69
C LEU A 33 4.92 9.18 10.16
N ASN A 34 3.77 8.97 10.73
CA ASN A 34 2.55 9.69 10.25
C ASN A 34 2.35 9.48 8.75
N LYS A 35 2.39 8.25 8.31
CA LYS A 35 2.20 7.97 6.85
C LYS A 35 1.84 6.49 6.63
N PRO A 36 1.04 6.26 5.62
CA PRO A 36 0.61 4.87 5.30
C PRO A 36 1.77 4.08 4.70
N ALA A 37 2.04 2.92 5.23
CA ALA A 37 3.16 2.08 4.69
C ALA A 37 2.75 1.53 3.31
N MET A 38 2.81 2.37 2.31
CA MET A 38 2.42 1.91 0.93
C MET A 38 3.22 0.67 0.52
N ILE A 39 2.83 0.05 -0.56
CA ILE A 39 3.55 -1.17 -1.04
C ILE A 39 3.49 -1.24 -2.57
N TYR A 40 3.89 -2.33 -3.13
CA TYR A 40 3.87 -2.46 -4.62
C TYR A 40 3.16 -3.75 -5.05
N CYS A 41 2.48 -3.72 -6.16
CA CYS A 41 1.76 -4.94 -6.65
C CYS A 41 2.64 -5.67 -7.67
N SER A 42 2.40 -6.95 -7.86
CA SER A 42 3.20 -7.71 -8.84
C SER A 42 2.34 -8.09 -10.06
N HIS A 43 1.44 -7.23 -10.43
CA HIS A 43 0.56 -7.54 -11.60
C HIS A 43 0.96 -6.69 -12.81
N GLY A 44 1.39 -7.31 -13.87
CA GLY A 44 1.80 -6.54 -15.09
C GLY A 44 2.95 -5.60 -14.73
N ASP A 45 2.75 -4.31 -14.87
CA ASP A 45 3.83 -3.35 -14.54
C ASP A 45 3.95 -3.18 -13.02
N GLY A 46 2.87 -3.37 -12.30
CA GLY A 46 2.92 -3.23 -10.83
C GLY A 46 2.78 -1.75 -10.45
N HIS A 47 2.00 -1.46 -9.44
CA HIS A 47 1.82 -0.04 -9.02
C HIS A 47 2.05 0.11 -7.52
N TRP A 48 2.00 1.33 -7.05
CA TRP A 48 2.22 1.59 -5.60
C TRP A 48 0.87 1.85 -4.92
N VAL A 49 0.59 1.18 -3.82
CA VAL A 49 -0.71 1.41 -3.13
C VAL A 49 -0.59 1.13 -1.62
N HIS A 50 -1.47 1.69 -0.84
CA HIS A 50 -1.41 1.47 0.64
C HIS A 50 -1.58 -0.02 0.96
N ALA A 51 -1.38 -0.39 2.20
CA ALA A 51 -1.53 -1.83 2.58
C ALA A 51 -2.90 -2.07 3.22
N GLN A 52 -3.19 -1.40 4.31
CA GLN A 52 -4.50 -1.59 4.99
C GLN A 52 -5.66 -1.29 4.03
N CYS A 53 -5.42 -0.52 3.01
CA CYS A 53 -6.50 -0.20 2.03
C CYS A 53 -7.06 -1.48 1.41
N MET A 54 -6.25 -2.52 1.35
CA MET A 54 -6.73 -3.81 0.76
C MET A 54 -7.43 -4.66 1.81
N ASP A 55 -6.67 -5.36 2.63
CA ASP A 55 -7.29 -6.21 3.68
C ASP A 55 -6.19 -6.83 4.56
N LEU A 56 -5.15 -6.10 4.82
CA LEU A 56 -4.06 -6.64 5.68
C LEU A 56 -3.82 -5.72 6.88
N GLU A 57 -3.17 -6.21 7.90
CA GLU A 57 -2.91 -5.37 9.11
C GLU A 57 -1.41 -5.15 9.29
N GLU A 58 -1.01 -4.53 10.37
CA GLU A 58 0.44 -4.28 10.60
C GLU A 58 1.20 -5.61 10.70
N ARG A 59 0.53 -6.67 11.09
CA ARG A 59 1.22 -7.98 11.19
C ARG A 59 1.41 -8.60 9.81
N THR A 60 0.35 -8.94 9.14
CA THR A 60 0.48 -9.55 7.78
C THR A 60 1.45 -8.74 6.92
N LEU A 61 1.46 -7.44 7.07
CA LEU A 61 2.40 -6.60 6.27
C LEU A 61 3.83 -6.96 6.66
N ILE A 62 4.07 -7.16 7.93
CA ILE A 62 5.43 -7.54 8.38
C ILE A 62 5.72 -8.95 7.86
N HIS A 63 4.78 -9.83 8.03
CA HIS A 63 4.95 -11.24 7.56
C HIS A 63 5.27 -11.21 6.06
N LEU A 64 4.48 -10.49 5.31
CA LEU A 64 4.71 -10.39 3.84
C LEU A 64 6.09 -9.77 3.55
N SER A 65 6.65 -9.10 4.52
CA SER A 65 8.00 -8.48 4.30
C SER A 65 9.11 -9.41 4.76
N GLU A 66 8.77 -10.46 5.48
CA GLU A 66 9.82 -11.41 5.96
C GLU A 66 10.30 -12.29 4.80
N GLY A 67 9.48 -12.50 3.82
CA GLY A 67 9.90 -13.33 2.65
C GLY A 67 9.42 -12.69 1.35
N SER A 68 10.09 -12.97 0.27
CA SER A 68 9.67 -12.37 -1.04
C SER A 68 8.37 -13.01 -1.53
N ASN A 69 7.31 -12.85 -0.81
CA ASN A 69 6.00 -13.44 -1.22
C ASN A 69 5.39 -12.64 -2.36
N LYS A 70 4.51 -13.23 -3.13
CA LYS A 70 3.87 -12.49 -4.25
C LYS A 70 2.81 -11.52 -3.72
N TYR A 71 3.24 -10.43 -3.13
CA TYR A 71 2.25 -9.45 -2.59
C TYR A 71 1.37 -8.92 -3.72
N TYR A 72 0.12 -9.30 -3.73
CA TYR A 72 -0.80 -8.81 -4.82
C TYR A 72 -1.81 -7.82 -4.24
N CYS A 73 -2.04 -6.73 -4.93
CA CYS A 73 -3.01 -5.72 -4.42
C CYS A 73 -4.40 -6.36 -4.31
N ASN A 74 -5.44 -5.57 -4.18
CA ASN A 74 -6.82 -6.14 -4.06
C ASN A 74 -7.43 -6.35 -5.45
N GLU A 75 -7.20 -5.43 -6.36
CA GLU A 75 -7.79 -5.57 -7.72
C GLU A 75 -6.98 -6.56 -8.58
N HIS A 76 -5.97 -7.18 -8.02
CA HIS A 76 -5.16 -8.16 -8.81
C HIS A 76 -4.87 -9.41 -7.97
N VAL A 77 -5.73 -9.72 -7.04
CA VAL A 77 -5.51 -10.92 -6.18
C VAL A 77 -6.13 -12.16 -6.82
N GLN A 78 -7.15 -11.96 -7.60
CA GLN A 78 -7.83 -13.12 -8.26
C GLN A 78 -8.05 -12.84 -9.75
N ILE A 79 -8.81 -11.82 -10.06
CA ILE A 79 -9.10 -11.49 -11.49
C ILE A 79 -9.70 -12.70 -12.21
N ALA A 80 -10.23 -12.51 -13.39
CA ALA A 80 -10.85 -13.65 -14.12
C ALA A 80 -10.40 -13.65 -15.59
N ARG A 81 -10.32 -14.81 -16.19
CA ARG A 81 -9.90 -14.88 -17.63
C ARG A 81 -10.93 -15.64 -18.44
N ALA A 82 -11.22 -16.86 -18.07
CA ALA A 82 -12.22 -17.69 -18.82
C ALA A 82 -11.88 -17.71 -20.30
N GLY A 1 18.08 11.63 -11.83
CA GLY A 1 18.52 13.05 -11.74
C GLY A 1 18.83 13.39 -10.28
N PRO A 2 17.81 13.77 -9.55
CA PRO A 2 17.99 14.12 -8.13
C PRO A 2 18.26 12.87 -7.29
N LEU A 3 17.24 12.12 -6.95
CA LEU A 3 17.44 10.90 -6.12
C LEU A 3 16.33 9.89 -6.40
N GLY A 4 15.10 10.32 -6.36
CA GLY A 4 13.96 9.40 -6.61
C GLY A 4 13.27 9.78 -7.92
N SER A 5 13.13 8.84 -8.83
CA SER A 5 12.46 9.16 -10.12
C SER A 5 10.97 9.45 -9.90
N PRO A 6 10.28 8.51 -9.30
CA PRO A 6 8.83 8.68 -9.03
C PRO A 6 8.61 9.70 -7.89
N GLU A 7 8.57 9.23 -6.67
CA GLU A 7 8.36 10.16 -5.52
C GLU A 7 7.14 11.05 -5.76
N PHE A 8 5.96 10.50 -5.67
CA PHE A 8 4.73 11.31 -5.90
C PHE A 8 4.12 11.74 -4.56
N GLY A 9 3.67 10.81 -3.78
CA GLY A 9 3.06 11.16 -2.46
C GLY A 9 2.35 9.94 -1.87
N TYR A 10 2.02 10.00 -0.62
CA TYR A 10 1.33 8.85 0.04
C TYR A 10 -0.18 9.08 0.05
N TRP A 11 -0.60 10.31 0.01
CA TRP A 11 -2.06 10.62 0.04
C TRP A 11 -2.64 10.45 -1.38
N ILE A 12 -2.52 9.28 -1.94
CA ILE A 12 -3.04 9.05 -3.33
C ILE A 12 -4.18 8.04 -3.32
N THR A 13 -4.48 7.47 -4.46
CA THR A 13 -5.59 6.48 -4.54
C THR A 13 -5.02 5.09 -4.80
N CYS A 14 -5.12 4.21 -3.83
CA CYS A 14 -4.59 2.83 -4.00
C CYS A 14 -5.68 1.91 -4.57
N CYS A 15 -6.76 2.47 -5.04
CA CYS A 15 -7.86 1.64 -5.60
C CYS A 15 -8.83 2.53 -6.39
N PRO A 16 -9.93 1.95 -6.84
CA PRO A 16 -10.92 2.73 -7.61
C PRO A 16 -11.78 3.57 -6.67
N THR A 17 -11.80 3.25 -5.40
CA THR A 17 -12.62 4.04 -4.44
C THR A 17 -11.83 4.24 -3.14
N CYS A 18 -10.62 4.71 -3.24
CA CYS A 18 -9.79 4.92 -2.01
C CYS A 18 -9.87 6.39 -1.56
N ASP A 19 -9.55 6.65 -0.33
CA ASP A 19 -9.59 8.05 0.18
C ASP A 19 -8.53 8.24 1.28
N VAL A 20 -7.42 7.57 1.17
CA VAL A 20 -6.35 7.71 2.20
C VAL A 20 -5.88 9.16 2.29
N ASP A 21 -6.15 9.81 3.39
CA ASP A 21 -5.72 11.22 3.57
C ASP A 21 -5.44 11.50 5.04
N ILE A 22 -4.38 12.20 5.34
CA ILE A 22 -4.05 12.49 6.77
C ILE A 22 -5.26 13.07 7.50
N ASN A 23 -6.12 13.77 6.81
CA ASN A 23 -7.32 14.35 7.47
C ASN A 23 -8.08 13.26 8.22
N THR A 24 -8.08 12.07 7.69
CA THR A 24 -8.80 10.94 8.35
C THR A 24 -7.79 9.83 8.69
N TRP A 25 -6.71 9.74 7.97
CA TRP A 25 -5.70 8.68 8.24
C TRP A 25 -4.96 8.98 9.54
N VAL A 26 -4.23 8.02 10.04
CA VAL A 26 -3.45 8.22 11.30
C VAL A 26 -2.28 7.24 11.34
N PRO A 27 -1.33 7.52 12.20
CA PRO A 27 -0.15 6.63 12.33
C PRO A 27 -0.55 5.33 13.02
N PHE A 28 -0.72 4.27 12.27
CA PHE A 28 -1.12 2.97 12.87
C PHE A 28 0.06 1.98 12.82
N TYR A 29 0.86 2.06 11.80
CA TYR A 29 2.02 1.13 11.69
C TYR A 29 3.12 1.54 12.67
N SER A 30 3.96 0.62 13.07
CA SER A 30 5.06 0.96 14.02
C SER A 30 6.34 1.29 13.26
N THR A 31 6.52 0.71 12.10
CA THR A 31 7.76 0.99 11.31
C THR A 31 7.65 2.34 10.60
N GLU A 32 6.52 3.00 10.70
CA GLU A 32 6.37 4.32 10.02
C GLU A 32 6.22 5.43 11.07
N LEU A 33 6.03 6.65 10.62
CA LEU A 33 5.87 7.78 11.58
C LEU A 33 4.48 8.41 11.46
N ASN A 34 4.12 8.84 10.27
CA ASN A 34 2.78 9.45 10.07
C ASN A 34 2.34 9.29 8.62
N LYS A 35 2.61 8.16 8.02
CA LYS A 35 2.20 7.94 6.61
C LYS A 35 1.76 6.49 6.40
N PRO A 36 0.91 6.28 5.42
CA PRO A 36 0.42 4.92 5.12
C PRO A 36 1.54 4.04 4.55
N ALA A 37 1.49 2.76 4.81
CA ALA A 37 2.53 1.84 4.28
C ALA A 37 2.05 1.21 2.97
N MET A 38 2.43 1.76 1.85
CA MET A 38 1.99 1.20 0.55
C MET A 38 2.83 -0.02 0.16
N ILE A 39 2.22 -1.00 -0.44
CA ILE A 39 2.98 -2.22 -0.85
C ILE A 39 3.04 -2.28 -2.38
N TYR A 40 4.00 -2.98 -2.93
CA TYR A 40 4.10 -3.07 -4.41
C TYR A 40 3.35 -4.30 -4.93
N CYS A 41 2.65 -4.16 -6.03
CA CYS A 41 1.90 -5.32 -6.60
C CYS A 41 2.78 -6.08 -7.60
N SER A 42 2.44 -7.31 -7.88
CA SER A 42 3.25 -8.11 -8.85
C SER A 42 2.62 -8.04 -10.26
N HIS A 43 2.09 -9.13 -10.75
CA HIS A 43 1.47 -9.11 -12.12
C HIS A 43 2.45 -8.53 -13.14
N GLY A 44 1.96 -8.17 -14.30
CA GLY A 44 2.86 -7.59 -15.34
C GLY A 44 3.44 -6.28 -14.84
N ASP A 45 2.66 -5.23 -14.84
CA ASP A 45 3.17 -3.92 -14.35
C ASP A 45 3.47 -4.01 -12.85
N GLY A 46 3.60 -2.88 -12.19
CA GLY A 46 3.89 -2.90 -10.73
C GLY A 46 3.64 -1.51 -10.14
N HIS A 47 2.71 -1.41 -9.22
CA HIS A 47 2.43 -0.09 -8.60
C HIS A 47 2.42 -0.20 -7.09
N TRP A 48 2.25 0.90 -6.42
CA TRP A 48 2.25 0.88 -4.94
C TRP A 48 0.88 1.30 -4.39
N VAL A 49 0.35 0.56 -3.44
CA VAL A 49 -0.98 0.92 -2.88
C VAL A 49 -1.00 0.64 -1.36
N HIS A 50 -1.73 1.43 -0.61
CA HIS A 50 -1.79 1.23 0.87
C HIS A 50 -2.02 -0.23 1.22
N ALA A 51 -1.69 -0.63 2.43
CA ALA A 51 -1.89 -2.05 2.83
C ALA A 51 -3.22 -2.20 3.59
N GLN A 52 -3.45 -1.36 4.55
CA GLN A 52 -4.72 -1.45 5.33
C GLN A 52 -5.92 -1.31 4.39
N CYS A 53 -5.79 -0.52 3.36
CA CYS A 53 -6.92 -0.35 2.40
C CYS A 53 -7.36 -1.72 1.84
N MET A 54 -6.48 -2.68 1.87
CA MET A 54 -6.83 -4.04 1.35
C MET A 54 -7.16 -4.97 2.52
N ASP A 55 -7.74 -4.45 3.58
CA ASP A 55 -8.08 -5.29 4.75
C ASP A 55 -6.83 -6.00 5.28
N LEU A 56 -5.97 -5.27 5.94
CA LEU A 56 -4.72 -5.89 6.47
C LEU A 56 -4.46 -5.39 7.90
N GLU A 57 -3.33 -5.75 8.46
CA GLU A 57 -3.01 -5.30 9.86
C GLU A 57 -1.53 -4.95 9.96
N GLU A 58 -1.03 -4.80 11.16
CA GLU A 58 0.41 -4.46 11.35
C GLU A 58 1.27 -5.71 11.17
N ARG A 59 0.77 -6.86 11.57
CA ARG A 59 1.56 -8.11 11.41
C ARG A 59 1.78 -8.43 9.93
N THR A 60 0.72 -8.54 9.18
CA THR A 60 0.86 -8.84 7.72
C THR A 60 1.94 -7.95 7.09
N LEU A 61 1.99 -6.70 7.47
CA LEU A 61 3.02 -5.80 6.89
C LEU A 61 4.42 -6.30 7.29
N ILE A 62 4.56 -6.77 8.51
CA ILE A 62 5.88 -7.29 8.95
C ILE A 62 6.18 -8.56 8.16
N HIS A 63 5.24 -9.45 8.11
CA HIS A 63 5.43 -10.72 7.37
C HIS A 63 5.78 -10.39 5.92
N LEU A 64 5.05 -9.49 5.32
CA LEU A 64 5.33 -9.10 3.92
C LEU A 64 6.72 -8.46 3.81
N SER A 65 7.24 -7.97 4.90
CA SER A 65 8.59 -7.33 4.86
C SER A 65 9.67 -8.34 5.24
N GLU A 66 9.31 -9.61 5.35
CA GLU A 66 10.33 -10.63 5.72
C GLU A 66 11.10 -11.10 4.48
N GLY A 67 10.50 -11.02 3.32
CA GLY A 67 11.20 -11.46 2.08
C GLY A 67 10.27 -11.32 0.87
N SER A 68 10.47 -12.12 -0.14
CA SER A 68 9.60 -12.02 -1.35
C SER A 68 8.31 -12.84 -1.14
N ASN A 69 7.30 -12.56 -1.91
CA ASN A 69 6.02 -13.31 -1.77
C ASN A 69 5.07 -12.97 -2.92
N LYS A 70 4.27 -13.92 -3.35
CA LYS A 70 3.33 -13.65 -4.48
C LYS A 70 2.13 -12.82 -3.98
N TYR A 71 2.38 -11.62 -3.54
CA TYR A 71 1.27 -10.76 -3.05
C TYR A 71 0.76 -9.85 -4.18
N TYR A 72 -0.54 -9.74 -4.33
CA TYR A 72 -1.09 -8.88 -5.41
C TYR A 72 -1.93 -7.74 -4.81
N CYS A 73 -2.48 -6.90 -5.63
CA CYS A 73 -3.30 -5.77 -5.11
C CYS A 73 -4.79 -6.15 -5.11
N ASN A 74 -5.67 -5.21 -4.98
CA ASN A 74 -7.13 -5.53 -4.99
C ASN A 74 -7.62 -5.79 -6.41
N GLU A 75 -7.22 -4.96 -7.34
CA GLU A 75 -7.68 -5.15 -8.75
C GLU A 75 -6.82 -6.21 -9.47
N HIS A 76 -5.92 -6.85 -8.78
CA HIS A 76 -5.07 -7.89 -9.44
C HIS A 76 -4.99 -9.13 -8.56
N VAL A 77 -6.01 -9.41 -7.80
CA VAL A 77 -6.00 -10.61 -6.92
C VAL A 77 -6.76 -11.76 -7.56
N GLN A 78 -7.76 -11.45 -8.34
CA GLN A 78 -8.56 -12.51 -9.01
C GLN A 78 -8.27 -12.50 -10.51
N ILE A 79 -7.19 -13.10 -10.93
CA ILE A 79 -6.86 -13.14 -12.38
C ILE A 79 -5.83 -14.24 -12.67
N ALA A 80 -6.19 -15.47 -12.40
CA ALA A 80 -5.25 -16.59 -12.65
C ALA A 80 -5.59 -17.29 -13.97
N ARG A 81 -6.80 -17.77 -14.09
CA ARG A 81 -7.23 -18.45 -15.33
C ARG A 81 -8.49 -17.81 -15.90
N ALA A 82 -8.39 -16.58 -16.36
CA ALA A 82 -9.59 -15.88 -16.93
C ALA A 82 -10.75 -15.93 -15.93
N GLY A 1 15.98 -0.39 1.89
CA GLY A 1 15.05 0.41 2.74
C GLY A 1 14.94 1.83 2.18
N PRO A 2 13.83 2.47 2.46
CA PRO A 2 13.60 3.85 1.98
C PRO A 2 14.48 4.84 2.75
N LEU A 3 15.60 5.21 2.20
CA LEU A 3 16.50 6.18 2.91
C LEU A 3 16.89 7.33 1.96
N GLY A 4 15.95 8.15 1.60
CA GLY A 4 16.26 9.28 0.69
C GLY A 4 14.96 9.90 0.17
N SER A 5 14.25 10.61 1.00
CA SER A 5 12.98 11.24 0.56
C SER A 5 12.54 12.34 1.54
N PRO A 6 13.17 13.48 1.43
CA PRO A 6 12.83 14.61 2.32
C PRO A 6 11.47 15.21 1.95
N GLU A 7 11.14 15.20 0.69
CA GLU A 7 9.83 15.76 0.24
C GLU A 7 9.03 14.70 -0.51
N PHE A 8 7.98 14.20 0.08
CA PHE A 8 7.16 13.16 -0.60
C PHE A 8 5.85 12.94 0.15
N GLY A 9 4.73 13.05 -0.52
CA GLY A 9 3.43 12.85 0.15
C GLY A 9 2.72 11.64 -0.45
N TYR A 10 2.30 10.71 0.38
CA TYR A 10 1.60 9.50 -0.13
C TYR A 10 0.09 9.66 0.01
N TRP A 11 -0.39 10.88 0.05
CA TRP A 11 -1.86 11.10 0.18
C TRP A 11 -2.52 11.00 -1.20
N ILE A 12 -2.39 9.87 -1.85
CA ILE A 12 -2.99 9.72 -3.20
C ILE A 12 -3.99 8.54 -3.23
N THR A 13 -4.27 8.04 -4.40
CA THR A 13 -5.23 6.90 -4.51
C THR A 13 -4.47 5.57 -4.60
N CYS A 14 -5.18 4.48 -4.55
CA CYS A 14 -4.50 3.14 -4.61
C CYS A 14 -5.48 2.07 -5.13
N CYS A 15 -6.63 2.47 -5.63
CA CYS A 15 -7.62 1.48 -6.14
C CYS A 15 -8.86 2.22 -6.67
N PRO A 16 -9.88 1.48 -7.02
CA PRO A 16 -11.11 2.11 -7.54
C PRO A 16 -11.97 2.66 -6.39
N THR A 17 -11.53 2.50 -5.16
CA THR A 17 -12.30 3.01 -4.01
C THR A 17 -11.36 3.37 -2.87
N CYS A 18 -10.31 4.08 -3.16
CA CYS A 18 -9.33 4.48 -2.11
C CYS A 18 -9.77 5.78 -1.41
N ASP A 19 -9.25 6.04 -0.25
CA ASP A 19 -9.63 7.27 0.48
C ASP A 19 -8.59 7.58 1.57
N VAL A 20 -7.34 7.27 1.31
CA VAL A 20 -6.28 7.54 2.32
C VAL A 20 -5.98 9.04 2.39
N ASP A 21 -6.16 9.63 3.54
CA ASP A 21 -5.89 11.09 3.70
C ASP A 21 -5.64 11.41 5.18
N ILE A 22 -4.61 12.15 5.46
CA ILE A 22 -4.32 12.49 6.89
C ILE A 22 -5.55 13.08 7.58
N ASN A 23 -6.38 13.77 6.84
CA ASN A 23 -7.61 14.36 7.46
C ASN A 23 -8.41 13.25 8.16
N THR A 24 -8.25 12.03 7.72
CA THR A 24 -8.98 10.90 8.35
C THR A 24 -8.04 9.68 8.48
N TRP A 25 -6.76 9.88 8.33
CA TRP A 25 -5.80 8.75 8.45
C TRP A 25 -4.90 8.92 9.67
N VAL A 26 -4.22 7.87 10.06
CA VAL A 26 -3.31 7.96 11.24
C VAL A 26 -2.22 6.88 11.12
N PRO A 27 -1.17 7.05 11.90
CA PRO A 27 -0.06 6.07 11.88
C PRO A 27 -0.49 4.76 12.54
N PHE A 28 -0.81 3.76 11.76
CA PHE A 28 -1.24 2.46 12.34
C PHE A 28 -0.04 1.51 12.48
N TYR A 29 0.97 1.70 11.68
CA TYR A 29 2.16 0.81 11.76
C TYR A 29 3.10 1.28 12.87
N SER A 30 3.74 0.36 13.54
CA SER A 30 4.66 0.75 14.65
C SER A 30 5.97 1.31 14.09
N THR A 31 6.19 1.19 12.81
CA THR A 31 7.46 1.72 12.22
C THR A 31 7.22 3.11 11.64
N GLU A 32 6.01 3.41 11.24
CA GLU A 32 5.73 4.77 10.66
C GLU A 32 5.20 5.69 11.76
N LEU A 33 5.47 6.96 11.66
CA LEU A 33 4.98 7.93 12.69
C LEU A 33 3.78 8.70 12.16
N ASN A 34 3.68 8.87 10.87
CA ASN A 34 2.53 9.63 10.29
C ASN A 34 2.50 9.47 8.77
N LYS A 35 2.58 8.26 8.27
CA LYS A 35 2.57 8.06 6.80
C LYS A 35 2.19 6.60 6.46
N PRO A 36 1.36 6.45 5.46
CA PRO A 36 0.93 5.09 5.04
C PRO A 36 2.08 4.32 4.37
N ALA A 37 2.30 3.11 4.79
CA ALA A 37 3.40 2.30 4.17
C ALA A 37 2.87 1.62 2.91
N MET A 38 2.75 2.35 1.84
CA MET A 38 2.23 1.77 0.57
C MET A 38 3.04 0.53 0.15
N ILE A 39 2.44 -0.33 -0.63
CA ILE A 39 3.15 -1.55 -1.09
C ILE A 39 3.14 -1.62 -2.62
N TYR A 40 3.66 -2.67 -3.19
CA TYR A 40 3.68 -2.78 -4.68
C TYR A 40 2.96 -4.07 -5.12
N CYS A 41 2.12 -3.98 -6.12
CA CYS A 41 1.40 -5.20 -6.60
C CYS A 41 2.35 -6.06 -7.44
N SER A 42 2.03 -7.33 -7.59
CA SER A 42 2.91 -8.23 -8.40
C SER A 42 2.58 -8.06 -9.89
N HIS A 43 1.79 -8.95 -10.45
CA HIS A 43 1.44 -8.85 -11.91
C HIS A 43 2.72 -8.65 -12.75
N GLY A 44 2.56 -8.21 -13.97
CA GLY A 44 3.75 -8.00 -14.85
C GLY A 44 4.60 -6.86 -14.28
N ASP A 45 4.10 -5.66 -14.34
CA ASP A 45 4.87 -4.49 -13.80
C ASP A 45 4.55 -4.30 -12.32
N GLY A 46 3.36 -3.84 -12.01
CA GLY A 46 3.00 -3.64 -10.58
C GLY A 46 2.88 -2.15 -10.28
N HIS A 47 2.04 -1.78 -9.35
CA HIS A 47 1.89 -0.33 -9.01
C HIS A 47 2.00 -0.15 -7.49
N TRP A 48 1.97 1.08 -7.05
CA TRP A 48 2.10 1.36 -5.59
C TRP A 48 0.73 1.70 -5.00
N VAL A 49 0.33 1.00 -3.95
CA VAL A 49 -0.98 1.30 -3.31
C VAL A 49 -0.94 0.99 -1.81
N HIS A 50 -1.73 1.68 -1.03
CA HIS A 50 -1.73 1.45 0.45
C HIS A 50 -2.05 -0.01 0.77
N ALA A 51 -1.63 -0.49 1.92
CA ALA A 51 -1.91 -1.90 2.30
C ALA A 51 -3.16 -1.95 3.18
N GLN A 52 -3.19 -1.16 4.22
CA GLN A 52 -4.39 -1.17 5.12
C GLN A 52 -5.65 -0.82 4.32
N CYS A 53 -5.50 -0.14 3.22
CA CYS A 53 -6.69 0.23 2.38
C CYS A 53 -7.50 -1.02 2.05
N MET A 54 -6.87 -2.17 2.05
CA MET A 54 -7.61 -3.43 1.73
C MET A 54 -7.76 -4.28 2.99
N ASP A 55 -8.13 -3.67 4.09
CA ASP A 55 -8.30 -4.45 5.35
C ASP A 55 -7.05 -5.28 5.65
N LEU A 56 -5.99 -4.64 6.06
CA LEU A 56 -4.73 -5.39 6.36
C LEU A 56 -4.20 -5.00 7.74
N GLU A 57 -3.05 -5.52 8.10
CA GLU A 57 -2.46 -5.17 9.44
C GLU A 57 -0.94 -5.03 9.32
N GLU A 58 -0.26 -5.04 10.43
CA GLU A 58 1.23 -4.90 10.39
C GLU A 58 1.88 -6.27 10.09
N ARG A 59 1.16 -7.34 10.34
CA ARG A 59 1.74 -8.69 10.08
C ARG A 59 2.07 -8.85 8.59
N THR A 60 1.07 -8.80 7.75
CA THR A 60 1.32 -8.95 6.28
C THR A 60 2.47 -8.04 5.84
N LEU A 61 2.58 -6.88 6.41
CA LEU A 61 3.69 -5.96 6.04
C LEU A 61 5.02 -6.59 6.48
N ILE A 62 5.03 -7.21 7.64
CA ILE A 62 6.29 -7.86 8.10
C ILE A 62 6.59 -9.04 7.17
N HIS A 63 5.61 -9.87 6.95
CA HIS A 63 5.80 -11.03 6.05
C HIS A 63 6.28 -10.52 4.69
N LEU A 64 5.64 -9.52 4.17
CA LEU A 64 6.04 -8.95 2.86
C LEU A 64 7.49 -8.45 2.94
N SER A 65 7.94 -8.11 4.11
CA SER A 65 9.35 -7.62 4.26
C SER A 65 10.28 -8.78 4.65
N GLU A 66 9.72 -9.92 4.99
CA GLU A 66 10.58 -11.08 5.38
C GLU A 66 11.20 -11.73 4.15
N GLY A 67 10.55 -11.63 3.02
CA GLY A 67 11.10 -12.24 1.78
C GLY A 67 9.95 -12.64 0.86
N SER A 68 9.15 -13.60 1.26
CA SER A 68 8.01 -14.04 0.41
C SER A 68 7.05 -12.87 0.20
N ASN A 69 7.10 -12.24 -0.95
CA ASN A 69 6.19 -11.09 -1.22
C ASN A 69 4.93 -11.56 -1.94
N LYS A 70 4.43 -12.72 -1.58
CA LYS A 70 3.20 -13.23 -2.24
C LYS A 70 2.00 -12.35 -1.88
N TYR A 71 1.87 -11.22 -2.53
CA TYR A 71 0.72 -10.32 -2.22
C TYR A 71 0.18 -9.69 -3.52
N TYR A 72 -1.11 -9.44 -3.57
CA TYR A 72 -1.70 -8.83 -4.79
C TYR A 72 -2.69 -7.72 -4.39
N CYS A 73 -2.77 -6.68 -5.17
CA CYS A 73 -3.72 -5.58 -4.85
C CYS A 73 -5.16 -6.11 -4.83
N ASN A 74 -6.13 -5.24 -4.88
CA ASN A 74 -7.56 -5.71 -4.87
C ASN A 74 -8.05 -5.96 -6.29
N GLU A 75 -7.66 -5.15 -7.23
CA GLU A 75 -8.13 -5.34 -8.64
C GLU A 75 -7.30 -6.43 -9.35
N HIS A 76 -6.38 -7.07 -8.66
CA HIS A 76 -5.57 -8.12 -9.31
C HIS A 76 -5.43 -9.34 -8.39
N VAL A 77 -6.40 -9.55 -7.52
CA VAL A 77 -6.33 -10.71 -6.59
C VAL A 77 -7.13 -11.88 -7.16
N GLN A 78 -8.13 -11.60 -7.93
CA GLN A 78 -8.96 -12.68 -8.53
C GLN A 78 -8.49 -12.99 -9.95
N ILE A 79 -7.25 -12.71 -10.25
CA ILE A 79 -6.72 -12.98 -11.62
C ILE A 79 -5.34 -13.63 -11.53
N ALA A 80 -5.30 -14.94 -11.41
CA ALA A 80 -3.99 -15.64 -11.32
C ALA A 80 -3.28 -15.62 -12.68
N ARG A 81 -2.36 -14.70 -12.87
CA ARG A 81 -1.64 -14.62 -14.18
C ARG A 81 -0.15 -14.89 -13.97
N ALA A 82 0.50 -15.50 -14.93
CA ALA A 82 1.96 -15.79 -14.79
C ALA A 82 2.23 -16.55 -13.49
N GLY A 1 23.70 13.42 6.42
CA GLY A 1 22.23 13.64 6.26
C GLY A 1 21.58 12.35 5.75
N PRO A 2 20.27 12.33 5.80
CA PRO A 2 19.51 11.14 5.34
C PRO A 2 19.55 11.04 3.81
N LEU A 3 19.12 9.93 3.27
CA LEU A 3 19.13 9.78 1.79
C LEU A 3 17.86 10.36 1.18
N GLY A 4 16.77 10.31 1.90
CA GLY A 4 15.49 10.86 1.36
C GLY A 4 14.74 9.77 0.60
N SER A 5 13.69 10.12 -0.09
CA SER A 5 12.92 9.11 -0.86
C SER A 5 12.38 9.72 -2.16
N PRO A 6 12.23 8.89 -3.16
CA PRO A 6 11.72 9.36 -4.47
C PRO A 6 10.22 9.66 -4.39
N GLU A 7 9.84 10.91 -4.42
CA GLU A 7 8.39 11.26 -4.33
C GLU A 7 7.65 10.68 -5.54
N PHE A 8 6.79 9.71 -5.30
CA PHE A 8 6.03 9.10 -6.43
C PHE A 8 4.52 9.30 -6.22
N GLY A 9 4.06 9.15 -5.00
CA GLY A 9 2.62 9.32 -4.72
C GLY A 9 2.25 8.56 -3.45
N TYR A 10 1.64 9.23 -2.49
CA TYR A 10 1.26 8.55 -1.22
C TYR A 10 -0.21 8.82 -0.91
N TRP A 11 -0.60 10.08 -0.88
CA TRP A 11 -2.01 10.42 -0.60
C TRP A 11 -2.86 10.23 -1.86
N ILE A 12 -2.87 9.04 -2.40
CA ILE A 12 -3.65 8.78 -3.65
C ILE A 12 -4.75 7.75 -3.41
N THR A 13 -5.25 7.16 -4.46
CA THR A 13 -6.32 6.13 -4.33
C THR A 13 -5.76 4.74 -4.59
N CYS A 14 -5.19 4.12 -3.58
CA CYS A 14 -4.62 2.75 -3.76
C CYS A 14 -5.65 1.81 -4.41
N CYS A 15 -6.91 2.11 -4.23
CA CYS A 15 -7.98 1.26 -4.84
C CYS A 15 -8.95 2.14 -5.65
N PRO A 16 -10.02 1.55 -6.11
CA PRO A 16 -11.01 2.32 -6.92
C PRO A 16 -11.90 3.15 -5.99
N THR A 17 -11.99 2.76 -4.74
CA THR A 17 -12.84 3.53 -3.78
C THR A 17 -12.02 3.85 -2.53
N CYS A 18 -10.85 4.40 -2.71
CA CYS A 18 -9.98 4.73 -1.54
C CYS A 18 -10.12 6.21 -1.18
N ASP A 19 -9.82 6.55 0.05
CA ASP A 19 -9.92 7.97 0.49
C ASP A 19 -8.80 8.27 1.50
N VAL A 20 -7.64 7.73 1.27
CA VAL A 20 -6.51 7.97 2.22
C VAL A 20 -6.00 9.41 2.08
N ASP A 21 -6.04 10.16 3.15
CA ASP A 21 -5.55 11.56 3.10
C ASP A 21 -5.19 12.02 4.53
N ILE A 22 -4.04 12.59 4.70
CA ILE A 22 -3.62 13.05 6.07
C ILE A 22 -4.71 13.92 6.70
N ASN A 23 -5.49 14.61 5.90
CA ASN A 23 -6.58 15.46 6.48
C ASN A 23 -7.47 14.60 7.37
N THR A 24 -7.53 13.33 7.11
CA THR A 24 -8.37 12.42 7.94
C THR A 24 -7.64 11.08 8.13
N TRP A 25 -6.37 11.03 7.86
CA TRP A 25 -5.60 9.75 8.02
C TRP A 25 -4.70 9.83 9.25
N VAL A 26 -4.17 8.71 9.66
CA VAL A 26 -3.27 8.70 10.85
C VAL A 26 -2.30 7.51 10.74
N PRO A 27 -1.25 7.55 11.53
CA PRO A 27 -0.27 6.44 11.51
C PRO A 27 -0.86 5.18 12.13
N PHE A 28 -1.26 4.25 11.31
CA PHE A 28 -1.85 2.98 11.84
C PHE A 28 -0.75 1.99 12.20
N TYR A 29 0.40 2.12 11.59
CA TYR A 29 1.53 1.17 11.88
C TYR A 29 2.46 1.80 12.92
N SER A 30 3.01 1.00 13.80
CA SER A 30 3.93 1.54 14.84
C SER A 30 5.28 1.89 14.21
N THR A 31 5.60 1.30 13.08
CA THR A 31 6.91 1.60 12.43
C THR A 31 6.83 2.94 11.66
N GLU A 32 5.65 3.32 11.24
CA GLU A 32 5.50 4.60 10.50
C GLU A 32 4.75 5.63 11.33
N LEU A 33 5.45 6.55 11.94
CA LEU A 33 4.76 7.59 12.77
C LEU A 33 3.88 8.48 11.89
N ASN A 34 4.13 8.50 10.61
CA ASN A 34 3.30 9.33 9.69
C ASN A 34 3.27 8.71 8.29
N LYS A 35 2.34 9.12 7.47
CA LYS A 35 2.25 8.56 6.09
C LYS A 35 1.93 7.06 6.14
N PRO A 36 1.10 6.62 5.22
CA PRO A 36 0.71 5.19 5.17
C PRO A 36 1.87 4.33 4.68
N ALA A 37 1.75 3.04 4.79
CA ALA A 37 2.84 2.13 4.32
C ALA A 37 2.41 1.44 3.02
N MET A 38 2.37 2.17 1.95
CA MET A 38 1.94 1.58 0.65
C MET A 38 2.86 0.42 0.26
N ILE A 39 2.32 -0.61 -0.36
CA ILE A 39 3.15 -1.77 -0.78
C ILE A 39 3.23 -1.83 -2.31
N TYR A 40 4.10 -2.64 -2.84
CA TYR A 40 4.23 -2.74 -4.32
C TYR A 40 3.51 -3.99 -4.83
N CYS A 41 2.59 -3.83 -5.75
CA CYS A 41 1.86 -5.02 -6.28
C CYS A 41 2.79 -5.85 -7.17
N SER A 42 2.46 -7.09 -7.39
CA SER A 42 3.31 -7.96 -8.24
C SER A 42 2.60 -8.30 -9.55
N HIS A 43 1.86 -7.36 -10.09
CA HIS A 43 1.13 -7.62 -11.36
C HIS A 43 1.71 -6.75 -12.49
N GLY A 44 2.37 -7.35 -13.44
CA GLY A 44 2.95 -6.57 -14.57
C GLY A 44 3.98 -5.59 -14.03
N ASP A 45 3.81 -4.32 -14.28
CA ASP A 45 4.78 -3.31 -13.78
C ASP A 45 4.75 -3.25 -12.26
N GLY A 46 3.59 -3.08 -11.68
CA GLY A 46 3.48 -3.01 -10.20
C GLY A 46 3.27 -1.56 -9.76
N HIS A 47 2.39 -1.34 -8.83
CA HIS A 47 2.15 0.06 -8.35
C HIS A 47 2.20 0.11 -6.83
N TRP A 48 2.08 1.29 -6.28
CA TRP A 48 2.13 1.45 -4.80
C TRP A 48 0.72 1.67 -4.24
N VAL A 49 0.32 0.90 -3.28
CA VAL A 49 -1.04 1.07 -2.67
C VAL A 49 -1.00 0.83 -1.16
N HIS A 50 -1.77 1.58 -0.42
CA HIS A 50 -1.78 1.41 1.08
C HIS A 50 -1.96 -0.06 1.46
N ALA A 51 -1.59 -0.42 2.65
CA ALA A 51 -1.74 -1.85 3.10
C ALA A 51 -3.04 -2.02 3.87
N GLN A 52 -3.28 -1.19 4.84
CA GLN A 52 -4.55 -1.30 5.64
C GLN A 52 -5.76 -1.15 4.71
N CYS A 53 -5.63 -0.43 3.64
CA CYS A 53 -6.77 -0.27 2.70
C CYS A 53 -7.20 -1.63 2.14
N MET A 54 -6.29 -2.57 2.11
CA MET A 54 -6.65 -3.92 1.57
C MET A 54 -6.99 -4.87 2.72
N ASP A 55 -7.51 -4.35 3.81
CA ASP A 55 -7.87 -5.22 4.97
C ASP A 55 -6.66 -6.08 5.38
N LEU A 56 -5.49 -5.52 5.36
CA LEU A 56 -4.27 -6.30 5.76
C LEU A 56 -4.09 -6.24 7.27
N GLU A 57 -2.98 -6.75 7.76
CA GLU A 57 -2.72 -6.74 9.22
C GLU A 57 -1.31 -6.20 9.50
N GLU A 58 -1.04 -5.81 10.72
CA GLU A 58 0.31 -5.28 11.05
C GLU A 58 1.36 -6.38 10.91
N ARG A 59 1.03 -7.58 11.28
CA ARG A 59 2.01 -8.71 11.18
C ARG A 59 2.21 -9.08 9.71
N THR A 60 1.16 -9.34 8.99
CA THR A 60 1.28 -9.70 7.54
C THR A 60 2.23 -8.74 6.83
N LEU A 61 2.22 -7.49 7.21
CA LEU A 61 3.14 -6.50 6.58
C LEU A 61 4.58 -6.86 6.93
N ILE A 62 4.82 -7.25 8.16
CA ILE A 62 6.21 -7.63 8.55
C ILE A 62 6.59 -8.90 7.80
N HIS A 63 5.70 -9.86 7.82
CA HIS A 63 5.97 -11.14 7.12
C HIS A 63 6.19 -10.86 5.62
N LEU A 64 5.37 -10.01 5.06
CA LEU A 64 5.52 -9.67 3.62
C LEU A 64 6.86 -8.97 3.37
N SER A 65 7.51 -8.50 4.40
CA SER A 65 8.82 -7.82 4.22
C SER A 65 9.95 -8.85 4.18
N GLU A 66 9.63 -10.12 4.25
CA GLU A 66 10.69 -11.16 4.23
C GLU A 66 11.21 -11.36 2.80
N GLY A 67 10.38 -11.09 1.82
CA GLY A 67 10.82 -11.27 0.41
C GLY A 67 10.21 -12.54 -0.17
N SER A 68 10.15 -12.65 -1.47
CA SER A 68 9.57 -13.88 -2.09
C SER A 68 8.18 -14.17 -1.52
N ASN A 69 7.31 -13.20 -1.53
CA ASN A 69 5.94 -13.42 -0.98
C ASN A 69 4.89 -13.27 -2.08
N LYS A 70 4.19 -14.32 -2.40
CA LYS A 70 3.16 -14.23 -3.47
C LYS A 70 2.01 -13.31 -3.03
N TYR A 71 2.19 -12.02 -3.18
CA TYR A 71 1.11 -11.07 -2.77
C TYR A 71 0.63 -10.25 -3.97
N TYR A 72 -0.62 -9.89 -3.98
CA TYR A 72 -1.16 -9.09 -5.13
C TYR A 72 -2.17 -8.07 -4.61
N CYS A 73 -2.35 -6.99 -5.32
CA CYS A 73 -3.33 -5.95 -4.87
C CYS A 73 -4.76 -6.50 -5.00
N ASN A 74 -5.75 -5.64 -4.95
CA ASN A 74 -7.16 -6.12 -5.06
C ASN A 74 -7.58 -6.22 -6.53
N GLU A 75 -7.18 -5.28 -7.34
CA GLU A 75 -7.57 -5.33 -8.78
C GLU A 75 -6.67 -6.31 -9.57
N HIS A 76 -5.77 -6.99 -8.90
CA HIS A 76 -4.88 -7.95 -9.63
C HIS A 76 -4.79 -9.26 -8.84
N VAL A 77 -5.84 -9.63 -8.16
CA VAL A 77 -5.82 -10.90 -7.37
C VAL A 77 -6.45 -12.03 -8.17
N GLN A 78 -7.31 -11.70 -9.08
CA GLN A 78 -7.98 -12.74 -9.91
C GLN A 78 -7.19 -13.01 -11.20
N ILE A 79 -5.93 -12.66 -11.21
CA ILE A 79 -5.10 -12.90 -12.43
C ILE A 79 -4.06 -13.98 -12.15
N ALA A 80 -4.39 -15.23 -12.40
CA ALA A 80 -3.41 -16.32 -12.15
C ALA A 80 -3.78 -17.55 -12.99
N ARG A 81 -2.82 -18.12 -13.68
CA ARG A 81 -3.11 -19.31 -14.52
C ARG A 81 -1.82 -20.09 -14.80
N ALA A 82 -1.35 -20.86 -13.86
CA ALA A 82 -0.10 -21.64 -14.07
C ALA A 82 -0.40 -23.15 -14.02
N GLY A 1 -1.54 27.54 -14.11
CA GLY A 1 -0.84 27.90 -15.38
C GLY A 1 0.24 26.85 -15.68
N PRO A 2 1.39 27.04 -15.09
CA PRO A 2 2.51 26.10 -15.30
C PRO A 2 2.26 24.79 -14.56
N LEU A 3 2.94 23.75 -14.93
CA LEU A 3 2.74 22.43 -14.24
C LEU A 3 3.88 22.16 -13.26
N GLY A 4 3.88 22.84 -12.14
CA GLY A 4 4.97 22.63 -11.13
C GLY A 4 4.37 22.01 -9.87
N SER A 5 4.85 22.42 -8.72
CA SER A 5 4.32 21.85 -7.44
C SER A 5 4.36 20.32 -7.47
N PRO A 6 5.51 19.78 -7.13
CA PRO A 6 5.66 18.31 -7.12
C PRO A 6 4.91 17.70 -5.93
N GLU A 7 4.38 16.52 -6.10
CA GLU A 7 3.64 15.86 -4.98
C GLU A 7 4.37 14.60 -4.53
N PHE A 8 5.16 14.71 -3.49
CA PHE A 8 5.90 13.52 -2.99
C PHE A 8 5.39 13.11 -1.61
N GLY A 9 4.41 12.23 -1.56
CA GLY A 9 3.86 11.80 -0.25
C GLY A 9 3.06 10.51 -0.44
N TYR A 10 2.69 9.87 0.64
CA TYR A 10 1.92 8.59 0.52
C TYR A 10 0.42 8.90 0.39
N TRP A 11 0.05 10.15 0.30
CA TRP A 11 -1.39 10.50 0.17
C TRP A 11 -1.82 10.35 -1.29
N ILE A 12 -1.68 9.17 -1.85
CA ILE A 12 -2.05 8.96 -3.29
C ILE A 12 -3.23 8.00 -3.40
N THR A 13 -3.41 7.42 -4.57
CA THR A 13 -4.53 6.47 -4.77
C THR A 13 -4.00 5.04 -4.91
N CYS A 14 -4.58 4.12 -4.18
CA CYS A 14 -4.12 2.69 -4.25
C CYS A 14 -5.24 1.81 -4.80
N CYS A 15 -6.46 2.26 -4.68
CA CYS A 15 -7.61 1.45 -5.19
C CYS A 15 -8.69 2.41 -5.73
N PRO A 16 -9.70 1.86 -6.34
CA PRO A 16 -10.77 2.72 -6.89
C PRO A 16 -11.52 3.41 -5.74
N THR A 17 -11.73 4.70 -5.86
CA THR A 17 -12.43 5.46 -4.78
C THR A 17 -11.61 5.43 -3.48
N CYS A 18 -10.32 5.25 -3.59
CA CYS A 18 -9.47 5.21 -2.35
C CYS A 18 -9.64 6.50 -1.55
N ASP A 19 -9.39 6.46 -0.27
CA ASP A 19 -9.54 7.70 0.55
C ASP A 19 -8.40 7.80 1.56
N VAL A 20 -7.18 7.59 1.13
CA VAL A 20 -6.03 7.68 2.08
C VAL A 20 -5.57 9.14 2.19
N ASP A 21 -5.71 9.72 3.35
CA ASP A 21 -5.29 11.13 3.55
C ASP A 21 -5.10 11.41 5.03
N ILE A 22 -4.08 12.13 5.39
CA ILE A 22 -3.84 12.43 6.85
C ILE A 22 -5.08 13.08 7.46
N ASN A 23 -5.84 13.81 6.68
CA ASN A 23 -7.07 14.46 7.23
C ASN A 23 -7.94 13.41 7.93
N THR A 24 -7.85 12.19 7.50
CA THR A 24 -8.66 11.10 8.13
C THR A 24 -7.78 9.85 8.35
N TRP A 25 -6.49 9.98 8.19
CA TRP A 25 -5.59 8.81 8.38
C TRP A 25 -4.73 8.99 9.63
N VAL A 26 -4.10 7.93 10.08
CA VAL A 26 -3.23 8.03 11.29
C VAL A 26 -2.17 6.92 11.25
N PRO A 27 -1.14 7.09 12.04
CA PRO A 27 -0.07 6.08 12.10
C PRO A 27 -0.54 4.84 12.86
N PHE A 28 -0.83 3.77 12.16
CA PHE A 28 -1.31 2.53 12.83
C PHE A 28 -0.20 1.48 12.83
N TYR A 29 0.67 1.51 11.86
CA TYR A 29 1.76 0.49 11.80
C TYR A 29 2.86 0.86 12.81
N SER A 30 3.75 -0.06 13.07
CA SER A 30 4.85 0.22 14.04
C SER A 30 6.10 0.71 13.31
N THR A 31 6.15 0.56 12.02
CA THR A 31 7.35 1.01 11.26
C THR A 31 7.11 2.39 10.64
N GLU A 32 5.88 2.70 10.33
CA GLU A 32 5.58 4.03 9.72
C GLU A 32 5.36 5.08 10.82
N LEU A 33 5.98 6.22 10.69
CA LEU A 33 5.81 7.29 11.72
C LEU A 33 4.50 8.05 11.48
N ASN A 34 4.25 8.44 10.25
CA ASN A 34 3.00 9.19 9.94
C ASN A 34 2.61 9.00 8.47
N LYS A 35 2.62 7.77 8.01
CA LYS A 35 2.25 7.51 6.59
C LYS A 35 1.86 6.04 6.41
N PRO A 36 1.00 5.80 5.44
CA PRO A 36 0.55 4.42 5.16
C PRO A 36 1.68 3.57 4.58
N ALA A 37 1.67 2.30 4.85
CA ALA A 37 2.75 1.41 4.31
C ALA A 37 2.25 0.70 3.05
N MET A 38 2.32 1.36 1.92
CA MET A 38 1.85 0.73 0.66
C MET A 38 2.57 -0.60 0.40
N ILE A 39 2.08 -1.39 -0.51
CA ILE A 39 2.73 -2.69 -0.82
C ILE A 39 2.97 -2.81 -2.33
N TYR A 40 3.86 -3.68 -2.72
CA TYR A 40 4.15 -3.85 -4.17
C TYR A 40 3.34 -5.03 -4.74
N CYS A 41 2.43 -4.76 -5.64
CA CYS A 41 1.62 -5.87 -6.23
C CYS A 41 2.51 -6.79 -7.06
N SER A 42 2.04 -7.97 -7.37
CA SER A 42 2.87 -8.92 -8.17
C SER A 42 2.16 -9.25 -9.49
N HIS A 43 1.24 -8.43 -9.92
CA HIS A 43 0.53 -8.71 -11.20
C HIS A 43 1.16 -7.91 -12.34
N GLY A 44 2.12 -8.50 -13.02
CA GLY A 44 2.79 -7.78 -14.14
C GLY A 44 3.47 -6.52 -13.60
N ASP A 45 3.05 -5.36 -14.06
CA ASP A 45 3.67 -4.10 -13.56
C ASP A 45 3.25 -3.86 -12.11
N GLY A 46 3.91 -4.50 -11.18
CA GLY A 46 3.56 -4.31 -9.74
C GLY A 46 3.56 -2.82 -9.39
N HIS A 47 2.66 -2.40 -8.55
CA HIS A 47 2.62 -0.96 -8.15
C HIS A 47 2.58 -0.84 -6.63
N TRP A 48 2.62 0.37 -6.15
CA TRP A 48 2.60 0.60 -4.67
C TRP A 48 1.20 1.03 -4.22
N VAL A 49 0.60 0.26 -3.35
CA VAL A 49 -0.77 0.64 -2.86
C VAL A 49 -0.90 0.40 -1.35
N HIS A 50 -1.61 1.24 -0.66
CA HIS A 50 -1.79 1.08 0.82
C HIS A 50 -2.13 -0.37 1.17
N ALA A 51 -1.75 -0.81 2.33
CA ALA A 51 -2.05 -2.21 2.75
C ALA A 51 -3.42 -2.28 3.44
N GLN A 52 -3.64 -1.42 4.40
CA GLN A 52 -4.95 -1.44 5.12
C GLN A 52 -6.10 -1.20 4.13
N CYS A 53 -5.84 -0.49 3.05
CA CYS A 53 -6.91 -0.24 2.05
C CYS A 53 -7.41 -1.56 1.47
N MET A 54 -6.56 -2.56 1.46
CA MET A 54 -6.97 -3.89 0.92
C MET A 54 -7.35 -4.84 2.05
N ASP A 55 -7.86 -4.31 3.14
CA ASP A 55 -8.25 -5.18 4.29
C ASP A 55 -7.06 -6.05 4.73
N LEU A 56 -6.02 -5.45 5.25
CA LEU A 56 -4.84 -6.23 5.69
C LEU A 56 -4.65 -6.10 7.21
N GLU A 57 -3.56 -6.60 7.73
CA GLU A 57 -3.31 -6.50 9.20
C GLU A 57 -1.94 -5.89 9.46
N GLU A 58 -1.69 -5.45 10.67
CA GLU A 58 -0.37 -4.84 11.00
C GLU A 58 0.74 -5.90 10.87
N ARG A 59 0.44 -7.12 11.21
CA ARG A 59 1.49 -8.19 11.11
C ARG A 59 1.83 -8.45 9.64
N THR A 60 0.86 -8.85 8.85
CA THR A 60 1.13 -9.12 7.41
C THR A 60 1.94 -7.96 6.80
N LEU A 61 1.69 -6.76 7.22
CA LEU A 61 2.46 -5.60 6.68
C LEU A 61 3.92 -5.73 7.12
N ILE A 62 4.15 -6.12 8.34
CA ILE A 62 5.56 -6.30 8.82
C ILE A 62 6.19 -7.43 8.03
N HIS A 63 5.50 -8.53 7.95
CA HIS A 63 6.02 -9.70 7.19
C HIS A 63 6.30 -9.29 5.75
N LEU A 64 5.37 -8.60 5.15
CA LEU A 64 5.55 -8.16 3.74
C LEU A 64 6.74 -7.20 3.63
N SER A 65 7.21 -6.67 4.74
CA SER A 65 8.37 -5.73 4.68
C SER A 65 9.69 -6.50 4.88
N GLU A 66 9.65 -7.81 4.86
CA GLU A 66 10.91 -8.58 5.05
C GLU A 66 11.56 -8.88 3.69
N GLY A 67 10.77 -8.96 2.66
CA GLY A 67 11.34 -9.24 1.30
C GLY A 67 10.20 -9.24 0.27
N SER A 68 10.47 -9.77 -0.90
CA SER A 68 9.41 -9.79 -1.96
C SER A 68 8.63 -11.11 -1.88
N ASN A 69 7.33 -11.05 -2.08
CA ASN A 69 6.50 -12.29 -2.02
C ASN A 69 5.37 -12.21 -3.04
N LYS A 70 4.79 -13.34 -3.38
CA LYS A 70 3.68 -13.33 -4.38
C LYS A 70 2.42 -12.68 -3.76
N TYR A 71 2.38 -11.38 -3.73
CA TYR A 71 1.20 -10.69 -3.14
C TYR A 71 0.53 -9.78 -4.18
N TYR A 72 -0.73 -10.00 -4.44
CA TYR A 72 -1.45 -9.15 -5.45
C TYR A 72 -2.19 -8.01 -4.74
N CYS A 73 -2.85 -7.17 -5.49
CA CYS A 73 -3.61 -6.05 -4.86
C CYS A 73 -5.11 -6.35 -4.85
N ASN A 74 -5.93 -5.36 -4.63
CA ASN A 74 -7.40 -5.60 -4.61
C ASN A 74 -7.94 -5.78 -6.04
N GLU A 75 -7.50 -4.96 -6.95
CA GLU A 75 -7.99 -5.07 -8.37
C GLU A 75 -7.24 -6.17 -9.12
N HIS A 76 -6.35 -6.87 -8.46
CA HIS A 76 -5.59 -7.95 -9.17
C HIS A 76 -5.63 -9.24 -8.34
N VAL A 77 -6.73 -9.48 -7.67
CA VAL A 77 -6.85 -10.72 -6.84
C VAL A 77 -7.93 -11.64 -7.41
N GLN A 78 -8.89 -11.07 -8.08
CA GLN A 78 -9.99 -11.90 -8.66
C GLN A 78 -9.63 -12.35 -10.09
N ILE A 79 -8.40 -12.76 -10.29
CA ILE A 79 -7.99 -13.22 -11.65
C ILE A 79 -7.13 -14.48 -11.54
N ALA A 80 -7.69 -15.62 -11.85
CA ALA A 80 -6.90 -16.89 -11.77
C ALA A 80 -6.71 -17.49 -13.16
N ARG A 81 -6.54 -16.67 -14.15
CA ARG A 81 -6.34 -17.19 -15.54
C ARG A 81 -5.88 -16.07 -16.47
N ALA A 82 -4.59 -15.93 -16.65
CA ALA A 82 -4.07 -14.85 -17.54
C ALA A 82 -3.35 -15.47 -18.75
N GLY A 1 14.28 23.98 1.63
CA GLY A 1 12.81 23.78 1.62
C GLY A 1 12.46 22.53 0.79
N PRO A 2 11.32 21.97 1.05
CA PRO A 2 10.87 20.75 0.31
C PRO A 2 10.48 21.12 -1.13
N LEU A 3 10.26 20.14 -1.95
CA LEU A 3 9.88 20.41 -3.36
C LEU A 3 8.46 19.90 -3.64
N GLY A 4 8.06 18.86 -2.98
CA GLY A 4 6.68 18.31 -3.20
C GLY A 4 6.77 16.85 -3.62
N SER A 5 7.96 16.34 -3.83
CA SER A 5 8.11 14.90 -4.25
C SER A 5 7.24 14.62 -5.48
N PRO A 6 7.69 15.09 -6.61
CA PRO A 6 6.93 14.89 -7.88
C PRO A 6 7.07 13.43 -8.35
N GLU A 7 8.13 12.77 -7.97
CA GLU A 7 8.32 11.35 -8.40
C GLU A 7 7.16 10.49 -7.89
N PHE A 8 7.01 10.39 -6.59
CA PHE A 8 5.91 9.55 -6.03
C PHE A 8 5.05 10.39 -5.06
N GLY A 9 4.29 9.75 -4.23
CA GLY A 9 3.44 10.50 -3.26
C GLY A 9 2.95 9.55 -2.16
N TYR A 10 1.74 9.74 -1.70
CA TYR A 10 1.20 8.86 -0.64
C TYR A 10 -0.31 9.12 -0.46
N TRP A 11 -0.69 10.37 -0.45
CA TRP A 11 -2.13 10.70 -0.29
C TRP A 11 -2.85 10.54 -1.63
N ILE A 12 -2.81 9.36 -2.19
CA ILE A 12 -3.46 9.14 -3.51
C ILE A 12 -4.57 8.08 -3.41
N THR A 13 -4.95 7.50 -4.51
CA THR A 13 -6.01 6.46 -4.49
C THR A 13 -5.41 5.09 -4.80
N CYS A 14 -5.00 4.37 -3.79
CA CYS A 14 -4.42 3.01 -4.00
C CYS A 14 -5.38 2.14 -4.82
N CYS A 15 -6.65 2.45 -4.78
CA CYS A 15 -7.65 1.65 -5.54
C CYS A 15 -8.55 2.60 -6.35
N PRO A 16 -9.56 2.05 -6.99
CA PRO A 16 -10.47 2.87 -7.80
C PRO A 16 -11.48 3.60 -6.90
N THR A 17 -11.44 3.34 -5.62
CA THR A 17 -12.39 4.03 -4.69
C THR A 17 -11.71 4.21 -3.32
N CYS A 18 -10.53 4.77 -3.31
CA CYS A 18 -9.81 4.97 -2.03
C CYS A 18 -9.95 6.42 -1.55
N ASP A 19 -9.72 6.64 -0.28
CA ASP A 19 -9.82 8.02 0.28
C ASP A 19 -8.79 8.19 1.40
N VAL A 20 -7.59 7.73 1.18
CA VAL A 20 -6.53 7.84 2.23
C VAL A 20 -5.96 9.27 2.26
N ASP A 21 -6.17 9.97 3.35
CA ASP A 21 -5.64 11.35 3.47
C ASP A 21 -5.24 11.61 4.92
N ILE A 22 -4.16 12.31 5.15
CA ILE A 22 -3.72 12.59 6.55
C ILE A 22 -4.88 13.17 7.37
N ASN A 23 -5.82 13.81 6.74
CA ASN A 23 -6.97 14.40 7.49
C ASN A 23 -7.71 13.29 8.26
N THR A 24 -7.74 12.11 7.70
CA THR A 24 -8.44 10.98 8.40
C THR A 24 -7.45 9.83 8.67
N TRP A 25 -6.40 9.74 7.89
CA TRP A 25 -5.41 8.65 8.10
C TRP A 25 -4.81 8.74 9.51
N VAL A 26 -3.98 7.79 9.86
CA VAL A 26 -3.35 7.81 11.20
C VAL A 26 -2.18 6.81 11.23
N PRO A 27 -1.20 7.12 12.05
CA PRO A 27 0.00 6.26 12.15
C PRO A 27 -0.29 5.03 13.00
N PHE A 28 -0.51 3.91 12.36
CA PHE A 28 -0.79 2.64 13.11
C PHE A 28 0.39 1.69 12.98
N TYR A 29 1.00 1.64 11.83
CA TYR A 29 2.16 0.73 11.61
C TYR A 29 3.29 1.07 12.59
N SER A 30 4.23 0.19 12.74
CA SER A 30 5.37 0.47 13.68
C SER A 30 6.54 1.08 12.92
N THR A 31 6.66 0.80 11.65
CA THR A 31 7.80 1.35 10.86
C THR A 31 7.43 2.74 10.31
N GLU A 32 6.17 2.99 10.10
CA GLU A 32 5.75 4.32 9.57
C GLU A 32 5.62 5.33 10.70
N LEU A 33 5.90 6.58 10.42
CA LEU A 33 5.81 7.63 11.49
C LEU A 33 4.82 8.72 11.10
N ASN A 34 4.52 8.85 9.83
CA ASN A 34 3.55 9.91 9.39
C ASN A 34 3.05 9.63 7.97
N LYS A 35 3.00 8.38 7.59
CA LYS A 35 2.52 8.04 6.22
C LYS A 35 2.13 6.56 6.14
N PRO A 36 1.20 6.27 5.27
CA PRO A 36 0.72 4.87 5.09
C PRO A 36 1.83 3.99 4.51
N ALA A 37 1.79 2.71 4.78
CA ALA A 37 2.83 1.80 4.23
C ALA A 37 2.32 1.13 2.94
N MET A 38 2.30 1.87 1.86
CA MET A 38 1.81 1.28 0.58
C MET A 38 2.59 0.03 0.22
N ILE A 39 2.14 -0.71 -0.76
CA ILE A 39 2.85 -1.96 -1.16
C ILE A 39 3.07 -1.98 -2.68
N TYR A 40 4.01 -2.76 -3.13
CA TYR A 40 4.28 -2.83 -4.59
C TYR A 40 3.62 -4.08 -5.18
N CYS A 41 2.56 -3.92 -5.92
CA CYS A 41 1.87 -5.10 -6.53
C CYS A 41 2.86 -5.91 -7.36
N SER A 42 2.61 -7.18 -7.54
CA SER A 42 3.53 -8.02 -8.35
C SER A 42 2.91 -8.36 -9.71
N HIS A 43 2.03 -7.53 -10.19
CA HIS A 43 1.39 -7.81 -11.51
C HIS A 43 2.28 -7.27 -12.63
N GLY A 44 1.81 -7.32 -13.86
CA GLY A 44 2.63 -6.81 -15.00
C GLY A 44 3.07 -5.38 -14.70
N ASP A 45 2.19 -4.58 -14.15
CA ASP A 45 2.56 -3.18 -13.82
C ASP A 45 2.44 -2.96 -12.31
N GLY A 46 3.36 -3.47 -11.55
CA GLY A 46 3.31 -3.31 -10.07
C GLY A 46 3.15 -1.83 -9.71
N HIS A 47 2.30 -1.52 -8.78
CA HIS A 47 2.10 -0.10 -8.36
C HIS A 47 2.19 0.03 -6.85
N TRP A 48 2.13 1.24 -6.37
CA TRP A 48 2.22 1.49 -4.90
C TRP A 48 0.83 1.75 -4.33
N VAL A 49 0.34 0.89 -3.46
CA VAL A 49 -1.02 1.11 -2.89
C VAL A 49 -1.04 0.79 -1.38
N HIS A 50 -1.81 1.53 -0.62
CA HIS A 50 -1.88 1.29 0.86
C HIS A 50 -2.14 -0.20 1.15
N ALA A 51 -1.81 -0.64 2.33
CA ALA A 51 -2.02 -2.07 2.68
C ALA A 51 -3.35 -2.25 3.42
N GLN A 52 -3.53 -1.56 4.51
CA GLN A 52 -4.80 -1.69 5.28
C GLN A 52 -6.00 -1.36 4.40
N CYS A 53 -5.80 -0.63 3.33
CA CYS A 53 -6.93 -0.27 2.43
C CYS A 53 -7.55 -1.53 1.84
N MET A 54 -6.80 -2.59 1.72
CA MET A 54 -7.34 -3.85 1.15
C MET A 54 -7.96 -4.72 2.25
N ASP A 55 -7.15 -5.38 3.03
CA ASP A 55 -7.67 -6.24 4.12
C ASP A 55 -6.51 -6.90 4.89
N LEU A 56 -5.46 -6.17 5.14
CA LEU A 56 -4.30 -6.74 5.88
C LEU A 56 -4.06 -5.97 7.18
N GLU A 57 -3.45 -6.60 8.16
CA GLU A 57 -3.20 -5.90 9.44
C GLU A 57 -1.74 -5.43 9.50
N GLU A 58 -1.21 -5.23 10.68
CA GLU A 58 0.20 -4.77 10.80
C GLU A 58 1.16 -5.95 10.74
N ARG A 59 0.82 -7.04 11.39
CA ARG A 59 1.72 -8.23 11.37
C ARG A 59 1.92 -8.72 9.94
N THR A 60 0.87 -9.19 9.31
CA THR A 60 1.00 -9.69 7.90
C THR A 60 1.75 -8.67 7.05
N LEU A 61 1.50 -7.40 7.26
CA LEU A 61 2.23 -6.36 6.47
C LEU A 61 3.71 -6.42 6.81
N ILE A 62 4.04 -6.66 8.06
CA ILE A 62 5.48 -6.74 8.44
C ILE A 62 6.08 -7.98 7.77
N HIS A 63 5.41 -9.09 7.90
CA HIS A 63 5.90 -10.34 7.28
C HIS A 63 6.05 -10.12 5.77
N LEU A 64 5.03 -9.60 5.15
CA LEU A 64 5.09 -9.35 3.68
C LEU A 64 6.18 -8.31 3.36
N SER A 65 6.66 -7.62 4.36
CA SER A 65 7.73 -6.60 4.11
C SER A 65 9.12 -7.25 4.23
N GLU A 66 9.19 -8.42 4.82
CA GLU A 66 10.51 -9.09 4.98
C GLU A 66 10.50 -10.47 4.31
N GLY A 67 9.35 -11.09 4.20
CA GLY A 67 9.29 -12.42 3.56
C GLY A 67 9.18 -12.27 2.04
N SER A 68 9.51 -13.28 1.30
CA SER A 68 9.43 -13.19 -0.18
C SER A 68 8.12 -13.80 -0.69
N ASN A 69 7.03 -13.14 -0.42
CA ASN A 69 5.71 -13.68 -0.88
C ASN A 69 5.19 -12.84 -2.05
N LYS A 70 4.49 -13.47 -2.97
CA LYS A 70 3.95 -12.71 -4.13
C LYS A 70 2.85 -11.74 -3.68
N TYR A 71 3.24 -10.62 -3.14
CA TYR A 71 2.22 -9.62 -2.67
C TYR A 71 1.36 -9.16 -3.85
N TYR A 72 0.08 -9.38 -3.78
CA TYR A 72 -0.81 -8.96 -4.90
C TYR A 72 -1.89 -8.01 -4.37
N CYS A 73 -2.08 -6.89 -5.01
CA CYS A 73 -3.12 -5.92 -4.55
C CYS A 73 -4.50 -6.58 -4.59
N ASN A 74 -5.55 -5.81 -4.51
CA ASN A 74 -6.92 -6.40 -4.53
C ASN A 74 -7.45 -6.47 -5.97
N GLU A 75 -7.13 -5.50 -6.79
CA GLU A 75 -7.61 -5.50 -8.19
C GLU A 75 -6.77 -6.47 -9.06
N HIS A 76 -5.82 -7.14 -8.47
CA HIS A 76 -4.98 -8.08 -9.27
C HIS A 76 -4.75 -9.38 -8.48
N VAL A 77 -5.74 -9.82 -7.75
CA VAL A 77 -5.57 -11.07 -6.96
C VAL A 77 -6.40 -12.20 -7.57
N GLN A 78 -7.49 -11.85 -8.17
CA GLN A 78 -8.37 -12.90 -8.80
C GLN A 78 -8.00 -13.08 -10.28
N ILE A 79 -6.85 -12.59 -10.68
CA ILE A 79 -6.44 -12.74 -12.11
C ILE A 79 -5.79 -14.11 -12.34
N ALA A 80 -5.23 -14.32 -13.50
CA ALA A 80 -4.58 -15.62 -13.79
C ALA A 80 -3.75 -15.52 -15.07
N ARG A 81 -3.49 -16.64 -15.71
CA ARG A 81 -2.69 -16.62 -16.98
C ARG A 81 -1.34 -15.94 -16.74
N ALA A 82 -0.31 -16.72 -16.54
CA ALA A 82 1.04 -16.12 -16.30
C ALA A 82 1.61 -15.57 -17.61
N GLY A 1 17.95 20.15 9.15
CA GLY A 1 19.17 20.28 8.30
C GLY A 1 18.76 20.53 6.84
N PRO A 2 19.72 20.85 6.03
CA PRO A 2 19.45 21.13 4.60
C PRO A 2 19.13 19.82 3.86
N LEU A 3 19.70 18.73 4.29
CA LEU A 3 19.43 17.43 3.61
C LEU A 3 17.94 17.06 3.72
N GLY A 4 17.46 16.24 2.84
CA GLY A 4 16.02 15.85 2.90
C GLY A 4 15.89 14.36 2.57
N SER A 5 14.68 13.87 2.44
CA SER A 5 14.47 12.43 2.12
C SER A 5 12.98 12.13 1.93
N PRO A 6 12.20 12.38 2.96
CA PRO A 6 10.74 12.13 2.87
C PRO A 6 10.07 13.15 1.95
N GLU A 7 9.43 12.71 0.91
CA GLU A 7 8.76 13.66 -0.03
C GLU A 7 7.27 13.33 -0.13
N PHE A 8 6.58 13.98 -1.04
CA PHE A 8 5.12 13.70 -1.20
C PHE A 8 4.89 12.50 -2.11
N GLY A 9 3.70 11.96 -2.12
CA GLY A 9 3.42 10.78 -3.00
C GLY A 9 2.70 9.69 -2.19
N TYR A 10 2.60 9.85 -0.90
CA TYR A 10 1.91 8.82 -0.07
C TYR A 10 0.42 9.15 0.06
N TRP A 11 0.09 10.42 0.11
CA TRP A 11 -1.34 10.82 0.24
C TRP A 11 -2.02 10.74 -1.14
N ILE A 12 -2.02 9.58 -1.73
CA ILE A 12 -2.66 9.43 -3.08
C ILE A 12 -3.70 8.31 -3.08
N THR A 13 -4.02 7.79 -4.22
CA THR A 13 -5.03 6.68 -4.30
C THR A 13 -4.32 5.33 -4.42
N CYS A 14 -5.05 4.26 -4.27
CA CYS A 14 -4.43 2.91 -4.37
C CYS A 14 -5.47 1.86 -4.81
N CYS A 15 -6.62 2.31 -5.27
CA CYS A 15 -7.68 1.35 -5.71
C CYS A 15 -8.88 2.14 -6.27
N PRO A 16 -9.93 1.43 -6.61
CA PRO A 16 -11.13 2.10 -7.16
C PRO A 16 -11.97 2.72 -6.03
N THR A 17 -11.55 2.55 -4.80
CA THR A 17 -12.31 3.14 -3.66
C THR A 17 -11.35 3.48 -2.52
N CYS A 18 -10.24 4.11 -2.84
CA CYS A 18 -9.25 4.46 -1.80
C CYS A 18 -9.61 5.80 -1.14
N ASP A 19 -9.08 6.06 0.03
CA ASP A 19 -9.38 7.35 0.73
C ASP A 19 -8.23 7.69 1.68
N VAL A 20 -7.03 7.34 1.34
CA VAL A 20 -5.87 7.65 2.23
C VAL A 20 -5.63 9.16 2.26
N ASP A 21 -5.65 9.74 3.43
CA ASP A 21 -5.42 11.21 3.56
C ASP A 21 -5.25 11.58 5.03
N ILE A 22 -4.19 12.27 5.37
CA ILE A 22 -3.96 12.65 6.79
C ILE A 22 -5.20 13.37 7.35
N ASN A 23 -5.97 13.99 6.51
CA ASN A 23 -7.20 14.70 6.99
C ASN A 23 -8.07 13.73 7.80
N THR A 24 -7.97 12.46 7.49
CA THR A 24 -8.78 11.44 8.22
C THR A 24 -7.95 10.17 8.41
N TRP A 25 -6.66 10.25 8.23
CA TRP A 25 -5.80 9.05 8.41
C TRP A 25 -4.96 9.15 9.69
N VAL A 26 -4.36 8.07 10.09
CA VAL A 26 -3.52 8.11 11.33
C VAL A 26 -2.42 7.03 11.23
N PRO A 27 -1.43 7.14 12.08
CA PRO A 27 -0.31 6.17 12.07
C PRO A 27 -0.80 4.82 12.62
N PHE A 28 -1.05 3.88 11.75
CA PHE A 28 -1.54 2.55 12.22
C PHE A 28 -0.35 1.59 12.39
N TYR A 29 0.71 1.81 11.67
CA TYR A 29 1.90 0.90 11.78
C TYR A 29 2.84 1.40 12.88
N SER A 30 3.60 0.52 13.47
CA SER A 30 4.53 0.95 14.56
C SER A 30 5.92 1.26 13.98
N THR A 31 6.11 1.11 12.71
CA THR A 31 7.44 1.40 12.11
C THR A 31 7.37 2.66 11.23
N GLU A 32 6.21 2.96 10.69
CA GLU A 32 6.09 4.17 9.84
C GLU A 32 6.01 5.43 10.70
N LEU A 33 6.15 6.58 10.10
CA LEU A 33 6.09 7.85 10.89
C LEU A 33 4.89 8.69 10.44
N ASN A 34 3.73 8.46 11.02
CA ASN A 34 2.52 9.25 10.63
C ASN A 34 2.32 9.22 9.11
N LYS A 35 2.48 8.07 8.51
CA LYS A 35 2.29 7.96 7.03
C LYS A 35 1.83 6.55 6.65
N PRO A 36 1.11 6.47 5.56
CA PRO A 36 0.59 5.16 5.09
C PRO A 36 1.72 4.29 4.54
N ALA A 37 1.55 3.00 4.57
CA ALA A 37 2.60 2.08 4.03
C ALA A 37 2.17 1.58 2.65
N MET A 38 2.90 1.94 1.63
CA MET A 38 2.52 1.49 0.26
C MET A 38 3.37 0.30 -0.17
N ILE A 39 2.80 -0.60 -0.93
CA ILE A 39 3.55 -1.78 -1.41
C ILE A 39 3.45 -1.87 -2.93
N TYR A 40 4.21 -2.77 -3.53
CA TYR A 40 4.15 -2.92 -5.01
C TYR A 40 3.41 -4.19 -5.39
N CYS A 41 2.49 -4.11 -6.32
CA CYS A 41 1.73 -5.32 -6.72
C CYS A 41 2.62 -6.26 -7.55
N SER A 42 2.26 -7.51 -7.64
CA SER A 42 3.08 -8.47 -8.43
C SER A 42 2.42 -8.77 -9.77
N HIS A 43 1.73 -7.81 -10.32
CA HIS A 43 1.05 -8.04 -11.64
C HIS A 43 2.02 -7.73 -12.79
N GLY A 44 1.54 -7.83 -14.00
CA GLY A 44 2.43 -7.54 -15.17
C GLY A 44 2.89 -6.09 -15.12
N ASP A 45 2.09 -5.22 -14.57
CA ASP A 45 2.48 -3.78 -14.50
C ASP A 45 3.07 -3.46 -13.12
N GLY A 46 2.47 -3.97 -12.09
CA GLY A 46 3.00 -3.70 -10.71
C GLY A 46 2.86 -2.21 -10.39
N HIS A 47 2.06 -1.87 -9.42
CA HIS A 47 1.90 -0.44 -9.04
C HIS A 47 2.09 -0.26 -7.54
N TRP A 48 2.05 0.97 -7.10
CA TRP A 48 2.24 1.25 -5.65
C TRP A 48 0.90 1.57 -4.99
N VAL A 49 0.57 0.92 -3.90
CA VAL A 49 -0.72 1.20 -3.22
C VAL A 49 -0.62 0.91 -1.71
N HIS A 50 -1.45 1.55 -0.92
CA HIS A 50 -1.39 1.31 0.56
C HIS A 50 -1.69 -0.16 0.87
N ALA A 51 -1.29 -0.62 2.03
CA ALA A 51 -1.54 -2.04 2.39
C ALA A 51 -2.86 -2.18 3.15
N GLN A 52 -3.06 -1.38 4.16
CA GLN A 52 -4.33 -1.46 4.95
C GLN A 52 -5.53 -1.18 4.05
N CYS A 53 -5.33 -0.44 2.99
CA CYS A 53 -6.47 -0.14 2.07
C CYS A 53 -7.02 -1.43 1.46
N MET A 54 -6.24 -2.48 1.45
CA MET A 54 -6.71 -3.76 0.86
C MET A 54 -7.15 -4.72 1.96
N ASP A 55 -7.80 -4.22 2.98
CA ASP A 55 -8.25 -5.11 4.10
C ASP A 55 -7.07 -5.93 4.64
N LEU A 56 -6.27 -5.35 5.49
CA LEU A 56 -5.10 -6.11 6.04
C LEU A 56 -4.75 -5.57 7.44
N GLU A 57 -3.76 -6.16 8.07
CA GLU A 57 -3.36 -5.68 9.43
C GLU A 57 -1.86 -5.41 9.46
N GLU A 58 -1.38 -4.81 10.53
CA GLU A 58 0.08 -4.52 10.63
C GLU A 58 0.89 -5.83 10.62
N ARG A 59 0.29 -6.90 11.04
CA ARG A 59 1.01 -8.21 11.06
C ARG A 59 1.20 -8.72 9.63
N THR A 60 0.12 -8.99 8.93
CA THR A 60 0.24 -9.50 7.53
C THR A 60 1.23 -8.63 6.74
N LEU A 61 1.23 -7.35 6.97
CA LEU A 61 2.18 -6.46 6.25
C LEU A 61 3.61 -6.81 6.67
N ILE A 62 3.80 -7.10 7.94
CA ILE A 62 5.16 -7.48 8.40
C ILE A 62 5.56 -8.80 7.75
N HIS A 63 4.67 -9.76 7.83
CA HIS A 63 4.95 -11.08 7.21
C HIS A 63 5.24 -10.89 5.72
N LEU A 64 4.42 -10.12 5.06
CA LEU A 64 4.63 -9.87 3.62
C LEU A 64 5.94 -9.10 3.40
N SER A 65 6.43 -8.46 4.43
CA SER A 65 7.70 -7.69 4.30
C SER A 65 8.90 -8.57 4.72
N GLU A 66 8.68 -9.83 4.92
CA GLU A 66 9.82 -10.72 5.33
C GLU A 66 10.85 -10.83 4.21
N GLY A 67 10.43 -10.65 2.99
CA GLY A 67 11.39 -10.74 1.85
C GLY A 67 10.91 -11.79 0.85
N SER A 68 11.11 -11.55 -0.42
CA SER A 68 10.67 -12.53 -1.46
C SER A 68 9.19 -12.89 -1.26
N ASN A 69 8.32 -11.91 -1.26
CA ASN A 69 6.87 -12.18 -1.06
C ASN A 69 6.06 -11.62 -2.23
N LYS A 70 5.26 -12.44 -2.86
CA LYS A 70 4.44 -11.94 -4.02
C LYS A 70 3.25 -11.14 -3.51
N TYR A 71 3.48 -9.97 -2.98
CA TYR A 71 2.35 -9.14 -2.46
C TYR A 71 1.37 -8.82 -3.59
N TYR A 72 0.12 -9.13 -3.41
CA TYR A 72 -0.89 -8.85 -4.46
C TYR A 72 -1.88 -7.79 -3.97
N CYS A 73 -2.09 -6.75 -4.73
CA CYS A 73 -3.05 -5.69 -4.31
C CYS A 73 -4.46 -6.30 -4.15
N ASN A 74 -5.47 -5.48 -4.07
CA ASN A 74 -6.85 -6.01 -3.92
C ASN A 74 -7.51 -6.22 -5.29
N GLU A 75 -7.23 -5.34 -6.23
CA GLU A 75 -7.84 -5.49 -7.59
C GLU A 75 -7.14 -6.58 -8.42
N HIS A 76 -6.15 -7.23 -7.86
CA HIS A 76 -5.44 -8.28 -8.62
C HIS A 76 -5.22 -9.52 -7.74
N VAL A 77 -6.05 -9.70 -6.74
CA VAL A 77 -5.90 -10.88 -5.84
C VAL A 77 -6.85 -12.00 -6.26
N GLN A 78 -7.95 -11.63 -6.86
CA GLN A 78 -8.94 -12.66 -7.31
C GLN A 78 -8.93 -12.79 -8.84
N ILE A 79 -8.07 -12.06 -9.50
CA ILE A 79 -8.02 -12.15 -10.99
C ILE A 79 -7.55 -13.54 -11.41
N ALA A 80 -8.32 -14.21 -12.24
CA ALA A 80 -7.93 -15.58 -12.70
C ALA A 80 -7.65 -16.49 -11.50
N ARG A 81 -6.89 -17.53 -11.69
CA ARG A 81 -6.58 -18.46 -10.56
C ARG A 81 -5.22 -19.13 -10.78
N ALA A 82 -4.64 -19.65 -9.72
CA ALA A 82 -3.31 -20.33 -9.86
C ALA A 82 -2.31 -19.40 -10.56
N GLY A 1 1.57 32.39 -5.89
CA GLY A 1 0.35 31.56 -5.70
C GLY A 1 0.72 30.27 -4.96
N PRO A 2 -0.25 29.70 -4.30
CA PRO A 2 -0.02 28.45 -3.54
C PRO A 2 0.14 27.27 -4.49
N LEU A 3 1.24 26.57 -4.41
CA LEU A 3 1.46 25.40 -5.32
C LEU A 3 1.77 24.14 -4.50
N GLY A 4 1.81 24.24 -3.20
CA GLY A 4 2.09 23.04 -2.37
C GLY A 4 0.80 22.27 -2.11
N SER A 5 -0.32 22.96 -2.06
CA SER A 5 -1.61 22.26 -1.81
C SER A 5 -1.89 21.24 -2.92
N PRO A 6 -1.87 21.70 -4.15
CA PRO A 6 -2.13 20.80 -5.29
C PRO A 6 -0.93 19.87 -5.53
N GLU A 7 -0.69 18.97 -4.61
CA GLU A 7 0.46 18.04 -4.77
C GLU A 7 0.08 16.64 -4.29
N PHE A 8 0.42 15.62 -5.04
CA PHE A 8 0.07 14.24 -4.62
C PHE A 8 1.33 13.38 -4.49
N GLY A 9 1.21 12.23 -3.89
CA GLY A 9 2.40 11.34 -3.73
C GLY A 9 2.01 10.11 -2.90
N TYR A 10 1.77 10.29 -1.63
CA TYR A 10 1.39 9.15 -0.77
C TYR A 10 -0.13 9.20 -0.47
N TRP A 11 -0.65 10.39 -0.39
CA TRP A 11 -2.12 10.55 -0.13
C TRP A 11 -2.91 10.37 -1.43
N ILE A 12 -2.77 9.24 -2.07
CA ILE A 12 -3.49 9.02 -3.36
C ILE A 12 -4.57 7.94 -3.20
N THR A 13 -5.00 7.37 -4.30
CA THR A 13 -6.05 6.31 -4.23
C THR A 13 -5.46 4.96 -4.60
N CYS A 14 -4.96 4.23 -3.63
CA CYS A 14 -4.37 2.88 -3.90
C CYS A 14 -5.34 2.02 -4.73
N CYS A 15 -6.62 2.31 -4.62
CA CYS A 15 -7.63 1.52 -5.40
C CYS A 15 -8.50 2.47 -6.22
N PRO A 16 -9.50 1.93 -6.87
CA PRO A 16 -10.39 2.77 -7.70
C PRO A 16 -11.40 3.50 -6.81
N THR A 17 -11.49 3.14 -5.56
CA THR A 17 -12.45 3.82 -4.64
C THR A 17 -11.78 4.03 -3.28
N CYS A 18 -10.57 4.53 -3.28
CA CYS A 18 -9.85 4.76 -1.99
C CYS A 18 -9.95 6.22 -1.56
N ASP A 19 -9.71 6.48 -0.31
CA ASP A 19 -9.78 7.88 0.21
C ASP A 19 -8.73 8.08 1.30
N VAL A 20 -7.55 7.54 1.11
CA VAL A 20 -6.48 7.69 2.14
C VAL A 20 -5.97 9.13 2.18
N ASP A 21 -6.17 9.80 3.28
CA ASP A 21 -5.70 11.21 3.40
C ASP A 21 -5.42 11.53 4.87
N ILE A 22 -4.33 12.20 5.14
CA ILE A 22 -4.00 12.53 6.57
C ILE A 22 -5.17 13.26 7.23
N ASN A 23 -5.98 13.95 6.45
CA ASN A 23 -7.14 14.67 7.04
C ASN A 23 -7.97 13.70 7.89
N THR A 24 -7.91 12.43 7.57
CA THR A 24 -8.67 11.42 8.35
C THR A 24 -7.83 10.15 8.51
N TRP A 25 -6.56 10.21 8.22
CA TRP A 25 -5.70 9.00 8.36
C TRP A 25 -4.76 9.15 9.56
N VAL A 26 -4.14 8.06 9.96
CA VAL A 26 -3.20 8.11 11.11
C VAL A 26 -2.17 6.98 10.97
N PRO A 27 -1.09 7.09 11.72
CA PRO A 27 -0.04 6.05 11.65
C PRO A 27 -0.53 4.74 12.29
N PHE A 28 -0.90 3.79 11.49
CA PHE A 28 -1.41 2.49 12.04
C PHE A 28 -0.25 1.50 12.19
N TYR A 29 0.79 1.66 11.41
CA TYR A 29 1.94 0.72 11.50
C TYR A 29 2.92 1.18 12.58
N SER A 30 3.56 0.25 13.26
CA SER A 30 4.53 0.63 14.32
C SER A 30 5.84 1.13 13.70
N THR A 31 6.14 0.68 12.51
CA THR A 31 7.40 1.12 11.85
C THR A 31 7.21 2.49 11.20
N GLU A 32 6.01 2.80 10.79
CA GLU A 32 5.75 4.12 10.15
C GLU A 32 5.02 5.04 11.12
N LEU A 33 5.62 6.14 11.49
CA LEU A 33 4.95 7.07 12.44
C LEU A 33 4.11 8.10 11.67
N ASN A 34 4.10 8.04 10.37
CA ASN A 34 3.29 9.01 9.58
C ASN A 34 3.06 8.49 8.15
N LYS A 35 2.02 8.95 7.51
CA LYS A 35 1.72 8.50 6.12
C LYS A 35 1.51 6.98 6.08
N PRO A 36 0.78 6.54 5.09
CA PRO A 36 0.48 5.10 4.93
C PRO A 36 1.70 4.34 4.39
N ALA A 37 1.62 3.03 4.39
CA ALA A 37 2.76 2.22 3.87
C ALA A 37 2.33 1.49 2.60
N MET A 38 2.52 2.11 1.47
CA MET A 38 2.11 1.48 0.18
C MET A 38 2.94 0.22 -0.09
N ILE A 39 2.37 -0.73 -0.79
CA ILE A 39 3.11 -1.98 -1.11
C ILE A 39 3.18 -2.17 -2.62
N TYR A 40 4.10 -2.97 -3.09
CA TYR A 40 4.22 -3.19 -4.57
C TYR A 40 3.35 -4.38 -5.00
N CYS A 41 2.41 -4.14 -5.89
CA CYS A 41 1.53 -5.25 -6.37
C CYS A 41 2.37 -6.29 -7.14
N SER A 42 1.88 -7.49 -7.26
CA SER A 42 2.65 -8.52 -8.00
C SER A 42 1.92 -8.92 -9.29
N HIS A 43 1.48 -7.95 -10.05
CA HIS A 43 0.76 -8.26 -11.32
C HIS A 43 1.34 -7.46 -12.48
N GLY A 44 2.02 -8.12 -13.39
CA GLY A 44 2.63 -7.40 -14.55
C GLY A 44 3.65 -6.37 -14.03
N ASP A 45 3.45 -5.12 -14.35
CA ASP A 45 4.42 -4.07 -13.90
C ASP A 45 4.45 -4.01 -12.37
N GLY A 46 3.40 -3.53 -11.75
CA GLY A 46 3.38 -3.46 -10.27
C GLY A 46 3.31 -1.98 -9.84
N HIS A 47 2.44 -1.67 -8.91
CA HIS A 47 2.33 -0.25 -8.44
C HIS A 47 2.37 -0.19 -6.92
N TRP A 48 2.36 0.99 -6.38
CA TRP A 48 2.42 1.16 -4.91
C TRP A 48 1.03 1.51 -4.36
N VAL A 49 0.49 0.70 -3.50
CA VAL A 49 -0.86 0.99 -2.93
C VAL A 49 -0.88 0.71 -1.42
N HIS A 50 -1.63 1.48 -0.67
CA HIS A 50 -1.70 1.29 0.81
C HIS A 50 -1.89 -0.20 1.15
N ALA A 51 -1.50 -0.60 2.33
CA ALA A 51 -1.67 -2.02 2.74
C ALA A 51 -2.93 -2.18 3.57
N GLN A 52 -3.16 -1.30 4.50
CA GLN A 52 -4.39 -1.41 5.35
C GLN A 52 -5.65 -1.29 4.47
N CYS A 53 -5.53 -0.65 3.34
CA CYS A 53 -6.72 -0.51 2.44
C CYS A 53 -7.15 -1.89 1.92
N MET A 54 -6.27 -2.86 1.96
CA MET A 54 -6.62 -4.22 1.47
C MET A 54 -6.88 -5.16 2.65
N ASP A 55 -7.42 -4.65 3.73
CA ASP A 55 -7.69 -5.50 4.92
C ASP A 55 -6.43 -6.27 5.34
N LEU A 56 -5.41 -5.56 5.74
CA LEU A 56 -4.15 -6.24 6.16
C LEU A 56 -3.86 -5.96 7.65
N GLU A 57 -2.72 -6.39 8.12
CA GLU A 57 -2.37 -6.15 9.55
C GLU A 57 -0.92 -5.67 9.67
N GLU A 58 -0.60 -4.98 10.73
CA GLU A 58 0.81 -4.49 10.91
C GLU A 58 1.79 -5.66 10.86
N ARG A 59 1.33 -6.86 11.13
CA ARG A 59 2.25 -8.03 11.10
C ARG A 59 2.42 -8.53 9.67
N THR A 60 1.36 -8.91 9.02
CA THR A 60 1.46 -9.41 7.62
C THR A 60 2.30 -8.44 6.78
N LEU A 61 2.19 -7.16 7.05
CA LEU A 61 3.02 -6.18 6.28
C LEU A 61 4.49 -6.42 6.59
N ILE A 62 4.80 -6.71 7.84
CA ILE A 62 6.21 -6.98 8.21
C ILE A 62 6.61 -8.31 7.55
N HIS A 63 5.77 -9.30 7.68
CA HIS A 63 6.05 -10.63 7.06
C HIS A 63 6.32 -10.43 5.56
N LEU A 64 5.46 -9.67 4.93
CA LEU A 64 5.63 -9.40 3.47
C LEU A 64 6.99 -8.74 3.21
N SER A 65 7.51 -8.05 4.18
CA SER A 65 8.83 -7.39 4.00
C SER A 65 9.97 -8.29 4.51
N GLU A 66 9.63 -9.37 5.18
CA GLU A 66 10.70 -10.27 5.70
C GLU A 66 10.94 -11.43 4.71
N GLY A 67 10.81 -11.17 3.44
CA GLY A 67 11.04 -12.25 2.43
C GLY A 67 9.70 -12.69 1.84
N SER A 68 9.73 -13.22 0.65
CA SER A 68 8.46 -13.68 0.00
C SER A 68 7.45 -12.53 -0.06
N ASN A 69 7.34 -11.87 -1.18
CA ASN A 69 6.37 -10.74 -1.30
C ASN A 69 5.24 -11.11 -2.26
N LYS A 70 4.81 -12.34 -2.26
CA LYS A 70 3.70 -12.75 -3.17
C LYS A 70 2.39 -12.11 -2.73
N TYR A 71 2.22 -10.84 -3.00
CA TYR A 71 0.97 -10.14 -2.59
C TYR A 71 0.43 -9.28 -3.74
N TYR A 72 -0.80 -9.49 -4.13
CA TYR A 72 -1.37 -8.67 -5.24
C TYR A 72 -2.24 -7.55 -4.66
N CYS A 73 -2.81 -6.73 -5.50
CA CYS A 73 -3.66 -5.62 -5.00
C CYS A 73 -5.14 -6.02 -5.05
N ASN A 74 -6.04 -5.08 -4.93
CA ASN A 74 -7.48 -5.41 -4.96
C ASN A 74 -7.99 -5.51 -6.41
N GLU A 75 -7.54 -4.61 -7.26
CA GLU A 75 -8.00 -4.64 -8.68
C GLU A 75 -7.23 -5.70 -9.49
N HIS A 76 -6.38 -6.45 -8.86
CA HIS A 76 -5.61 -7.49 -9.62
C HIS A 76 -5.66 -8.83 -8.88
N VAL A 77 -6.73 -9.08 -8.17
CA VAL A 77 -6.84 -10.37 -7.43
C VAL A 77 -7.69 -11.37 -8.21
N GLN A 78 -8.57 -10.87 -9.02
CA GLN A 78 -9.44 -11.77 -9.83
C GLN A 78 -9.45 -11.33 -11.30
N ILE A 79 -8.36 -11.53 -11.99
CA ILE A 79 -8.30 -11.12 -13.43
C ILE A 79 -8.42 -12.35 -14.33
N ALA A 80 -9.46 -12.42 -15.12
CA ALA A 80 -9.65 -13.59 -16.02
C ALA A 80 -10.60 -13.24 -17.16
N ARG A 81 -11.68 -12.57 -16.85
CA ARG A 81 -12.66 -12.20 -17.91
C ARG A 81 -12.73 -10.67 -18.05
N ALA A 82 -13.07 -10.18 -19.21
CA ALA A 82 -13.15 -8.70 -19.41
C ALA A 82 -11.86 -8.03 -18.96
N GLY A 1 17.17 21.71 -7.69
CA GLY A 1 17.24 22.16 -6.28
C GLY A 1 17.94 21.09 -5.43
N PRO A 2 18.19 21.43 -4.19
CA PRO A 2 18.86 20.48 -3.28
C PRO A 2 17.91 19.35 -2.87
N LEU A 3 16.72 19.69 -2.44
CA LEU A 3 15.74 18.64 -2.04
C LEU A 3 14.74 18.39 -3.16
N GLY A 4 14.28 17.18 -3.29
CA GLY A 4 13.30 16.86 -4.37
C GLY A 4 12.07 16.17 -3.77
N SER A 5 11.95 16.15 -2.47
CA SER A 5 10.78 15.50 -1.80
C SER A 5 10.50 14.11 -2.42
N PRO A 6 11.35 13.17 -2.09
CA PRO A 6 11.19 11.79 -2.62
C PRO A 6 10.00 11.10 -1.95
N GLU A 7 9.70 11.46 -0.73
CA GLU A 7 8.55 10.83 -0.02
C GLU A 7 7.31 11.74 -0.11
N PHE A 8 6.56 11.60 -1.17
CA PHE A 8 5.33 12.45 -1.32
C PHE A 8 4.17 11.60 -1.85
N GLY A 9 4.42 10.71 -2.75
CA GLY A 9 3.33 9.86 -3.30
C GLY A 9 2.81 8.92 -2.20
N TYR A 10 1.63 9.19 -1.70
CA TYR A 10 1.06 8.32 -0.63
C TYR A 10 -0.42 8.65 -0.43
N TRP A 11 -0.77 9.91 -0.45
CA TRP A 11 -2.19 10.30 -0.27
C TRP A 11 -2.95 10.09 -1.58
N ILE A 12 -2.95 8.88 -2.09
CA ILE A 12 -3.65 8.61 -3.38
C ILE A 12 -4.82 7.64 -3.16
N THR A 13 -5.30 7.03 -4.22
CA THR A 13 -6.42 6.08 -4.09
C THR A 13 -5.96 4.66 -4.40
N CYS A 14 -5.39 3.99 -3.43
CA CYS A 14 -4.91 2.59 -3.65
C CYS A 14 -6.04 1.73 -4.24
N CYS A 15 -7.27 2.10 -3.99
CA CYS A 15 -8.42 1.33 -4.54
C CYS A 15 -9.32 2.26 -5.37
N PRO A 16 -10.45 1.75 -5.80
CA PRO A 16 -11.39 2.57 -6.60
C PRO A 16 -12.18 3.51 -5.70
N THR A 17 -12.40 3.12 -4.47
CA THR A 17 -13.16 3.99 -3.53
C THR A 17 -12.29 4.33 -2.32
N CYS A 18 -11.01 4.52 -2.55
CA CYS A 18 -10.09 4.85 -1.42
C CYS A 18 -10.04 6.35 -1.19
N ASP A 19 -9.63 6.75 -0.01
CA ASP A 19 -9.55 8.21 0.30
C ASP A 19 -8.46 8.45 1.36
N VAL A 20 -7.38 7.73 1.27
CA VAL A 20 -6.28 7.90 2.27
C VAL A 20 -5.73 9.33 2.21
N ASP A 21 -5.97 10.10 3.22
CA ASP A 21 -5.49 11.51 3.25
C ASP A 21 -5.16 11.91 4.69
N ILE A 22 -4.02 12.50 4.91
CA ILE A 22 -3.65 12.91 6.30
C ILE A 22 -4.76 13.75 6.94
N ASN A 23 -5.51 14.47 6.13
CA ASN A 23 -6.62 15.29 6.69
C ASN A 23 -7.55 14.40 7.52
N THR A 24 -7.59 13.13 7.21
CA THR A 24 -8.44 12.19 7.97
C THR A 24 -7.69 10.87 8.20
N TRP A 25 -6.40 10.86 8.00
CA TRP A 25 -5.62 9.61 8.21
C TRP A 25 -4.69 9.75 9.41
N VAL A 26 -4.14 8.67 9.86
CA VAL A 26 -3.20 8.71 11.02
C VAL A 26 -2.21 7.55 10.94
N PRO A 27 -1.13 7.65 11.68
CA PRO A 27 -0.11 6.57 11.68
C PRO A 27 -0.66 5.32 12.38
N PHE A 28 -1.07 4.34 11.61
CA PHE A 28 -1.61 3.09 12.22
C PHE A 28 -0.49 2.06 12.40
N TYR A 29 0.54 2.15 11.61
CA TYR A 29 1.66 1.18 11.73
C TYR A 29 2.76 1.75 12.63
N SER A 30 3.61 0.91 13.16
CA SER A 30 4.71 1.40 14.05
C SER A 30 5.92 1.83 13.21
N THR A 31 6.26 1.06 12.21
CA THR A 31 7.43 1.43 11.35
C THR A 31 7.19 2.77 10.67
N GLU A 32 5.95 3.13 10.46
CA GLU A 32 5.65 4.43 9.80
C GLU A 32 5.56 5.54 10.85
N LEU A 33 5.84 6.76 10.46
CA LEU A 33 5.77 7.89 11.44
C LEU A 33 4.47 8.68 11.22
N ASN A 34 4.15 9.00 10.00
CA ASN A 34 2.91 9.77 9.73
C ASN A 34 2.36 9.43 8.33
N LYS A 35 2.72 8.30 7.80
CA LYS A 35 2.21 7.91 6.45
C LYS A 35 1.84 6.43 6.43
N PRO A 36 1.03 6.07 5.46
CA PRO A 36 0.59 4.66 5.33
C PRO A 36 1.71 3.78 4.74
N ALA A 37 1.67 2.51 5.02
CA ALA A 37 2.73 1.59 4.50
C ALA A 37 2.21 0.88 3.24
N MET A 38 2.08 1.60 2.16
CA MET A 38 1.58 0.98 0.90
C MET A 38 2.47 -0.18 0.46
N ILE A 39 1.88 -1.23 -0.06
CA ILE A 39 2.68 -2.40 -0.53
C ILE A 39 2.81 -2.35 -2.05
N TYR A 40 3.72 -3.10 -2.61
CA TYR A 40 3.89 -3.09 -4.09
C TYR A 40 3.21 -4.29 -4.74
N CYS A 41 2.49 -4.09 -5.81
CA CYS A 41 1.81 -5.23 -6.49
C CYS A 41 2.82 -6.02 -7.32
N SER A 42 2.51 -7.25 -7.65
CA SER A 42 3.46 -8.07 -8.45
C SER A 42 2.84 -8.39 -9.81
N HIS A 43 2.17 -7.44 -10.40
CA HIS A 43 1.54 -7.68 -11.74
C HIS A 43 1.94 -6.56 -12.72
N GLY A 44 2.47 -6.93 -13.86
CA GLY A 44 2.86 -5.90 -14.86
C GLY A 44 3.99 -5.03 -14.28
N ASP A 45 3.88 -3.74 -14.40
CA ASP A 45 4.94 -2.83 -13.85
C ASP A 45 4.96 -2.91 -12.32
N GLY A 46 3.82 -2.78 -11.70
CA GLY A 46 3.79 -2.84 -10.21
C GLY A 46 3.53 -1.44 -9.64
N HIS A 47 2.57 -1.32 -8.77
CA HIS A 47 2.28 0.02 -8.16
C HIS A 47 2.22 -0.09 -6.64
N TRP A 48 2.05 1.02 -5.99
CA TRP A 48 2.00 1.02 -4.50
C TRP A 48 0.59 1.31 -4.00
N VAL A 49 0.11 0.55 -3.05
CA VAL A 49 -1.26 0.78 -2.51
C VAL A 49 -1.30 0.48 -1.00
N HIS A 50 -2.09 1.20 -0.26
CA HIS A 50 -2.16 0.96 1.23
C HIS A 50 -2.49 -0.50 1.53
N ALA A 51 -2.07 -0.99 2.66
CA ALA A 51 -2.36 -2.40 3.03
C ALA A 51 -3.67 -2.50 3.79
N GLN A 52 -3.86 -1.66 4.78
CA GLN A 52 -5.13 -1.71 5.56
C GLN A 52 -6.33 -1.48 4.64
N CYS A 53 -6.15 -0.71 3.60
CA CYS A 53 -7.28 -0.45 2.65
C CYS A 53 -7.76 -1.78 2.04
N MET A 54 -6.90 -2.78 2.01
CA MET A 54 -7.30 -4.09 1.42
C MET A 54 -7.76 -5.04 2.52
N ASP A 55 -6.84 -5.55 3.30
CA ASP A 55 -7.21 -6.48 4.40
C ASP A 55 -5.95 -6.97 5.12
N LEU A 56 -4.99 -6.11 5.32
CA LEU A 56 -3.74 -6.54 6.01
C LEU A 56 -3.51 -5.70 7.27
N GLU A 57 -2.51 -6.04 8.04
CA GLU A 57 -2.23 -5.25 9.28
C GLU A 57 -0.74 -4.87 9.33
N GLU A 58 -0.27 -4.42 10.46
CA GLU A 58 1.16 -4.02 10.57
C GLU A 58 2.05 -5.27 10.49
N ARG A 59 1.66 -6.34 11.13
CA ARG A 59 2.49 -7.58 11.09
C ARG A 59 2.56 -8.11 9.64
N THR A 60 1.43 -8.36 9.03
CA THR A 60 1.44 -8.88 7.63
C THR A 60 2.40 -8.07 6.76
N LEU A 61 2.50 -6.78 7.00
CA LEU A 61 3.43 -5.94 6.20
C LEU A 61 4.86 -6.38 6.49
N ILE A 62 5.17 -6.65 7.73
CA ILE A 62 6.54 -7.10 8.07
C ILE A 62 6.78 -8.48 7.44
N HIS A 63 5.84 -9.36 7.63
CA HIS A 63 5.95 -10.72 7.06
C HIS A 63 6.10 -10.61 5.54
N LEU A 64 5.30 -9.77 4.94
CA LEU A 64 5.37 -9.59 3.46
C LEU A 64 6.77 -9.11 3.04
N SER A 65 7.51 -8.56 3.97
CA SER A 65 8.88 -8.07 3.62
C SER A 65 9.93 -9.15 3.92
N GLU A 66 9.55 -10.19 4.63
CA GLU A 66 10.52 -11.26 4.97
C GLU A 66 10.12 -12.58 4.30
N GLY A 67 8.86 -12.76 4.03
CA GLY A 67 8.40 -14.02 3.38
C GLY A 67 8.77 -13.99 1.90
N SER A 68 7.95 -14.57 1.06
CA SER A 68 8.24 -14.57 -0.40
C SER A 68 7.54 -13.39 -1.10
N ASN A 69 7.13 -12.40 -0.33
CA ASN A 69 6.43 -11.21 -0.92
C ASN A 69 5.49 -11.61 -2.06
N LYS A 70 4.91 -12.77 -1.98
CA LYS A 70 3.96 -13.21 -3.05
C LYS A 70 2.58 -12.59 -2.84
N TYR A 71 2.49 -11.29 -2.95
CA TYR A 71 1.18 -10.61 -2.73
C TYR A 71 0.78 -9.81 -3.98
N TYR A 72 -0.50 -9.75 -4.25
CA TYR A 72 -0.98 -8.98 -5.44
C TYR A 72 -2.10 -8.03 -5.02
N CYS A 73 -2.21 -6.90 -5.66
CA CYS A 73 -3.28 -5.93 -5.30
C CYS A 73 -4.66 -6.58 -5.49
N ASN A 74 -5.70 -5.79 -5.51
CA ASN A 74 -7.07 -6.36 -5.69
C ASN A 74 -7.45 -6.39 -7.18
N GLU A 75 -7.03 -5.40 -7.93
CA GLU A 75 -7.39 -5.38 -9.38
C GLU A 75 -6.46 -6.27 -10.21
N HIS A 76 -5.57 -7.00 -9.58
CA HIS A 76 -4.66 -7.89 -10.34
C HIS A 76 -4.55 -9.26 -9.67
N VAL A 77 -5.49 -9.60 -8.83
CA VAL A 77 -5.44 -10.92 -8.14
C VAL A 77 -6.10 -11.99 -9.01
N GLN A 78 -7.03 -11.58 -9.83
CA GLN A 78 -7.72 -12.55 -10.73
C GLN A 78 -8.12 -11.86 -12.04
N ILE A 79 -7.23 -11.09 -12.61
CA ILE A 79 -7.56 -10.39 -13.88
C ILE A 79 -7.98 -11.39 -14.96
N ALA A 80 -9.15 -11.21 -15.52
CA ALA A 80 -9.63 -12.16 -16.57
C ALA A 80 -9.72 -11.44 -17.93
N ARG A 81 -8.63 -10.90 -18.40
CA ARG A 81 -8.66 -10.19 -19.71
C ARG A 81 -9.00 -11.17 -20.83
N ALA A 82 -10.14 -11.03 -21.43
CA ALA A 82 -10.53 -11.96 -22.53
C ALA A 82 -9.75 -11.63 -23.80
N GLY A 1 5.80 31.13 5.82
CA GLY A 1 6.45 31.66 4.59
C GLY A 1 6.77 30.52 3.64
N PRO A 2 7.75 30.73 2.80
CA PRO A 2 8.15 29.69 1.81
C PRO A 2 8.89 28.56 2.52
N LEU A 3 8.17 27.67 3.15
CA LEU A 3 8.83 26.53 3.86
C LEU A 3 9.15 25.41 2.86
N GLY A 4 8.16 24.93 2.15
CA GLY A 4 8.40 23.84 1.17
C GLY A 4 7.94 22.51 1.77
N SER A 5 7.41 21.63 0.96
CA SER A 5 6.94 20.31 1.48
C SER A 5 6.84 19.30 0.34
N PRO A 6 7.97 18.93 -0.20
CA PRO A 6 8.00 17.95 -1.32
C PRO A 6 7.68 16.55 -0.81
N GLU A 7 6.47 16.08 -1.02
CA GLU A 7 6.11 14.71 -0.54
C GLU A 7 6.53 13.67 -1.56
N PHE A 8 6.32 12.41 -1.27
CA PHE A 8 6.71 11.33 -2.22
C PHE A 8 5.49 10.87 -3.02
N GLY A 9 4.38 10.65 -2.35
CA GLY A 9 3.15 10.18 -3.06
C GLY A 9 2.42 9.16 -2.19
N TYR A 10 2.29 9.43 -0.93
CA TYR A 10 1.57 8.48 -0.03
C TYR A 10 0.08 8.83 0.04
N TRP A 11 -0.24 10.09 0.07
CA TRP A 11 -1.66 10.51 0.12
C TRP A 11 -2.29 10.37 -1.26
N ILE A 12 -2.27 9.18 -1.81
CA ILE A 12 -2.84 8.97 -3.17
C ILE A 12 -3.93 7.89 -3.12
N THR A 13 -4.24 7.30 -4.25
CA THR A 13 -5.30 6.25 -4.27
C THR A 13 -4.69 4.89 -4.65
N CYS A 14 -4.53 4.03 -3.67
CA CYS A 14 -3.96 2.68 -3.94
C CYS A 14 -4.91 1.85 -4.83
N CYS A 15 -6.14 2.28 -4.95
CA CYS A 15 -7.12 1.53 -5.79
C CYS A 15 -7.91 2.52 -6.67
N PRO A 16 -8.94 2.04 -7.33
CA PRO A 16 -9.75 2.94 -8.20
C PRO A 16 -10.71 3.78 -7.36
N THR A 17 -10.98 3.36 -6.15
CA THR A 17 -11.89 4.14 -5.26
C THR A 17 -11.28 4.26 -3.87
N CYS A 18 -10.10 4.80 -3.79
CA CYS A 18 -9.42 4.94 -2.47
C CYS A 18 -9.74 6.30 -1.84
N ASP A 19 -9.48 6.43 -0.56
CA ASP A 19 -9.75 7.72 0.14
C ASP A 19 -8.71 7.93 1.24
N VAL A 20 -7.53 7.41 1.05
CA VAL A 20 -6.47 7.57 2.10
C VAL A 20 -5.99 9.02 2.14
N ASP A 21 -6.11 9.64 3.27
CA ASP A 21 -5.66 11.05 3.42
C ASP A 21 -5.45 11.39 4.89
N ILE A 22 -4.42 12.12 5.22
CA ILE A 22 -4.18 12.46 6.66
C ILE A 22 -5.41 13.12 7.26
N ASN A 23 -6.19 13.82 6.47
CA ASN A 23 -7.42 14.47 7.02
C ASN A 23 -8.29 13.43 7.72
N THR A 24 -8.22 12.20 7.28
CA THR A 24 -9.02 11.12 7.91
C THR A 24 -8.14 9.89 8.19
N TRP A 25 -6.85 10.04 8.07
CA TRP A 25 -5.94 8.88 8.33
C TRP A 25 -5.14 9.10 9.60
N VAL A 26 -4.49 8.07 10.08
CA VAL A 26 -3.67 8.20 11.31
C VAL A 26 -2.54 7.15 11.29
N PRO A 27 -1.56 7.34 12.14
CA PRO A 27 -0.43 6.39 12.21
C PRO A 27 -0.89 5.06 12.80
N PHE A 28 -1.08 4.06 11.97
CA PHE A 28 -1.54 2.74 12.47
C PHE A 28 -0.34 1.83 12.73
N TYR A 29 0.72 2.00 11.98
CA TYR A 29 1.92 1.14 12.18
C TYR A 29 2.90 1.82 13.13
N SER A 30 3.86 1.09 13.66
CA SER A 30 4.84 1.70 14.59
C SER A 30 6.10 2.15 13.83
N THR A 31 6.36 1.54 12.70
CA THR A 31 7.57 1.94 11.91
C THR A 31 7.26 3.13 11.01
N GLU A 32 6.01 3.34 10.68
CA GLU A 32 5.65 4.50 9.80
C GLU A 32 5.25 5.71 10.66
N LEU A 33 5.62 6.89 10.24
CA LEU A 33 5.27 8.11 11.03
C LEU A 33 4.30 9.00 10.23
N ASN A 34 3.06 9.08 10.66
CA ASN A 34 2.06 9.92 9.94
C ASN A 34 2.05 9.57 8.45
N LYS A 35 2.01 8.31 8.13
CA LYS A 35 1.98 7.90 6.69
C LYS A 35 1.55 6.44 6.55
N PRO A 36 0.73 6.17 5.56
CA PRO A 36 0.24 4.79 5.34
C PRO A 36 1.38 3.87 4.86
N ALA A 37 1.24 2.59 5.05
CA ALA A 37 2.30 1.64 4.61
C ALA A 37 1.86 0.97 3.31
N MET A 38 2.29 1.48 2.19
CA MET A 38 1.89 0.89 0.89
C MET A 38 2.68 -0.39 0.61
N ILE A 39 2.31 -1.12 -0.40
CA ILE A 39 3.04 -2.38 -0.74
C ILE A 39 3.25 -2.47 -2.25
N TYR A 40 4.06 -3.38 -2.68
CA TYR A 40 4.33 -3.53 -4.13
C TYR A 40 3.48 -4.67 -4.71
N CYS A 41 2.50 -4.34 -5.52
CA CYS A 41 1.64 -5.41 -6.12
C CYS A 41 2.50 -6.42 -6.89
N SER A 42 2.00 -7.60 -7.11
CA SER A 42 2.78 -8.63 -7.85
C SER A 42 2.14 -8.90 -9.22
N HIS A 43 1.54 -7.89 -9.81
CA HIS A 43 0.89 -8.08 -11.14
C HIS A 43 1.37 -7.01 -12.13
N GLY A 44 1.64 -7.39 -13.34
CA GLY A 44 2.12 -6.40 -14.35
C GLY A 44 3.46 -5.82 -13.91
N ASP A 45 3.52 -4.53 -13.68
CA ASP A 45 4.80 -3.90 -13.26
C ASP A 45 4.82 -3.70 -11.73
N GLY A 46 3.76 -4.06 -11.05
CA GLY A 46 3.73 -3.89 -9.57
C GLY A 46 3.74 -2.40 -9.22
N HIS A 47 2.83 -1.97 -8.38
CA HIS A 47 2.79 -0.54 -7.99
C HIS A 47 2.74 -0.41 -6.48
N TRP A 48 2.78 0.80 -6.00
CA TRP A 48 2.74 1.04 -4.52
C TRP A 48 1.30 1.33 -4.07
N VAL A 49 0.77 0.52 -3.19
CA VAL A 49 -0.63 0.76 -2.72
C VAL A 49 -0.75 0.47 -1.21
N HIS A 50 -1.53 1.25 -0.52
CA HIS A 50 -1.70 1.04 0.97
C HIS A 50 -1.96 -0.43 1.31
N ALA A 51 -1.53 -0.86 2.46
CA ALA A 51 -1.74 -2.27 2.86
C ALA A 51 -3.05 -2.39 3.66
N GLN A 52 -3.22 -1.57 4.66
CA GLN A 52 -4.46 -1.63 5.48
C GLN A 52 -5.69 -1.40 4.60
N CYS A 53 -5.54 -0.68 3.52
CA CYS A 53 -6.70 -0.42 2.61
C CYS A 53 -7.35 -1.74 2.20
N MET A 54 -6.61 -2.82 2.23
CA MET A 54 -7.20 -4.13 1.83
C MET A 54 -7.72 -4.86 3.07
N ASP A 55 -6.84 -5.37 3.90
CA ASP A 55 -7.28 -6.09 5.13
C ASP A 55 -6.06 -6.69 5.84
N LEU A 56 -4.98 -5.97 5.90
CA LEU A 56 -3.76 -6.51 6.57
C LEU A 56 -3.51 -5.75 7.89
N GLU A 57 -2.58 -6.22 8.67
CA GLU A 57 -2.28 -5.54 9.97
C GLU A 57 -0.79 -5.18 10.04
N GLU A 58 -0.28 -4.94 11.22
CA GLU A 58 1.16 -4.59 11.36
C GLU A 58 2.04 -5.83 11.16
N ARG A 59 1.53 -6.98 11.50
CA ARG A 59 2.33 -8.23 11.32
C ARG A 59 2.40 -8.61 9.85
N THR A 60 1.27 -8.91 9.25
CA THR A 60 1.27 -9.29 7.80
C THR A 60 2.13 -8.32 6.99
N LEU A 61 2.08 -7.06 7.31
CA LEU A 61 2.92 -6.07 6.56
C LEU A 61 4.39 -6.38 6.80
N ILE A 62 4.75 -6.73 8.00
CA ILE A 62 6.18 -7.07 8.28
C ILE A 62 6.55 -8.32 7.49
N HIS A 63 5.71 -9.33 7.59
CA HIS A 63 5.98 -10.59 6.86
C HIS A 63 6.10 -10.28 5.36
N LEU A 64 5.16 -9.54 4.84
CA LEU A 64 5.21 -9.19 3.38
C LEU A 64 6.44 -8.31 3.09
N SER A 65 7.04 -7.75 4.12
CA SER A 65 8.24 -6.89 3.89
C SER A 65 9.49 -7.76 3.73
N GLU A 66 9.36 -9.05 3.86
CA GLU A 66 10.55 -9.95 3.71
C GLU A 66 10.86 -10.19 2.23
N GLY A 67 10.07 -9.65 1.35
CA GLY A 67 10.31 -9.86 -0.10
C GLY A 67 9.83 -11.25 -0.51
N SER A 68 9.68 -11.49 -1.79
CA SER A 68 9.20 -12.83 -2.25
C SER A 68 7.91 -13.23 -1.53
N ASN A 69 6.79 -12.75 -2.01
CA ASN A 69 5.49 -13.09 -1.36
C ASN A 69 4.38 -13.20 -2.40
N LYS A 70 3.55 -14.21 -2.30
CA LYS A 70 2.45 -14.37 -3.30
C LYS A 70 1.28 -13.45 -2.93
N TYR A 71 1.49 -12.17 -2.98
CA TYR A 71 0.39 -11.21 -2.63
C TYR A 71 0.00 -10.38 -3.85
N TYR A 72 -1.25 -10.03 -3.96
CA TYR A 72 -1.71 -9.21 -5.12
C TYR A 72 -2.67 -8.12 -4.64
N CYS A 73 -2.57 -6.94 -5.20
CA CYS A 73 -3.46 -5.83 -4.77
C CYS A 73 -4.94 -6.22 -5.00
N ASN A 74 -5.84 -5.28 -4.95
CA ASN A 74 -7.28 -5.60 -5.16
C ASN A 74 -7.65 -5.45 -6.64
N GLU A 75 -7.13 -4.44 -7.29
CA GLU A 75 -7.45 -4.23 -8.73
C GLU A 75 -6.80 -5.31 -9.61
N HIS A 76 -6.00 -6.17 -9.04
CA HIS A 76 -5.35 -7.24 -9.85
C HIS A 76 -5.51 -8.60 -9.17
N VAL A 77 -6.69 -8.89 -8.69
CA VAL A 77 -6.93 -10.19 -8.03
C VAL A 77 -7.82 -11.08 -8.89
N GLN A 78 -8.68 -10.47 -9.66
CA GLN A 78 -9.59 -11.25 -10.54
C GLN A 78 -8.84 -11.76 -11.77
N ILE A 79 -7.78 -11.09 -12.14
CA ILE A 79 -7.00 -11.53 -13.35
C ILE A 79 -5.94 -12.55 -12.94
N ALA A 80 -6.29 -13.81 -12.90
CA ALA A 80 -5.31 -14.87 -12.51
C ALA A 80 -4.89 -15.68 -13.74
N ARG A 81 -5.74 -15.74 -14.73
CA ARG A 81 -5.39 -16.53 -15.96
C ARG A 81 -4.29 -15.82 -16.75
N ALA A 82 -3.65 -16.51 -17.65
CA ALA A 82 -2.56 -15.88 -18.46
C ALA A 82 -2.79 -16.14 -19.95
N GLY A 1 23.90 7.76 -2.78
CA GLY A 1 23.47 6.39 -2.39
C GLY A 1 21.95 6.32 -2.31
N PRO A 2 21.33 6.05 -3.44
CA PRO A 2 19.86 5.96 -3.49
C PRO A 2 19.38 4.68 -2.80
N LEU A 3 18.31 4.75 -2.05
CA LEU A 3 17.80 3.54 -1.36
C LEU A 3 16.67 2.91 -2.18
N GLY A 4 17.00 2.23 -3.24
CA GLY A 4 15.95 1.59 -4.08
C GLY A 4 15.34 2.63 -5.01
N SER A 5 14.04 2.59 -5.19
CA SER A 5 13.38 3.58 -6.08
C SER A 5 12.25 4.30 -5.33
N PRO A 6 12.61 4.99 -4.28
CA PRO A 6 11.61 5.73 -3.47
C PRO A 6 11.11 6.96 -4.23
N GLU A 7 9.83 7.24 -4.16
CA GLU A 7 9.29 8.43 -4.88
C GLU A 7 8.93 9.53 -3.87
N PHE A 8 7.66 9.76 -3.63
CA PHE A 8 7.25 10.82 -2.66
C PHE A 8 5.73 10.84 -2.48
N GLY A 9 5.01 10.59 -3.54
CA GLY A 9 3.52 10.59 -3.44
C GLY A 9 3.06 9.60 -2.37
N TYR A 10 1.86 9.76 -1.87
CA TYR A 10 1.35 8.84 -0.82
C TYR A 10 -0.16 9.05 -0.64
N TRP A 11 -0.60 10.27 -0.64
CA TRP A 11 -2.05 10.56 -0.48
C TRP A 11 -2.76 10.36 -1.81
N ILE A 12 -2.67 9.17 -2.36
CA ILE A 12 -3.32 8.91 -3.68
C ILE A 12 -4.42 7.84 -3.56
N THR A 13 -4.77 7.24 -4.67
CA THR A 13 -5.84 6.19 -4.64
C THR A 13 -5.23 4.81 -4.92
N CYS A 14 -5.07 4.02 -3.89
CA CYS A 14 -4.49 2.66 -4.07
C CYS A 14 -5.52 1.71 -4.73
N CYS A 15 -6.77 2.09 -4.73
CA CYS A 15 -7.82 1.23 -5.35
C CYS A 15 -9.05 2.07 -5.70
N PRO A 16 -9.98 1.47 -6.41
CA PRO A 16 -11.21 2.22 -6.79
C PRO A 16 -12.07 2.51 -5.56
N THR A 17 -11.78 1.87 -4.46
CA THR A 17 -12.56 2.12 -3.21
C THR A 17 -11.61 2.57 -2.10
N CYS A 18 -10.68 3.41 -2.43
CA CYS A 18 -9.69 3.89 -1.42
C CYS A 18 -10.25 5.08 -0.62
N ASP A 19 -9.67 5.36 0.52
CA ASP A 19 -10.13 6.51 1.34
C ASP A 19 -8.97 7.04 2.18
N VAL A 20 -7.77 6.95 1.68
CA VAL A 20 -6.58 7.43 2.44
C VAL A 20 -6.47 8.96 2.33
N ASP A 21 -6.34 9.61 3.44
CA ASP A 21 -6.21 11.10 3.42
C ASP A 21 -5.82 11.59 4.82
N ILE A 22 -4.69 12.26 4.92
CA ILE A 22 -4.24 12.74 6.26
C ILE A 22 -5.37 13.46 7.01
N ASN A 23 -6.30 14.03 6.30
CA ASN A 23 -7.44 14.74 6.97
C ASN A 23 -8.10 13.77 7.96
N THR A 24 -8.13 12.51 7.63
CA THR A 24 -8.77 11.51 8.53
C THR A 24 -7.77 10.38 8.85
N TRP A 25 -6.76 10.21 8.04
CA TRP A 25 -5.75 9.14 8.29
C TRP A 25 -4.90 9.47 9.51
N VAL A 26 -4.17 8.51 10.00
CA VAL A 26 -3.29 8.76 11.18
C VAL A 26 -2.11 7.78 11.17
N PRO A 27 -1.11 8.08 11.95
CA PRO A 27 0.09 7.20 12.03
C PRO A 27 -0.26 5.89 12.76
N PHE A 28 -0.37 4.81 12.04
CA PHE A 28 -0.71 3.52 12.70
C PHE A 28 0.50 2.56 12.65
N TYR A 29 1.27 2.63 11.60
CA TYR A 29 2.46 1.73 11.49
C TYR A 29 3.61 2.29 12.33
N SER A 30 4.53 1.44 12.74
CA SER A 30 5.67 1.91 13.57
C SER A 30 6.83 2.35 12.67
N THR A 31 7.07 1.63 11.60
CA THR A 31 8.19 1.99 10.68
C THR A 31 7.97 3.40 10.11
N GLU A 32 6.75 3.84 10.01
CA GLU A 32 6.48 5.20 9.46
C GLU A 32 6.29 6.20 10.60
N LEU A 33 5.99 7.43 10.28
CA LEU A 33 5.78 8.46 11.35
C LEU A 33 4.45 9.18 11.15
N ASN A 34 4.09 9.45 9.92
CA ASN A 34 2.81 10.16 9.66
C ASN A 34 2.32 9.88 8.23
N LYS A 35 2.56 8.70 7.74
CA LYS A 35 2.12 8.36 6.36
C LYS A 35 1.74 6.87 6.27
N PRO A 36 0.88 6.56 5.33
CA PRO A 36 0.43 5.15 5.14
C PRO A 36 1.58 4.27 4.65
N ALA A 37 1.50 3.00 4.89
CA ALA A 37 2.58 2.07 4.43
C ALA A 37 2.21 1.52 3.05
N MET A 38 2.61 2.21 2.01
CA MET A 38 2.27 1.73 0.63
C MET A 38 3.13 0.52 0.25
N ILE A 39 2.62 -0.33 -0.60
CA ILE A 39 3.39 -1.53 -1.02
C ILE A 39 3.45 -1.60 -2.55
N TYR A 40 4.37 -2.36 -3.08
CA TYR A 40 4.46 -2.46 -4.57
C TYR A 40 3.75 -3.73 -5.06
N CYS A 41 2.89 -3.59 -6.04
CA CYS A 41 2.16 -4.78 -6.56
C CYS A 41 3.06 -5.57 -7.52
N SER A 42 2.79 -6.83 -7.70
CA SER A 42 3.63 -7.65 -8.63
C SER A 42 2.87 -7.90 -9.94
N HIS A 43 2.05 -6.97 -10.35
CA HIS A 43 1.28 -7.15 -11.61
C HIS A 43 1.82 -6.22 -12.70
N GLY A 44 2.63 -6.75 -13.59
CA GLY A 44 3.19 -5.91 -14.68
C GLY A 44 4.25 -4.96 -14.11
N ASP A 45 4.14 -3.69 -14.39
CA ASP A 45 5.12 -2.72 -13.86
C ASP A 45 5.03 -2.62 -12.34
N GLY A 46 3.86 -2.87 -11.79
CA GLY A 46 3.69 -2.80 -10.31
C GLY A 46 3.46 -1.34 -9.89
N HIS A 47 2.56 -1.12 -8.97
CA HIS A 47 2.31 0.28 -8.50
C HIS A 47 2.36 0.34 -6.98
N TRP A 48 2.22 1.52 -6.44
CA TRP A 48 2.27 1.67 -4.97
C TRP A 48 0.85 1.83 -4.40
N VAL A 49 0.48 1.00 -3.46
CA VAL A 49 -0.88 1.09 -2.87
C VAL A 49 -0.82 0.88 -1.35
N HIS A 50 -1.69 1.53 -0.61
CA HIS A 50 -1.67 1.37 0.89
C HIS A 50 -1.86 -0.10 1.26
N ALA A 51 -1.50 -0.46 2.46
CA ALA A 51 -1.66 -1.89 2.89
C ALA A 51 -2.98 -2.08 3.64
N GLN A 52 -3.23 -1.26 4.63
CA GLN A 52 -4.50 -1.40 5.41
C GLN A 52 -5.71 -1.26 4.47
N CYS A 53 -5.57 -0.55 3.38
CA CYS A 53 -6.69 -0.38 2.43
C CYS A 53 -7.14 -1.75 1.91
N MET A 54 -6.25 -2.70 1.87
CA MET A 54 -6.60 -4.06 1.37
C MET A 54 -7.44 -4.80 2.41
N ASP A 55 -6.81 -5.29 3.44
CA ASP A 55 -7.55 -6.03 4.51
C ASP A 55 -6.56 -6.47 5.60
N LEU A 56 -5.38 -6.86 5.21
CA LEU A 56 -4.36 -7.31 6.21
C LEU A 56 -4.06 -6.18 7.20
N GLU A 57 -3.26 -6.45 8.21
CA GLU A 57 -2.93 -5.39 9.21
C GLU A 57 -1.41 -5.27 9.36
N GLU A 58 -0.96 -4.74 10.47
CA GLU A 58 0.52 -4.60 10.67
C GLU A 58 1.20 -5.97 10.67
N ARG A 59 0.67 -6.92 11.40
CA ARG A 59 1.29 -8.27 11.43
C ARG A 59 1.35 -8.86 10.02
N THR A 60 0.21 -9.15 9.44
CA THR A 60 0.20 -9.72 8.06
C THR A 60 1.12 -8.89 7.15
N LEU A 61 1.15 -7.59 7.34
CA LEU A 61 2.04 -6.74 6.51
C LEU A 61 3.50 -7.12 6.77
N ILE A 62 3.84 -7.37 8.02
CA ILE A 62 5.23 -7.77 8.35
C ILE A 62 5.51 -9.13 7.71
N HIS A 63 4.62 -10.06 7.92
CA HIS A 63 4.80 -11.41 7.34
C HIS A 63 4.92 -11.29 5.82
N LEU A 64 4.05 -10.53 5.22
CA LEU A 64 4.11 -10.37 3.73
C LEU A 64 5.39 -9.65 3.32
N SER A 65 6.09 -9.05 4.26
CA SER A 65 7.35 -8.34 3.91
C SER A 65 8.56 -9.28 4.05
N GLU A 66 8.32 -10.51 4.44
CA GLU A 66 9.46 -11.46 4.60
C GLU A 66 10.09 -11.77 3.24
N GLY A 67 9.32 -11.65 2.18
CA GLY A 67 9.89 -11.93 0.82
C GLY A 67 9.62 -13.40 0.45
N SER A 68 8.54 -13.95 0.94
CA SER A 68 8.22 -15.37 0.62
C SER A 68 6.78 -15.49 0.12
N ASN A 69 6.28 -14.47 -0.54
CA ASN A 69 4.88 -14.52 -1.04
C ASN A 69 4.67 -13.45 -2.12
N LYS A 70 4.19 -13.83 -3.26
CA LYS A 70 3.97 -12.83 -4.35
C LYS A 70 2.91 -11.81 -3.92
N TYR A 71 3.31 -10.80 -3.21
CA TYR A 71 2.34 -9.76 -2.75
C TYR A 71 1.57 -9.19 -3.94
N TYR A 72 0.26 -9.23 -3.88
CA TYR A 72 -0.56 -8.70 -5.02
C TYR A 72 -1.61 -7.71 -4.49
N CYS A 73 -1.78 -6.60 -5.15
CA CYS A 73 -2.79 -5.61 -4.70
C CYS A 73 -4.19 -6.24 -4.71
N ASN A 74 -5.22 -5.45 -4.64
CA ASN A 74 -6.61 -6.01 -4.64
C ASN A 74 -7.15 -6.10 -6.08
N GLU A 75 -6.83 -5.14 -6.90
CA GLU A 75 -7.33 -5.16 -8.31
C GLU A 75 -6.52 -6.13 -9.18
N HIS A 76 -5.56 -6.82 -8.61
CA HIS A 76 -4.75 -7.77 -9.42
C HIS A 76 -4.58 -9.10 -8.68
N VAL A 77 -5.53 -9.44 -7.84
CA VAL A 77 -5.43 -10.72 -7.09
C VAL A 77 -6.14 -11.84 -7.85
N GLN A 78 -7.14 -11.49 -8.61
CA GLN A 78 -7.90 -12.51 -9.38
C GLN A 78 -7.95 -12.13 -10.86
N ILE A 79 -6.81 -12.08 -11.51
CA ILE A 79 -6.80 -11.70 -12.96
C ILE A 79 -6.05 -12.77 -13.77
N ALA A 80 -6.41 -12.95 -15.01
CA ALA A 80 -5.72 -13.97 -15.85
C ALA A 80 -5.37 -13.38 -17.22
N ARG A 81 -5.08 -12.11 -17.27
CA ARG A 81 -4.73 -11.47 -18.57
C ARG A 81 -4.16 -10.07 -18.35
N ALA A 82 -3.24 -9.65 -19.17
CA ALA A 82 -2.63 -8.29 -19.01
C ALA A 82 -2.14 -8.09 -17.57
N GLY A 1 16.42 3.64 -15.40
CA GLY A 1 15.91 4.75 -14.54
C GLY A 1 15.77 6.03 -15.37
N PRO A 2 14.69 6.10 -16.11
CA PRO A 2 14.44 7.29 -16.95
C PRO A 2 14.03 8.49 -16.09
N LEU A 3 13.19 8.26 -15.12
CA LEU A 3 12.76 9.39 -14.24
C LEU A 3 12.24 8.84 -12.90
N GLY A 4 12.24 9.66 -11.88
CA GLY A 4 11.75 9.20 -10.55
C GLY A 4 11.68 10.39 -9.59
N SER A 5 12.42 10.32 -8.50
CA SER A 5 12.40 11.45 -7.52
C SER A 5 10.97 11.79 -7.11
N PRO A 6 10.33 10.85 -6.46
CA PRO A 6 8.93 11.07 -6.01
C PRO A 6 8.89 12.03 -4.81
N GLU A 7 9.63 11.72 -3.77
CA GLU A 7 9.65 12.60 -2.56
C GLU A 7 8.22 12.82 -2.03
N PHE A 8 7.52 13.80 -2.53
CA PHE A 8 6.13 14.05 -2.04
C PHE A 8 5.13 13.18 -2.83
N GLY A 9 4.76 12.05 -2.29
CA GLY A 9 3.79 11.16 -3.01
C GLY A 9 3.29 10.08 -2.06
N TYR A 10 2.08 10.21 -1.58
CA TYR A 10 1.52 9.19 -0.65
C TYR A 10 0.02 9.44 -0.44
N TRP A 11 -0.36 10.67 -0.30
CA TRP A 11 -1.80 11.00 -0.10
C TRP A 11 -2.52 10.96 -1.45
N ILE A 12 -2.49 9.83 -2.11
CA ILE A 12 -3.14 9.74 -3.45
C ILE A 12 -4.09 8.53 -3.52
N THR A 13 -4.32 8.02 -4.70
CA THR A 13 -5.23 6.85 -4.85
C THR A 13 -4.42 5.55 -4.77
N CYS A 14 -5.09 4.42 -4.81
CA CYS A 14 -4.37 3.12 -4.74
C CYS A 14 -5.30 1.97 -5.17
N CYS A 15 -6.59 2.11 -4.95
CA CYS A 15 -7.54 1.03 -5.34
C CYS A 15 -8.84 1.68 -5.85
N PRO A 16 -9.84 0.87 -6.09
CA PRO A 16 -11.14 1.40 -6.59
C PRO A 16 -11.93 2.02 -5.43
N THR A 17 -11.57 1.71 -4.23
CA THR A 17 -12.29 2.29 -3.05
C THR A 17 -11.27 2.82 -2.04
N CYS A 18 -10.33 3.61 -2.50
CA CYS A 18 -9.30 4.17 -1.58
C CYS A 18 -9.85 5.33 -0.77
N ASP A 19 -9.45 5.44 0.48
CA ASP A 19 -9.94 6.55 1.34
C ASP A 19 -8.80 7.03 2.26
N VAL A 20 -7.57 6.84 1.85
CA VAL A 20 -6.42 7.29 2.68
C VAL A 20 -6.28 8.81 2.62
N ASP A 21 -6.27 9.45 3.76
CA ASP A 21 -6.13 10.93 3.79
C ASP A 21 -5.72 11.38 5.20
N ILE A 22 -4.64 12.09 5.32
CA ILE A 22 -4.19 12.55 6.67
C ILE A 22 -5.33 13.27 7.40
N ASN A 23 -6.22 13.87 6.67
CA ASN A 23 -7.37 14.57 7.33
C ASN A 23 -8.08 13.62 8.29
N THR A 24 -8.00 12.34 8.02
CA THR A 24 -8.66 11.33 8.91
C THR A 24 -7.79 10.07 8.99
N TRP A 25 -6.54 10.16 8.62
CA TRP A 25 -5.65 8.97 8.68
C TRP A 25 -4.65 9.10 9.84
N VAL A 26 -4.02 8.01 10.19
CA VAL A 26 -3.02 8.05 11.31
C VAL A 26 -2.01 6.90 11.14
N PRO A 27 -0.91 6.99 11.85
CA PRO A 27 0.13 5.94 11.78
C PRO A 27 -0.36 4.66 12.45
N PHE A 28 -0.37 3.56 11.74
CA PHE A 28 -0.86 2.28 12.34
C PHE A 28 0.25 1.22 12.32
N TYR A 29 1.18 1.33 11.40
CA TYR A 29 2.27 0.31 11.34
C TYR A 29 3.39 0.68 12.32
N SER A 30 4.46 -0.08 12.34
CA SER A 30 5.57 0.23 13.28
C SER A 30 6.64 1.08 12.59
N THR A 31 7.24 0.56 11.55
CA THR A 31 8.29 1.34 10.83
C THR A 31 7.69 2.61 10.22
N GLU A 32 6.40 2.61 9.98
CA GLU A 32 5.76 3.82 9.39
C GLU A 32 5.93 5.03 10.33
N LEU A 33 5.86 6.22 9.79
CA LEU A 33 6.01 7.43 10.65
C LEU A 33 5.15 8.58 10.11
N ASN A 34 3.97 8.74 10.62
CA ASN A 34 3.07 9.84 10.15
C ASN A 34 2.91 9.78 8.62
N LYS A 35 2.60 8.63 8.09
CA LYS A 35 2.42 8.52 6.61
C LYS A 35 1.91 7.11 6.25
N PRO A 36 1.13 7.04 5.20
CA PRO A 36 0.59 5.73 4.75
C PRO A 36 1.69 4.82 4.21
N ALA A 37 1.56 3.54 4.41
CA ALA A 37 2.60 2.60 3.89
C ALA A 37 2.14 2.01 2.55
N MET A 38 2.79 2.38 1.48
CA MET A 38 2.38 1.86 0.14
C MET A 38 2.99 0.46 -0.09
N ILE A 39 2.35 -0.33 -0.89
CA ILE A 39 2.88 -1.70 -1.18
C ILE A 39 3.13 -1.85 -2.68
N TYR A 40 4.11 -2.63 -3.05
CA TYR A 40 4.44 -2.82 -4.49
C TYR A 40 3.76 -4.11 -5.01
N CYS A 41 2.85 -3.98 -5.93
CA CYS A 41 2.17 -5.19 -6.49
C CYS A 41 3.15 -6.00 -7.33
N SER A 42 3.02 -7.30 -7.33
CA SER A 42 3.96 -8.14 -8.14
C SER A 42 3.24 -8.68 -9.38
N HIS A 43 3.06 -7.86 -10.37
CA HIS A 43 2.36 -8.32 -11.62
C HIS A 43 3.04 -7.71 -12.85
N GLY A 44 2.38 -7.73 -13.97
CA GLY A 44 2.97 -7.14 -15.20
C GLY A 44 3.26 -5.65 -14.98
N ASP A 45 2.45 -5.00 -14.19
CA ASP A 45 2.67 -3.55 -13.92
C ASP A 45 2.60 -3.30 -12.41
N GLY A 46 3.59 -3.74 -11.68
CA GLY A 46 3.59 -3.52 -10.20
C GLY A 46 3.43 -2.03 -9.90
N HIS A 47 2.57 -1.69 -8.97
CA HIS A 47 2.37 -0.27 -8.61
C HIS A 47 2.46 -0.08 -7.10
N TRP A 48 2.38 1.13 -6.65
CA TRP A 48 2.46 1.41 -5.19
C TRP A 48 1.08 1.81 -4.65
N VAL A 49 0.53 1.04 -3.74
CA VAL A 49 -0.81 1.39 -3.19
C VAL A 49 -0.85 1.16 -1.67
N HIS A 50 -1.61 1.94 -0.96
CA HIS A 50 -1.69 1.77 0.53
C HIS A 50 -1.96 0.31 0.89
N ALA A 51 -1.48 -0.12 2.02
CA ALA A 51 -1.71 -1.55 2.44
C ALA A 51 -3.04 -1.67 3.20
N GLN A 52 -3.28 -0.78 4.13
CA GLN A 52 -4.56 -0.84 4.90
C GLN A 52 -5.75 -0.73 3.95
N CYS A 53 -5.61 -0.02 2.86
CA CYS A 53 -6.74 0.12 1.90
C CYS A 53 -7.14 -1.26 1.37
N MET A 54 -6.26 -2.22 1.46
CA MET A 54 -6.59 -3.59 0.96
C MET A 54 -7.10 -4.47 2.11
N ASP A 55 -7.82 -3.89 3.02
CA ASP A 55 -8.37 -4.68 4.17
C ASP A 55 -7.25 -5.48 4.86
N LEU A 56 -6.06 -4.94 4.90
CA LEU A 56 -4.93 -5.66 5.55
C LEU A 56 -4.72 -5.14 6.98
N GLU A 57 -3.87 -5.76 7.74
CA GLU A 57 -3.63 -5.31 9.13
C GLU A 57 -2.14 -4.96 9.32
N GLU A 58 -1.69 -4.90 10.55
CA GLU A 58 -0.26 -4.58 10.80
C GLU A 58 0.59 -5.84 10.74
N ARG A 59 0.15 -6.90 11.38
CA ARG A 59 0.94 -8.17 11.37
C ARG A 59 1.08 -8.68 9.94
N THR A 60 -0.02 -8.97 9.28
CA THR A 60 0.04 -9.47 7.88
C THR A 60 0.98 -8.60 7.05
N LEU A 61 0.93 -7.31 7.22
CA LEU A 61 1.84 -6.41 6.44
C LEU A 61 3.28 -6.71 6.83
N ILE A 62 3.53 -7.00 8.07
CA ILE A 62 4.92 -7.34 8.50
C ILE A 62 5.33 -8.65 7.85
N HIS A 63 4.49 -9.64 7.98
CA HIS A 63 4.78 -10.97 7.36
C HIS A 63 5.01 -10.79 5.87
N LEU A 64 4.09 -10.14 5.20
CA LEU A 64 4.24 -9.92 3.74
C LEU A 64 5.43 -8.98 3.46
N SER A 65 5.94 -8.33 4.47
CA SER A 65 7.10 -7.41 4.26
C SER A 65 8.42 -8.16 4.48
N GLU A 66 8.36 -9.42 4.84
CA GLU A 66 9.60 -10.19 5.07
C GLU A 66 10.35 -10.39 3.75
N GLY A 67 9.67 -10.32 2.65
CA GLY A 67 10.34 -10.51 1.33
C GLY A 67 10.03 -11.90 0.79
N SER A 68 10.35 -12.15 -0.47
CA SER A 68 10.07 -13.49 -1.06
C SER A 68 8.60 -13.87 -0.87
N ASN A 69 7.72 -12.91 -0.95
CA ASN A 69 6.26 -13.22 -0.77
C ASN A 69 5.47 -12.76 -2.00
N LYS A 70 4.46 -13.50 -2.37
CA LYS A 70 3.65 -13.11 -3.55
C LYS A 70 2.63 -12.02 -3.17
N TYR A 71 3.10 -10.87 -2.79
CA TYR A 71 2.17 -9.77 -2.41
C TYR A 71 1.30 -9.37 -3.60
N TYR A 72 0.02 -9.20 -3.38
CA TYR A 72 -0.89 -8.81 -4.50
C TYR A 72 -1.87 -7.74 -4.04
N CYS A 73 -2.05 -6.71 -4.83
CA CYS A 73 -3.00 -5.63 -4.44
C CYS A 73 -4.43 -6.19 -4.37
N ASN A 74 -5.42 -5.33 -4.36
CA ASN A 74 -6.82 -5.83 -4.28
C ASN A 74 -7.39 -6.08 -5.69
N GLU A 75 -7.04 -5.28 -6.64
CA GLU A 75 -7.58 -5.47 -8.03
C GLU A 75 -6.77 -6.51 -8.81
N HIS A 76 -5.82 -7.15 -8.20
CA HIS A 76 -5.02 -8.17 -8.94
C HIS A 76 -4.92 -9.48 -8.16
N VAL A 77 -4.98 -9.42 -6.85
CA VAL A 77 -4.90 -10.67 -6.05
C VAL A 77 -6.07 -11.60 -6.38
N GLN A 78 -7.19 -11.03 -6.69
CA GLN A 78 -8.39 -11.85 -7.03
C GLN A 78 -8.50 -12.03 -8.54
N ILE A 79 -7.43 -12.45 -9.18
CA ILE A 79 -7.47 -12.65 -10.66
C ILE A 79 -7.51 -14.14 -10.99
N ALA A 80 -8.10 -14.94 -10.13
CA ALA A 80 -8.18 -16.40 -10.40
C ALA A 80 -9.25 -17.05 -9.51
N ARG A 81 -9.30 -18.35 -9.47
CA ARG A 81 -10.32 -19.05 -8.63
C ARG A 81 -9.66 -19.58 -7.35
N ALA A 82 -10.32 -19.45 -6.23
CA ALA A 82 -9.75 -19.94 -4.95
C ALA A 82 -8.33 -19.39 -4.74
N GLY A 1 -1.67 20.48 9.27
CA GLY A 1 -2.09 21.70 10.00
C GLY A 1 -1.32 22.91 9.45
N PRO A 2 -0.11 23.08 9.93
CA PRO A 2 0.74 24.21 9.48
C PRO A 2 1.25 23.98 8.05
N LEU A 3 1.32 22.73 7.64
CA LEU A 3 1.80 22.43 6.26
C LEU A 3 3.16 23.09 6.01
N GLY A 4 3.65 23.03 4.80
CA GLY A 4 4.98 23.64 4.49
C GLY A 4 5.90 22.58 3.88
N SER A 5 5.43 21.85 2.91
CA SER A 5 6.28 20.81 2.27
C SER A 5 5.74 20.45 0.88
N PRO A 6 6.57 20.61 -0.12
CA PRO A 6 6.13 20.30 -1.51
C PRO A 6 6.04 18.78 -1.71
N GLU A 7 5.99 18.34 -2.94
CA GLU A 7 5.90 16.86 -3.20
C GLU A 7 4.68 16.27 -2.48
N PHE A 8 4.48 14.98 -2.60
CA PHE A 8 3.33 14.34 -1.92
C PHE A 8 3.74 12.99 -1.33
N GLY A 9 3.28 12.69 -0.14
CA GLY A 9 3.65 11.38 0.49
C GLY A 9 2.82 10.26 -0.14
N TYR A 10 2.16 9.47 0.68
CA TYR A 10 1.34 8.36 0.14
C TYR A 10 -0.14 8.76 0.12
N TRP A 11 -0.42 10.02 0.02
CA TRP A 11 -1.84 10.49 0.00
C TRP A 11 -2.40 10.34 -1.42
N ILE A 12 -2.37 9.16 -1.98
CA ILE A 12 -2.88 8.97 -3.37
C ILE A 12 -4.02 7.94 -3.40
N THR A 13 -4.30 7.40 -4.57
CA THR A 13 -5.38 6.38 -4.68
C THR A 13 -4.78 5.00 -4.93
N CYS A 14 -4.73 4.18 -3.91
CA CYS A 14 -4.17 2.80 -4.06
C CYS A 14 -5.15 1.91 -4.84
N CYS A 15 -6.34 2.38 -5.10
CA CYS A 15 -7.33 1.56 -5.85
C CYS A 15 -8.29 2.48 -6.61
N PRO A 16 -9.30 1.91 -7.21
CA PRO A 16 -10.27 2.73 -7.98
C PRO A 16 -11.26 3.42 -7.03
N THR A 17 -11.26 3.05 -5.78
CA THR A 17 -12.18 3.69 -4.80
C THR A 17 -11.46 3.92 -3.47
N CYS A 18 -10.33 4.58 -3.52
CA CYS A 18 -9.56 4.84 -2.27
C CYS A 18 -9.73 6.29 -1.82
N ASP A 19 -9.46 6.56 -0.56
CA ASP A 19 -9.60 7.95 -0.05
C ASP A 19 -8.62 8.18 1.11
N VAL A 20 -7.46 7.56 1.03
CA VAL A 20 -6.46 7.73 2.12
C VAL A 20 -5.93 9.17 2.16
N ASP A 21 -6.14 9.84 3.25
CA ASP A 21 -5.66 11.25 3.37
C ASP A 21 -5.41 11.59 4.84
N ILE A 22 -4.34 12.28 5.14
CA ILE A 22 -4.05 12.63 6.56
C ILE A 22 -5.25 13.34 7.19
N ASN A 23 -6.00 14.08 6.41
CA ASN A 23 -7.19 14.78 6.97
C ASN A 23 -8.09 13.77 7.70
N THR A 24 -8.04 12.54 7.30
CA THR A 24 -8.88 11.50 7.96
C THR A 24 -8.03 10.24 8.24
N TRP A 25 -6.74 10.33 8.07
CA TRP A 25 -5.87 9.14 8.32
C TRP A 25 -5.04 9.35 9.60
N VAL A 26 -4.43 8.30 10.08
CA VAL A 26 -3.59 8.43 11.32
C VAL A 26 -2.51 7.34 11.33
N PRO A 27 -1.52 7.53 12.15
CA PRO A 27 -0.42 6.54 12.24
C PRO A 27 -0.90 5.28 12.97
N PHE A 28 -1.06 4.20 12.26
CA PHE A 28 -1.54 2.94 12.91
C PHE A 28 -0.41 1.91 12.98
N TYR A 29 0.53 2.00 12.08
CA TYR A 29 1.66 1.02 12.09
C TYR A 29 2.80 1.53 12.98
N SER A 30 3.68 0.66 13.39
CA SER A 30 4.82 1.09 14.27
C SER A 30 6.00 1.56 13.41
N THR A 31 6.14 1.01 12.24
CA THR A 31 7.27 1.41 11.35
C THR A 31 6.91 2.67 10.56
N GLU A 32 5.74 3.22 10.78
CA GLU A 32 5.35 4.45 10.04
C GLU A 32 5.11 5.61 11.02
N LEU A 33 5.89 6.65 10.90
CA LEU A 33 5.71 7.81 11.82
C LEU A 33 4.35 8.47 11.60
N ASN A 34 3.98 8.69 10.37
CA ASN A 34 2.66 9.32 10.09
C ASN A 34 2.25 9.09 8.63
N LYS A 35 2.34 7.87 8.17
CA LYS A 35 1.96 7.58 6.75
C LYS A 35 1.52 6.11 6.61
N PRO A 36 0.68 5.86 5.65
CA PRO A 36 0.18 4.48 5.40
C PRO A 36 1.29 3.58 4.89
N ALA A 37 1.32 2.35 5.34
CA ALA A 37 2.39 1.41 4.87
C ALA A 37 2.04 0.89 3.48
N MET A 38 2.43 1.59 2.46
CA MET A 38 2.12 1.15 1.07
C MET A 38 2.69 -0.24 0.80
N ILE A 39 2.26 -0.88 -0.25
CA ILE A 39 2.78 -2.24 -0.60
C ILE A 39 3.03 -2.33 -2.10
N TYR A 40 3.68 -3.38 -2.52
CA TYR A 40 3.98 -3.53 -3.97
C TYR A 40 3.11 -4.62 -4.60
N CYS A 41 2.49 -4.32 -5.72
CA CYS A 41 1.63 -5.35 -6.40
C CYS A 41 2.44 -6.07 -7.48
N SER A 42 2.29 -7.36 -7.60
CA SER A 42 3.05 -8.12 -8.63
C SER A 42 2.37 -7.97 -10.00
N HIS A 43 1.81 -9.02 -10.54
CA HIS A 43 1.14 -8.92 -11.87
C HIS A 43 2.05 -8.23 -12.88
N GLY A 44 1.49 -7.72 -13.95
CA GLY A 44 2.32 -7.04 -14.98
C GLY A 44 2.56 -5.59 -14.55
N ASP A 45 1.52 -4.87 -14.23
CA ASP A 45 1.68 -3.46 -13.80
C ASP A 45 1.93 -3.40 -12.29
N GLY A 46 3.17 -3.50 -11.88
CA GLY A 46 3.48 -3.46 -10.43
C GLY A 46 3.43 -2.01 -9.93
N HIS A 47 2.54 -1.73 -9.02
CA HIS A 47 2.45 -0.35 -8.47
C HIS A 47 2.43 -0.36 -6.95
N TRP A 48 2.41 0.80 -6.37
CA TRP A 48 2.41 0.91 -4.88
C TRP A 48 1.01 1.25 -4.37
N VAL A 49 0.55 0.57 -3.34
CA VAL A 49 -0.82 0.87 -2.80
C VAL A 49 -0.86 0.63 -1.28
N HIS A 50 -1.65 1.39 -0.57
CA HIS A 50 -1.73 1.21 0.92
C HIS A 50 -1.95 -0.26 1.28
N ALA A 51 -1.77 -0.60 2.53
CA ALA A 51 -1.97 -2.02 2.96
C ALA A 51 -3.35 -2.21 3.59
N GLN A 52 -3.65 -1.44 4.60
CA GLN A 52 -4.98 -1.57 5.26
C GLN A 52 -6.10 -1.35 4.25
N CYS A 53 -5.85 -0.60 3.21
CA CYS A 53 -6.91 -0.36 2.18
C CYS A 53 -7.37 -1.69 1.58
N MET A 54 -6.53 -2.70 1.63
CA MET A 54 -6.91 -4.03 1.06
C MET A 54 -7.28 -4.99 2.19
N ASP A 55 -6.30 -5.56 2.84
CA ASP A 55 -6.57 -6.51 3.96
C ASP A 55 -5.25 -7.02 4.54
N LEU A 56 -4.50 -6.16 5.19
CA LEU A 56 -3.21 -6.60 5.79
C LEU A 56 -3.11 -6.14 7.24
N GLU A 57 -2.20 -6.72 7.99
CA GLU A 57 -2.05 -6.32 9.42
C GLU A 57 -0.65 -5.74 9.65
N GLU A 58 -0.43 -5.14 10.79
CA GLU A 58 0.92 -4.57 11.07
C GLU A 58 2.00 -5.65 10.99
N ARG A 59 1.63 -6.88 11.20
CA ARG A 59 2.64 -7.99 11.12
C ARG A 59 2.79 -8.46 9.67
N THR A 60 1.73 -8.94 9.08
CA THR A 60 1.81 -9.43 7.67
C THR A 60 2.53 -8.40 6.79
N LEU A 61 2.38 -7.14 7.08
CA LEU A 61 3.08 -6.10 6.27
C LEU A 61 4.58 -6.25 6.48
N ILE A 62 4.99 -6.47 7.70
CA ILE A 62 6.45 -6.65 7.97
C ILE A 62 6.90 -7.96 7.33
N HIS A 63 6.10 -8.98 7.51
CA HIS A 63 6.42 -10.30 6.92
C HIS A 63 6.56 -10.15 5.41
N LEU A 64 5.62 -9.46 4.81
CA LEU A 64 5.66 -9.24 3.34
C LEU A 64 6.96 -8.55 2.92
N SER A 65 7.64 -7.92 3.84
CA SER A 65 8.91 -7.23 3.49
C SER A 65 10.12 -8.14 3.75
N GLU A 66 9.94 -9.20 4.50
CA GLU A 66 11.09 -10.11 4.78
C GLU A 66 10.83 -11.50 4.22
N GLY A 67 9.59 -11.89 4.10
CA GLY A 67 9.27 -13.25 3.57
C GLY A 67 8.85 -13.13 2.10
N SER A 68 8.11 -14.09 1.61
CA SER A 68 7.66 -14.05 0.19
C SER A 68 6.86 -12.77 -0.07
N ASN A 69 7.19 -12.04 -1.10
CA ASN A 69 6.44 -10.78 -1.40
C ASN A 69 5.46 -11.02 -2.57
N LYS A 70 4.98 -12.22 -2.71
CA LYS A 70 4.01 -12.51 -3.82
C LYS A 70 2.61 -12.05 -3.43
N TYR A 71 2.45 -10.78 -3.15
CA TYR A 71 1.10 -10.26 -2.76
C TYR A 71 0.47 -9.49 -3.92
N TYR A 72 -0.82 -9.55 -4.04
CA TYR A 72 -1.51 -8.82 -5.15
C TYR A 72 -2.45 -7.76 -4.57
N CYS A 73 -2.49 -6.60 -5.16
CA CYS A 73 -3.38 -5.52 -4.65
C CYS A 73 -4.84 -5.98 -4.68
N ASN A 74 -5.78 -5.07 -4.56
CA ASN A 74 -7.22 -5.47 -4.59
C ASN A 74 -7.76 -5.45 -6.01
N GLU A 75 -7.34 -4.51 -6.81
CA GLU A 75 -7.84 -4.42 -8.22
C GLU A 75 -7.15 -5.46 -9.12
N HIS A 76 -6.28 -6.26 -8.58
CA HIS A 76 -5.59 -7.29 -9.42
C HIS A 76 -5.62 -8.66 -8.73
N VAL A 77 -6.58 -8.90 -7.89
CA VAL A 77 -6.67 -10.21 -7.20
C VAL A 77 -7.30 -11.26 -8.11
N GLN A 78 -8.15 -10.84 -8.98
CA GLN A 78 -8.81 -11.78 -9.92
C GLN A 78 -9.14 -11.09 -11.25
N ILE A 79 -8.14 -10.65 -11.96
CA ILE A 79 -8.39 -9.96 -13.26
C ILE A 79 -9.10 -10.90 -14.24
N ALA A 80 -10.24 -10.52 -14.72
CA ALA A 80 -10.99 -11.39 -15.67
C ALA A 80 -11.90 -10.56 -16.57
N ARG A 81 -11.48 -9.37 -16.91
CA ARG A 81 -12.31 -8.50 -17.78
C ARG A 81 -11.49 -7.98 -18.96
N ALA A 82 -10.29 -7.53 -18.70
CA ALA A 82 -9.43 -7.01 -19.82
C ALA A 82 -10.18 -5.95 -20.63
N GLY A 1 20.24 7.21 5.05
CA GLY A 1 20.42 5.81 4.57
C GLY A 1 20.39 5.79 3.05
N PRO A 2 20.72 4.65 2.48
CA PRO A 2 20.72 4.51 1.01
C PRO A 2 19.28 4.45 0.48
N LEU A 3 19.02 5.07 -0.64
CA LEU A 3 17.65 5.05 -1.22
C LEU A 3 16.62 5.53 -0.18
N GLY A 4 15.36 5.21 -0.38
CA GLY A 4 14.33 5.64 0.60
C GLY A 4 12.98 5.75 -0.11
N SER A 5 12.11 6.60 0.37
CA SER A 5 10.78 6.77 -0.27
C SER A 5 10.71 8.11 -1.00
N PRO A 6 9.92 8.15 -2.05
CA PRO A 6 9.77 9.40 -2.83
C PRO A 6 8.92 10.42 -2.06
N GLU A 7 8.99 11.67 -2.43
CA GLU A 7 8.18 12.70 -1.73
C GLU A 7 6.87 12.96 -2.47
N PHE A 8 5.87 13.47 -1.78
CA PHE A 8 4.56 13.74 -2.44
C PHE A 8 4.05 12.49 -3.17
N GLY A 9 4.02 11.38 -2.49
CA GLY A 9 3.54 10.12 -3.14
C GLY A 9 2.97 9.17 -2.08
N TYR A 10 1.76 9.40 -1.65
CA TYR A 10 1.15 8.52 -0.62
C TYR A 10 -0.35 8.80 -0.49
N TRP A 11 -0.73 10.04 -0.51
CA TRP A 11 -2.18 10.38 -0.41
C TRP A 11 -2.86 10.19 -1.77
N ILE A 12 -2.77 8.99 -2.31
CA ILE A 12 -3.39 8.72 -3.64
C ILE A 12 -4.45 7.62 -3.52
N THR A 13 -4.77 6.99 -4.62
CA THR A 13 -5.79 5.91 -4.59
C THR A 13 -5.13 4.54 -4.79
N CYS A 14 -4.85 3.85 -3.73
CA CYS A 14 -4.22 2.50 -3.85
C CYS A 14 -5.19 1.52 -4.53
N CYS A 15 -6.44 1.88 -4.64
CA CYS A 15 -7.43 0.99 -5.30
C CYS A 15 -8.27 1.82 -6.28
N PRO A 16 -9.29 1.20 -6.84
CA PRO A 16 -10.16 1.92 -7.80
C PRO A 16 -11.14 2.83 -7.06
N THR A 17 -11.19 2.72 -5.76
CA THR A 17 -12.11 3.59 -4.96
C THR A 17 -11.49 3.84 -3.59
N CYS A 18 -10.26 4.30 -3.56
CA CYS A 18 -9.58 4.56 -2.26
C CYS A 18 -9.59 6.06 -1.95
N ASP A 19 -9.59 6.41 -0.70
CA ASP A 19 -9.60 7.84 -0.31
C ASP A 19 -8.65 8.05 0.88
N VAL A 20 -7.48 7.46 0.83
CA VAL A 20 -6.50 7.62 1.94
C VAL A 20 -6.00 9.06 2.01
N ASP A 21 -6.42 9.78 3.01
CA ASP A 21 -5.96 11.20 3.16
C ASP A 21 -5.67 11.49 4.63
N ILE A 22 -4.63 12.24 4.90
CA ILE A 22 -4.29 12.55 6.33
C ILE A 22 -5.48 13.25 7.01
N ASN A 23 -6.33 13.88 6.25
CA ASN A 23 -7.50 14.57 6.88
C ASN A 23 -8.26 13.59 7.79
N THR A 24 -8.17 12.33 7.50
CA THR A 24 -8.87 11.31 8.34
C THR A 24 -7.99 10.06 8.51
N TRP A 25 -6.71 10.19 8.23
CA TRP A 25 -5.81 9.01 8.37
C TRP A 25 -4.82 9.23 9.52
N VAL A 26 -4.17 8.18 9.96
CA VAL A 26 -3.17 8.31 11.06
C VAL A 26 -2.16 7.18 10.97
N PRO A 27 -1.04 7.35 11.64
CA PRO A 27 0.02 6.32 11.63
C PRO A 27 -0.42 5.10 12.46
N PHE A 28 -0.84 4.05 11.81
CA PHE A 28 -1.29 2.84 12.55
C PHE A 28 -0.13 1.86 12.71
N TYR A 29 0.86 1.94 11.85
CA TYR A 29 2.02 1.01 11.94
C TYR A 29 3.07 1.56 12.90
N SER A 30 4.00 0.74 13.33
CA SER A 30 5.05 1.23 14.27
C SER A 30 6.26 1.75 13.48
N THR A 31 6.48 1.24 12.31
CA THR A 31 7.65 1.71 11.51
C THR A 31 7.22 2.81 10.53
N GLU A 32 6.13 3.47 10.81
CA GLU A 32 5.65 4.56 9.90
C GLU A 32 5.34 5.82 10.71
N LEU A 33 5.75 6.97 10.21
CA LEU A 33 5.49 8.23 10.96
C LEU A 33 4.66 9.18 10.09
N ASN A 34 3.42 9.41 10.46
CA ASN A 34 2.55 10.33 9.67
C ASN A 34 2.55 9.94 8.19
N LYS A 35 2.46 8.67 7.90
CA LYS A 35 2.46 8.23 6.47
C LYS A 35 2.07 6.74 6.37
N PRO A 36 1.25 6.43 5.39
CA PRO A 36 0.80 5.03 5.19
C PRO A 36 1.95 4.18 4.63
N ALA A 37 2.04 2.95 5.06
CA ALA A 37 3.12 2.05 4.56
C ALA A 37 2.64 1.29 3.32
N MET A 38 2.58 1.96 2.20
CA MET A 38 2.10 1.29 0.95
C MET A 38 2.98 0.07 0.63
N ILE A 39 2.38 -0.99 0.18
CA ILE A 39 3.16 -2.21 -0.17
C ILE A 39 3.33 -2.32 -1.69
N TYR A 40 4.09 -3.26 -2.15
CA TYR A 40 4.30 -3.42 -3.62
C TYR A 40 3.25 -4.37 -4.20
N CYS A 41 2.83 -4.12 -5.42
CA CYS A 41 1.81 -5.01 -6.06
C CYS A 41 2.49 -5.98 -7.04
N SER A 42 1.93 -7.14 -7.23
CA SER A 42 2.55 -8.12 -8.17
C SER A 42 1.87 -8.03 -9.54
N HIS A 43 1.74 -6.85 -10.08
CA HIS A 43 1.10 -6.70 -11.42
C HIS A 43 2.17 -6.47 -12.49
N GLY A 44 1.76 -6.22 -13.71
CA GLY A 44 2.74 -5.99 -14.81
C GLY A 44 3.67 -4.82 -14.43
N ASP A 45 3.18 -3.61 -14.57
CA ASP A 45 4.02 -2.43 -14.21
C ASP A 45 4.41 -2.49 -12.73
N GLY A 46 3.57 -3.06 -11.93
CA GLY A 46 3.87 -3.16 -10.46
C GLY A 46 3.83 -1.77 -9.83
N HIS A 47 2.87 -1.54 -8.98
CA HIS A 47 2.76 -0.20 -8.33
C HIS A 47 2.64 -0.37 -6.81
N TRP A 48 2.59 0.73 -6.11
CA TRP A 48 2.49 0.68 -4.63
C TRP A 48 1.08 1.04 -4.16
N VAL A 49 0.64 0.43 -3.08
CA VAL A 49 -0.73 0.74 -2.55
C VAL A 49 -0.76 0.56 -1.03
N HIS A 50 -1.54 1.35 -0.34
CA HIS A 50 -1.62 1.24 1.16
C HIS A 50 -1.84 -0.21 1.58
N ALA A 51 -1.48 -0.55 2.79
CA ALA A 51 -1.67 -1.95 3.27
C ALA A 51 -3.02 -2.08 3.98
N GLN A 52 -3.27 -1.24 4.95
CA GLN A 52 -4.58 -1.31 5.68
C GLN A 52 -5.75 -1.23 4.70
N CYS A 53 -5.56 -0.57 3.59
CA CYS A 53 -6.65 -0.46 2.59
C CYS A 53 -7.04 -1.86 2.07
N MET A 54 -6.10 -2.77 2.09
CA MET A 54 -6.41 -4.15 1.61
C MET A 54 -6.76 -5.06 2.78
N ASP A 55 -7.34 -4.51 3.82
CA ASP A 55 -7.70 -5.34 5.01
C ASP A 55 -6.49 -6.11 5.53
N LEU A 56 -5.42 -5.42 5.82
CA LEU A 56 -4.20 -6.11 6.33
C LEU A 56 -3.96 -5.76 7.80
N GLU A 57 -2.98 -6.36 8.42
CA GLU A 57 -2.70 -6.05 9.85
C GLU A 57 -1.23 -5.66 10.02
N GLU A 58 -0.86 -5.20 11.18
CA GLU A 58 0.56 -4.79 11.41
C GLU A 58 1.48 -6.02 11.25
N ARG A 59 1.01 -7.18 11.60
CA ARG A 59 1.86 -8.40 11.46
C ARG A 59 2.00 -8.77 9.99
N THR A 60 0.91 -8.91 9.28
CA THR A 60 1.00 -9.27 7.83
C THR A 60 2.01 -8.37 7.11
N LEU A 61 2.07 -7.12 7.48
CA LEU A 61 3.06 -6.20 6.84
C LEU A 61 4.47 -6.65 7.19
N ILE A 62 4.67 -7.09 8.42
CA ILE A 62 6.01 -7.59 8.82
C ILE A 62 6.32 -8.85 8.03
N HIS A 63 5.39 -9.77 8.03
CA HIS A 63 5.59 -11.04 7.29
C HIS A 63 5.86 -10.73 5.82
N LEU A 64 5.08 -9.86 5.25
CA LEU A 64 5.28 -9.50 3.82
C LEU A 64 6.65 -8.83 3.63
N SER A 65 7.25 -8.37 4.69
CA SER A 65 8.58 -7.72 4.57
C SER A 65 9.70 -8.76 4.70
N GLU A 66 9.37 -9.96 5.13
CA GLU A 66 10.42 -11.01 5.27
C GLU A 66 10.95 -11.42 3.89
N GLY A 67 10.15 -11.27 2.87
CA GLY A 67 10.60 -11.65 1.51
C GLY A 67 9.43 -11.53 0.52
N SER A 68 9.71 -11.53 -0.75
CA SER A 68 8.62 -11.42 -1.76
C SER A 68 7.66 -12.61 -1.65
N ASN A 69 6.46 -12.46 -2.12
CA ASN A 69 5.48 -13.59 -2.04
C ASN A 69 4.35 -13.38 -3.06
N LYS A 70 3.52 -14.37 -3.25
CA LYS A 70 2.40 -14.23 -4.23
C LYS A 70 1.35 -13.26 -3.70
N TYR A 71 1.66 -11.99 -3.66
CA TYR A 71 0.67 -10.99 -3.16
C TYR A 71 0.27 -10.01 -4.26
N TYR A 72 -1.00 -9.86 -4.49
CA TYR A 72 -1.46 -8.91 -5.55
C TYR A 72 -2.43 -7.89 -4.96
N CYS A 73 -2.66 -6.80 -5.65
CA CYS A 73 -3.60 -5.77 -5.11
C CYS A 73 -5.02 -6.32 -5.10
N ASN A 74 -5.98 -5.50 -4.78
CA ASN A 74 -7.40 -5.98 -4.74
C ASN A 74 -7.89 -6.23 -6.17
N GLU A 75 -7.96 -5.21 -6.98
CA GLU A 75 -8.44 -5.40 -8.38
C GLU A 75 -7.37 -6.12 -9.21
N HIS A 76 -6.19 -6.31 -8.67
CA HIS A 76 -5.12 -7.01 -9.43
C HIS A 76 -4.96 -8.45 -8.95
N VAL A 77 -5.75 -8.86 -7.99
CA VAL A 77 -5.65 -10.26 -7.47
C VAL A 77 -6.09 -11.24 -8.56
N GLN A 78 -7.00 -10.82 -9.38
CA GLN A 78 -7.50 -11.71 -10.48
C GLN A 78 -7.90 -10.86 -11.69
N ILE A 79 -7.32 -11.15 -12.83
CA ILE A 79 -7.67 -10.36 -14.06
C ILE A 79 -7.66 -11.28 -15.29
N ALA A 80 -8.71 -11.26 -16.06
CA ALA A 80 -8.78 -12.11 -17.27
C ALA A 80 -7.73 -11.66 -18.29
N ARG A 81 -7.43 -12.49 -19.26
CA ARG A 81 -6.41 -12.12 -20.29
C ARG A 81 -7.10 -11.42 -21.46
N ALA A 82 -7.37 -10.14 -21.34
CA ALA A 82 -8.02 -9.40 -22.45
C ALA A 82 -7.94 -7.89 -22.19
#